data_2LJK
#
_entry.id   2LJK
#
_entity_poly.entity_id   1
_entity_poly.type   'polypeptide(L)'
_entity_poly.pdbx_seq_one_letter_code
;GSMSGEPGQTSVAPPPEEVEPGSGVRIVVEYCEPCGFEATYLELASAVKEQYPGIEIESRLGGTGAFEIEINGQLVFSKL
ENGGFPYEKDLIEAIRRASNGETLEKITNSRPPCVIL
;
_entity_poly.pdbx_strand_id   A
#
# COMPACT_ATOMS: atom_id res chain seq x y z
N GLY A 1 3.48 2.32 -23.67
CA GLY A 1 2.22 1.63 -23.46
C GLY A 1 1.13 2.57 -22.97
N SER A 2 -0.04 2.01 -22.66
CA SER A 2 -1.16 2.81 -22.19
C SER A 2 -1.32 2.67 -20.68
N MET A 3 -1.80 3.74 -20.04
CA MET A 3 -2.01 3.74 -18.59
C MET A 3 -3.19 2.84 -18.21
N SER A 4 -4.14 2.70 -19.14
CA SER A 4 -5.32 1.88 -18.89
C SER A 4 -4.94 0.40 -18.84
N GLY A 5 -5.93 -0.44 -18.54
CA GLY A 5 -5.69 -1.88 -18.47
C GLY A 5 -6.35 -2.52 -17.26
N GLU A 6 -7.40 -3.29 -17.51
CA GLU A 6 -8.13 -3.95 -16.44
C GLU A 6 -8.69 -2.93 -15.45
N PRO A 7 -9.72 -2.19 -15.89
CA PRO A 7 -10.37 -1.16 -15.06
C PRO A 7 -11.18 -1.78 -13.92
N GLY A 8 -11.91 -0.93 -13.20
CA GLY A 8 -12.71 -1.41 -12.10
C GLY A 8 -13.88 -2.26 -12.55
N GLN A 9 -13.95 -3.49 -12.03
CA GLN A 9 -15.03 -4.40 -12.40
C GLN A 9 -16.01 -4.56 -11.25
N THR A 10 -15.51 -4.53 -10.02
CA THR A 10 -16.34 -4.67 -8.84
C THR A 10 -17.24 -3.44 -8.65
N SER A 11 -18.32 -3.62 -7.90
CA SER A 11 -19.25 -2.52 -7.64
C SER A 11 -19.21 -2.12 -6.17
N VAL A 12 -19.87 -1.00 -5.86
CA VAL A 12 -19.92 -0.50 -4.49
C VAL A 12 -20.85 -1.34 -3.63
N ALA A 13 -20.92 -1.00 -2.34
CA ALA A 13 -21.78 -1.73 -1.41
C ALA A 13 -21.76 -1.08 -0.03
N PRO A 14 -22.78 -1.38 0.78
CA PRO A 14 -22.90 -0.84 2.13
C PRO A 14 -21.85 -1.42 3.09
N PRO A 15 -21.72 -0.79 4.27
CA PRO A 15 -20.76 -1.23 5.29
C PRO A 15 -21.15 -2.57 5.92
N PRO A 16 -20.34 -3.61 5.65
CA PRO A 16 -20.58 -4.95 6.18
C PRO A 16 -20.34 -5.03 7.68
N GLU A 17 -20.39 -6.24 8.22
CA GLU A 17 -20.18 -6.46 9.65
C GLU A 17 -18.87 -5.80 10.10
N GLU A 18 -18.68 -5.75 11.42
CA GLU A 18 -17.47 -5.15 11.99
C GLU A 18 -16.50 -6.23 12.46
N VAL A 19 -15.59 -6.61 11.58
CA VAL A 19 -14.60 -7.63 11.90
C VAL A 19 -13.23 -7.28 11.32
N GLU A 20 -12.17 -7.54 12.08
CA GLU A 20 -10.82 -7.25 11.65
C GLU A 20 -9.99 -8.52 11.56
N PRO A 21 -10.33 -9.40 10.61
CA PRO A 21 -9.63 -10.67 10.39
C PRO A 21 -8.23 -10.47 9.85
N GLY A 22 -7.94 -9.26 9.37
CA GLY A 22 -6.63 -8.96 8.83
C GLY A 22 -5.67 -8.44 9.88
N SER A 23 -6.06 -8.56 11.15
CA SER A 23 -5.23 -8.10 12.25
C SER A 23 -3.97 -8.96 12.38
N GLY A 24 -2.85 -8.31 12.66
CA GLY A 24 -1.59 -9.02 12.81
C GLY A 24 -0.49 -8.45 11.94
N VAL A 25 -0.68 -7.20 11.51
CA VAL A 25 0.31 -6.53 10.66
C VAL A 25 0.38 -5.04 10.97
N ARG A 26 1.52 -4.43 10.68
CA ARG A 26 1.71 -3.01 10.92
C ARG A 26 2.14 -2.29 9.64
N ILE A 27 1.16 -1.78 8.90
CA ILE A 27 1.42 -1.08 7.66
C ILE A 27 2.11 0.27 7.92
N VAL A 28 3.00 0.66 7.02
CA VAL A 28 3.72 1.93 7.15
C VAL A 28 4.02 2.53 5.79
N VAL A 29 3.17 3.45 5.36
CA VAL A 29 3.34 4.12 4.07
C VAL A 29 4.41 5.20 4.15
N GLU A 30 5.61 4.88 3.67
CA GLU A 30 6.72 5.82 3.69
C GLU A 30 6.66 6.76 2.49
N TYR A 31 6.35 8.02 2.74
CA TYR A 31 6.26 9.02 1.67
C TYR A 31 6.77 10.38 2.15
N CYS A 32 7.09 11.24 1.21
CA CYS A 32 7.59 12.58 1.52
C CYS A 32 6.46 13.47 2.02
N GLU A 33 6.37 13.63 3.33
CA GLU A 33 5.33 14.46 3.93
C GLU A 33 5.35 15.87 3.34
N PRO A 34 6.47 16.57 3.53
CA PRO A 34 6.64 17.94 3.02
C PRO A 34 6.76 17.98 1.51
N CYS A 35 5.75 17.47 0.83
CA CYS A 35 5.73 17.45 -0.63
C CYS A 35 4.31 17.55 -1.16
N GLY A 36 3.40 16.78 -0.56
CA GLY A 36 2.01 16.80 -0.99
C GLY A 36 1.54 15.44 -1.49
N PHE A 37 2.15 14.39 -0.96
CA PHE A 37 1.79 13.02 -1.35
C PHE A 37 0.74 12.44 -0.42
N GLU A 38 0.32 13.25 0.56
CA GLU A 38 -0.68 12.81 1.52
C GLU A 38 -2.03 12.59 0.84
N ALA A 39 -2.23 13.24 -0.30
CA ALA A 39 -3.47 13.11 -1.04
C ALA A 39 -3.75 11.65 -1.41
N THR A 40 -2.70 10.85 -1.44
CA THR A 40 -2.82 9.44 -1.78
C THR A 40 -2.86 8.57 -0.52
N TYR A 41 -2.19 9.03 0.53
CA TYR A 41 -2.15 8.30 1.79
C TYR A 41 -3.45 8.49 2.57
N LEU A 42 -4.13 9.61 2.31
CA LEU A 42 -5.38 9.91 2.99
C LEU A 42 -6.57 9.29 2.25
N GLU A 43 -6.40 9.09 0.94
CA GLU A 43 -7.45 8.51 0.11
C GLU A 43 -7.60 7.02 0.41
N LEU A 44 -6.54 6.41 0.90
CA LEU A 44 -6.55 4.98 1.22
C LEU A 44 -6.67 4.76 2.73
N ALA A 45 -6.25 5.76 3.50
CA ALA A 45 -6.30 5.68 4.95
C ALA A 45 -7.75 5.65 5.44
N SER A 46 -8.67 6.11 4.59
CA SER A 46 -10.08 6.14 4.93
C SER A 46 -10.78 4.85 4.50
N ALA A 47 -10.14 4.11 3.61
CA ALA A 47 -10.69 2.85 3.12
C ALA A 47 -10.03 1.66 3.80
N VAL A 48 -8.82 1.87 4.31
CA VAL A 48 -8.08 0.81 4.98
C VAL A 48 -8.59 0.60 6.42
N LYS A 49 -9.08 1.68 7.02
CA LYS A 49 -9.59 1.63 8.38
C LYS A 49 -10.97 0.95 8.42
N GLU A 50 -11.73 1.11 7.34
CA GLU A 50 -13.05 0.50 7.25
C GLU A 50 -12.96 -0.97 6.89
N GLN A 51 -11.78 -1.39 6.43
CA GLN A 51 -11.56 -2.78 6.05
C GLN A 51 -10.91 -3.56 7.18
N TYR A 52 -9.74 -3.11 7.62
CA TYR A 52 -9.02 -3.78 8.70
C TYR A 52 -8.76 -2.81 9.85
N PRO A 53 -9.79 -2.57 10.67
CA PRO A 53 -9.70 -1.67 11.82
C PRO A 53 -8.83 -2.24 12.93
N GLY A 54 -8.41 -3.49 12.78
CA GLY A 54 -7.58 -4.12 13.77
C GLY A 54 -6.10 -3.84 13.56
N ILE A 55 -5.69 -3.79 12.29
CA ILE A 55 -4.29 -3.53 11.96
C ILE A 55 -3.86 -2.16 12.45
N GLU A 56 -2.65 -1.74 12.06
CA GLU A 56 -2.12 -0.45 12.47
C GLU A 56 -1.33 0.19 11.33
N ILE A 57 -1.91 1.21 10.72
CA ILE A 57 -1.26 1.91 9.61
C ILE A 57 -0.89 3.33 10.01
N GLU A 58 0.41 3.59 10.13
CA GLU A 58 0.91 4.91 10.49
C GLU A 58 1.64 5.56 9.33
N SER A 59 1.93 6.86 9.47
CA SER A 59 2.63 7.60 8.43
C SER A 59 4.08 7.86 8.82
N ARG A 60 4.99 7.64 7.88
CA ARG A 60 6.41 7.84 8.12
C ARG A 60 7.03 8.74 7.05
N LEU A 61 8.26 9.17 7.27
CA LEU A 61 8.97 10.02 6.32
C LEU A 61 9.79 9.20 5.35
N GLY A 62 9.87 9.66 4.10
CA GLY A 62 10.64 8.95 3.10
C GLY A 62 11.92 9.68 2.72
N GLY A 63 11.76 10.84 2.10
CA GLY A 63 12.93 11.62 1.69
C GLY A 63 12.56 12.74 0.73
N THR A 64 12.09 12.38 -0.46
CA THR A 64 11.71 13.37 -1.46
C THR A 64 10.92 12.71 -2.59
N GLY A 65 9.64 13.06 -2.68
CA GLY A 65 8.79 12.51 -3.71
C GLY A 65 8.85 11.00 -3.77
N ALA A 66 9.00 10.37 -2.61
CA ALA A 66 9.08 8.91 -2.52
C ALA A 66 7.77 8.33 -2.00
N PHE A 67 7.62 7.02 -2.16
CA PHE A 67 6.41 6.33 -1.70
C PHE A 67 6.70 4.86 -1.40
N GLU A 68 7.74 4.63 -0.61
CA GLU A 68 8.13 3.27 -0.25
C GLU A 68 7.11 2.65 0.71
N ILE A 69 6.44 1.60 0.26
CA ILE A 69 5.44 0.92 1.08
C ILE A 69 6.09 -0.13 1.98
N GLU A 70 5.67 -0.15 3.23
CA GLU A 70 6.21 -1.12 4.19
C GLU A 70 5.09 -1.82 4.94
N ILE A 71 4.68 -2.98 4.44
CA ILE A 71 3.61 -3.75 5.07
C ILE A 71 3.98 -4.17 6.48
N ASN A 72 5.29 -4.27 6.73
CA ASN A 72 5.78 -4.65 8.05
C ASN A 72 7.04 -3.87 8.42
N GLY A 73 7.04 -2.58 8.09
CA GLY A 73 8.18 -1.74 8.39
C GLY A 73 9.36 -2.02 7.48
N GLN A 74 9.13 -2.86 6.48
CA GLN A 74 10.19 -3.21 5.53
C GLN A 74 9.73 -3.01 4.09
N LEU A 75 10.44 -2.15 3.36
CA LEU A 75 10.10 -1.87 1.97
C LEU A 75 9.95 -3.16 1.17
N VAL A 76 8.75 -3.43 0.71
CA VAL A 76 8.47 -4.63 -0.08
C VAL A 76 8.09 -4.28 -1.51
N PHE A 77 7.65 -3.04 -1.72
CA PHE A 77 7.26 -2.58 -3.04
C PHE A 77 7.35 -1.06 -3.14
N SER A 78 8.23 -0.58 -4.02
CA SER A 78 8.42 0.86 -4.20
C SER A 78 7.53 1.38 -5.33
N LYS A 79 7.09 2.63 -5.19
CA LYS A 79 6.24 3.25 -6.20
C LYS A 79 7.06 4.13 -7.14
N LEU A 80 8.31 4.39 -6.77
CA LEU A 80 9.19 5.21 -7.58
C LEU A 80 9.90 4.37 -8.64
N GLU A 81 9.55 3.09 -8.70
CA GLU A 81 10.14 2.18 -9.67
C GLU A 81 9.15 1.84 -10.78
N ASN A 82 7.95 1.43 -10.40
CA ASN A 82 6.92 1.08 -11.35
C ASN A 82 6.38 2.32 -12.05
N GLY A 83 6.05 3.34 -11.27
CA GLY A 83 5.52 4.57 -11.82
C GLY A 83 4.18 4.95 -11.22
N GLY A 84 3.74 4.18 -10.24
CA GLY A 84 2.47 4.46 -9.60
C GLY A 84 1.37 3.51 -10.05
N PHE A 85 0.12 3.98 -9.99
CA PHE A 85 -1.02 3.17 -10.40
C PHE A 85 -1.17 1.95 -9.49
N PRO A 86 -1.45 2.20 -8.21
CA PRO A 86 -1.61 1.13 -7.21
C PRO A 86 -2.90 0.33 -7.44
N TYR A 87 -3.17 -0.61 -6.53
CA TYR A 87 -4.36 -1.44 -6.64
C TYR A 87 -4.99 -1.66 -5.27
N GLU A 88 -6.30 -1.44 -5.18
CA GLU A 88 -7.02 -1.62 -3.92
C GLU A 88 -6.81 -3.03 -3.37
N LYS A 89 -6.49 -3.96 -4.26
CA LYS A 89 -6.27 -5.34 -3.86
C LYS A 89 -4.81 -5.58 -3.51
N ASP A 90 -3.93 -4.70 -3.99
CA ASP A 90 -2.50 -4.81 -3.73
C ASP A 90 -2.15 -4.22 -2.37
N LEU A 91 -2.98 -3.29 -1.91
CA LEU A 91 -2.76 -2.64 -0.62
C LEU A 91 -3.48 -3.39 0.50
N ILE A 92 -4.38 -4.29 0.12
CA ILE A 92 -5.13 -5.08 1.08
C ILE A 92 -4.59 -6.49 1.19
N GLU A 93 -3.97 -6.96 0.12
CA GLU A 93 -3.40 -8.31 0.09
C GLU A 93 -2.03 -8.34 0.76
N ALA A 94 -1.59 -7.18 1.23
CA ALA A 94 -0.30 -7.06 1.89
C ALA A 94 -0.30 -7.78 3.24
N ILE A 95 -1.29 -7.48 4.06
CA ILE A 95 -1.41 -8.11 5.37
C ILE A 95 -1.86 -9.56 5.25
N ARG A 96 -2.55 -9.86 4.17
CA ARG A 96 -3.04 -11.22 3.93
C ARG A 96 -1.88 -12.17 3.65
N ARG A 97 -0.81 -11.64 3.07
CA ARG A 97 0.36 -12.44 2.75
C ARG A 97 1.41 -12.34 3.86
N ALA A 98 1.38 -11.24 4.59
CA ALA A 98 2.33 -11.03 5.68
C ALA A 98 1.90 -11.75 6.94
N SER A 99 0.61 -11.61 7.28
CA SER A 99 0.07 -12.25 8.47
C SER A 99 -0.07 -13.76 8.27
N ASN A 100 0.06 -14.19 7.02
CA ASN A 100 -0.05 -15.60 6.69
C ASN A 100 1.08 -16.40 7.33
N GLY A 101 2.21 -15.75 7.54
CA GLY A 101 3.35 -16.41 8.16
C GLY A 101 4.28 -17.04 7.14
N GLU A 102 4.16 -16.60 5.89
CA GLU A 102 5.00 -17.14 4.82
C GLU A 102 5.83 -16.02 4.19
N THR A 103 7.00 -16.39 3.66
CA THR A 103 7.89 -15.43 3.01
C THR A 103 7.14 -14.60 1.97
N LEU A 104 7.58 -13.36 1.79
CA LEU A 104 6.95 -12.47 0.81
C LEU A 104 7.96 -12.05 -0.26
N GLU A 105 7.46 -11.39 -1.30
CA GLU A 105 8.31 -10.94 -2.40
C GLU A 105 9.41 -10.02 -1.88
N LYS A 106 10.65 -10.34 -2.20
CA LYS A 106 11.80 -9.54 -1.77
C LYS A 106 12.59 -9.03 -2.98
N ILE A 107 13.43 -8.04 -2.75
CA ILE A 107 14.25 -7.47 -3.81
C ILE A 107 15.73 -7.62 -3.50
N THR A 108 16.51 -8.04 -4.50
CA THR A 108 17.94 -8.23 -4.33
C THR A 108 18.68 -6.89 -4.42
N ASN A 109 18.04 -5.91 -5.04
CA ASN A 109 18.64 -4.59 -5.19
C ASN A 109 19.96 -4.67 -5.94
N SER A 110 19.96 -5.39 -7.06
CA SER A 110 21.16 -5.56 -7.87
C SER A 110 21.24 -4.48 -8.95
N ARG A 111 20.26 -3.57 -8.94
CA ARG A 111 20.22 -2.49 -9.92
C ARG A 111 19.87 -1.16 -9.25
N PRO A 112 20.25 -0.06 -9.91
CA PRO A 112 19.99 1.29 -9.39
C PRO A 112 18.50 1.66 -9.44
N PRO A 113 18.15 2.75 -8.76
CA PRO A 113 16.76 3.22 -8.70
C PRO A 113 16.28 3.78 -10.05
N CYS A 114 15.27 3.12 -10.62
CA CYS A 114 14.72 3.54 -11.90
C CYS A 114 14.29 5.00 -11.85
N VAL A 115 15.10 5.87 -12.43
CA VAL A 115 14.81 7.31 -12.46
C VAL A 115 13.77 7.63 -13.52
N ILE A 116 13.43 8.91 -13.64
CA ILE A 116 12.45 9.36 -14.62
C ILE A 116 12.79 10.75 -15.14
N LEU A 117 13.03 10.85 -16.44
CA LEU A 117 13.36 12.13 -17.07
C LEU A 117 12.12 12.76 -17.70
N GLY A 1 -3.45 8.81 -29.24
CA GLY A 1 -2.78 9.10 -27.99
C GLY A 1 -2.95 7.99 -26.97
N SER A 2 -1.93 7.80 -26.14
CA SER A 2 -1.97 6.76 -25.12
C SER A 2 -2.51 7.30 -23.80
N MET A 3 -3.13 6.42 -23.02
CA MET A 3 -3.71 6.82 -21.74
C MET A 3 -3.96 5.58 -20.86
N SER A 4 -4.34 5.83 -19.62
CA SER A 4 -4.62 4.76 -18.67
C SER A 4 -6.10 4.40 -18.68
N GLY A 5 -6.92 5.31 -18.17
CA GLY A 5 -8.36 5.07 -18.13
C GLY A 5 -8.85 4.77 -16.73
N GLU A 6 -7.91 4.52 -15.81
CA GLU A 6 -8.26 4.22 -14.44
C GLU A 6 -9.56 3.43 -14.36
N PRO A 7 -9.53 2.19 -14.86
CA PRO A 7 -10.71 1.31 -14.87
C PRO A 7 -11.09 0.85 -13.47
N GLY A 8 -12.30 0.31 -13.34
CA GLY A 8 -12.76 -0.18 -12.05
C GLY A 8 -14.23 -0.57 -12.07
N GLN A 9 -14.49 -1.86 -11.98
CA GLN A 9 -15.85 -2.37 -11.98
C GLN A 9 -15.98 -3.62 -11.11
N THR A 10 -16.53 -3.45 -9.92
CA THR A 10 -16.71 -4.55 -8.98
C THR A 10 -18.18 -4.87 -8.77
N SER A 11 -18.46 -6.06 -8.27
CA SER A 11 -19.84 -6.49 -8.03
C SER A 11 -20.33 -5.97 -6.69
N VAL A 12 -21.63 -6.16 -6.41
CA VAL A 12 -22.22 -5.72 -5.17
C VAL A 12 -22.75 -6.90 -4.36
N ALA A 13 -22.76 -6.75 -3.03
CA ALA A 13 -23.23 -7.80 -2.15
C ALA A 13 -23.43 -7.28 -0.73
N PRO A 14 -24.23 -8.00 0.07
CA PRO A 14 -24.51 -7.63 1.46
C PRO A 14 -23.29 -7.80 2.36
N PRO A 15 -23.38 -7.25 3.59
CA PRO A 15 -22.30 -7.32 4.56
C PRO A 15 -22.10 -8.73 5.11
N PRO A 16 -20.96 -9.35 4.76
CA PRO A 16 -20.63 -10.70 5.21
C PRO A 16 -20.33 -10.78 6.70
N GLU A 17 -19.97 -11.96 7.18
CA GLU A 17 -19.67 -12.16 8.59
C GLU A 17 -18.63 -11.14 9.07
N GLU A 18 -18.64 -10.86 10.37
CA GLU A 18 -17.71 -9.90 10.94
C GLU A 18 -16.42 -10.60 11.39
N VAL A 19 -15.39 -10.51 10.56
CA VAL A 19 -14.11 -11.13 10.87
C VAL A 19 -12.95 -10.26 10.37
N GLU A 20 -11.89 -10.19 11.18
CA GLU A 20 -10.71 -9.41 10.81
C GLU A 20 -9.48 -10.29 10.70
N PRO A 21 -9.46 -11.16 9.67
CA PRO A 21 -8.34 -12.08 9.42
C PRO A 21 -7.08 -11.35 8.96
N GLY A 22 -7.25 -10.07 8.59
CA GLY A 22 -6.12 -9.29 8.13
C GLY A 22 -5.20 -8.88 9.26
N SER A 23 -5.66 -9.08 10.49
CA SER A 23 -4.87 -8.72 11.67
C SER A 23 -3.53 -9.47 11.68
N GLY A 24 -2.48 -8.77 12.13
CA GLY A 24 -1.17 -9.39 12.18
C GLY A 24 -0.12 -8.57 11.46
N VAL A 25 -0.47 -7.33 11.11
CA VAL A 25 0.45 -6.45 10.41
C VAL A 25 0.31 -5.00 10.89
N ARG A 26 1.38 -4.24 10.78
CA ARG A 26 1.37 -2.85 11.20
C ARG A 26 1.78 -1.92 10.05
N ILE A 27 0.79 -1.39 9.34
CA ILE A 27 1.06 -0.51 8.22
C ILE A 27 1.58 0.84 8.71
N VAL A 28 2.47 1.44 7.92
CA VAL A 28 3.04 2.73 8.27
C VAL A 28 3.44 3.52 7.02
N VAL A 29 2.54 4.38 6.56
CA VAL A 29 2.79 5.20 5.38
C VAL A 29 3.72 6.36 5.69
N GLU A 30 5.00 6.18 5.41
CA GLU A 30 5.99 7.23 5.66
C GLU A 30 5.94 8.31 4.58
N TYR A 31 5.39 9.45 4.94
CA TYR A 31 5.27 10.57 4.00
C TYR A 31 5.48 11.91 4.71
N CYS A 32 5.77 12.95 3.93
CA CYS A 32 5.99 14.27 4.49
C CYS A 32 4.67 14.92 4.86
N GLU A 33 4.39 14.97 6.17
CA GLU A 33 3.16 15.58 6.66
C GLU A 33 3.01 17.00 6.16
N PRO A 34 3.96 17.87 6.57
CA PRO A 34 3.96 19.28 6.18
C PRO A 34 4.28 19.47 4.70
N CYS A 35 3.45 18.88 3.84
CA CYS A 35 3.64 18.98 2.40
C CYS A 35 2.30 18.94 1.68
N GLY A 36 1.42 18.03 2.12
CA GLY A 36 0.12 17.90 1.50
C GLY A 36 -0.15 16.50 1.01
N PHE A 37 0.72 15.56 1.38
CA PHE A 37 0.58 14.17 0.99
C PHE A 37 -0.43 13.44 1.87
N GLU A 38 -0.92 14.15 2.89
CA GLU A 38 -1.88 13.57 3.82
C GLU A 38 -3.24 13.39 3.15
N ALA A 39 -3.42 14.03 2.00
CA ALA A 39 -4.67 13.94 1.26
C ALA A 39 -4.82 12.58 0.60
N THR A 40 -3.70 11.90 0.38
CA THR A 40 -3.71 10.59 -0.26
C THR A 40 -3.60 9.48 0.79
N TYR A 41 -3.15 9.84 1.98
CA TYR A 41 -3.02 8.87 3.07
C TYR A 41 -4.35 8.67 3.79
N LEU A 42 -5.17 9.70 3.82
CA LEU A 42 -6.47 9.63 4.47
C LEU A 42 -7.48 8.89 3.59
N GLU A 43 -7.50 9.23 2.30
CA GLU A 43 -8.42 8.60 1.36
C GLU A 43 -8.33 7.08 1.45
N LEU A 44 -7.11 6.57 1.47
CA LEU A 44 -6.88 5.12 1.56
C LEU A 44 -7.07 4.63 2.98
N ALA A 45 -6.76 5.48 3.95
CA ALA A 45 -6.90 5.13 5.36
C ALA A 45 -8.37 4.94 5.74
N SER A 46 -9.24 5.69 5.08
CA SER A 46 -10.67 5.61 5.35
C SER A 46 -11.23 4.28 4.88
N ALA A 47 -10.51 3.62 3.98
CA ALA A 47 -10.93 2.33 3.45
C ALA A 47 -10.20 1.18 4.15
N VAL A 48 -8.88 1.27 4.19
CA VAL A 48 -8.06 0.24 4.81
C VAL A 48 -8.46 0.04 6.28
N LYS A 49 -8.74 1.14 6.95
CA LYS A 49 -9.13 1.10 8.36
C LYS A 49 -10.54 0.54 8.51
N GLU A 50 -11.34 0.67 7.46
CA GLU A 50 -12.71 0.17 7.47
C GLU A 50 -12.80 -1.21 6.83
N GLN A 51 -11.65 -1.76 6.46
CA GLN A 51 -11.60 -3.08 5.84
C GLN A 51 -10.77 -4.05 6.67
N TYR A 52 -10.08 -3.52 7.67
CA TYR A 52 -9.25 -4.33 8.55
C TYR A 52 -9.05 -3.65 9.91
N PRO A 53 -10.06 -3.76 10.78
CA PRO A 53 -10.02 -3.17 12.12
C PRO A 53 -9.03 -3.88 13.03
N GLY A 54 -8.48 -4.99 12.55
CA GLY A 54 -7.52 -5.74 13.35
C GLY A 54 -6.11 -5.21 13.20
N ILE A 55 -5.76 -4.80 11.99
CA ILE A 55 -4.42 -4.28 11.71
C ILE A 55 -4.18 -2.98 12.47
N GLU A 56 -3.04 -2.34 12.19
CA GLU A 56 -2.70 -1.09 12.85
C GLU A 56 -1.94 -0.16 11.89
N ILE A 57 -2.62 0.89 11.44
CA ILE A 57 -2.01 1.84 10.51
C ILE A 57 -1.78 3.19 11.19
N GLU A 58 -0.67 3.83 10.85
CA GLU A 58 -0.34 5.13 11.44
C GLU A 58 0.44 5.98 10.44
N SER A 59 0.49 7.29 10.69
CA SER A 59 1.21 8.21 9.82
C SER A 59 2.51 8.66 10.45
N ARG A 60 3.61 8.52 9.72
CA ARG A 60 4.92 8.91 10.21
C ARG A 60 5.64 9.81 9.20
N LEU A 61 6.43 10.74 9.71
CA LEU A 61 7.16 11.67 8.85
C LEU A 61 8.14 10.91 7.95
N GLY A 62 8.46 11.50 6.80
CA GLY A 62 9.38 10.87 5.87
C GLY A 62 10.56 11.76 5.55
N GLY A 63 10.33 13.06 5.48
CA GLY A 63 11.39 14.00 5.17
C GLY A 63 10.91 15.17 4.34
N THR A 64 10.65 14.92 3.06
CA THR A 64 10.18 15.96 2.15
C THR A 64 9.62 15.36 0.86
N GLY A 65 8.33 15.52 0.64
CA GLY A 65 7.70 15.00 -0.54
C GLY A 65 7.95 13.51 -0.73
N ALA A 66 8.22 12.82 0.37
CA ALA A 66 8.49 11.39 0.33
C ALA A 66 7.20 10.58 0.51
N PHE A 67 7.22 9.34 0.03
CA PHE A 67 6.05 8.47 0.13
C PHE A 67 6.49 7.02 0.35
N GLU A 68 7.46 6.82 1.23
CA GLU A 68 7.96 5.48 1.52
C GLU A 68 6.91 4.67 2.28
N ILE A 69 6.48 3.56 1.67
CA ILE A 69 5.48 2.70 2.28
C ILE A 69 6.14 1.62 3.13
N GLU A 70 5.56 1.36 4.31
CA GLU A 70 6.10 0.35 5.22
C GLU A 70 4.98 -0.52 5.78
N ILE A 71 4.72 -1.63 5.11
CA ILE A 71 3.66 -2.55 5.54
C ILE A 71 3.95 -3.09 6.93
N ASN A 72 5.24 -3.17 7.29
CA ASN A 72 5.65 -3.68 8.59
C ASN A 72 6.75 -2.81 9.18
N GLY A 73 6.70 -1.51 8.89
CA GLY A 73 7.70 -0.60 9.41
C GLY A 73 9.00 -0.65 8.63
N GLN A 74 9.00 -1.41 7.53
CA GLN A 74 10.19 -1.55 6.70
C GLN A 74 9.88 -1.18 5.25
N LEU A 75 10.57 -0.16 4.75
CA LEU A 75 10.36 0.29 3.38
C LEU A 75 10.48 -0.88 2.40
N VAL A 76 9.39 -1.17 1.71
CA VAL A 76 9.37 -2.25 0.73
C VAL A 76 9.21 -1.72 -0.68
N PHE A 77 8.74 -0.47 -0.80
CA PHE A 77 8.54 0.15 -2.10
C PHE A 77 8.59 1.67 -1.98
N SER A 78 9.62 2.27 -2.56
CA SER A 78 9.77 3.72 -2.52
C SER A 78 9.19 4.38 -3.76
N LYS A 79 8.46 5.47 -3.56
CA LYS A 79 7.84 6.19 -4.67
C LYS A 79 8.85 7.14 -5.33
N LEU A 80 9.65 7.80 -4.52
CA LEU A 80 10.65 8.73 -5.03
C LEU A 80 11.52 8.07 -6.11
N GLU A 81 11.69 6.76 -5.99
CA GLU A 81 12.49 6.01 -6.95
C GLU A 81 11.61 5.37 -8.01
N ASN A 82 10.62 4.59 -7.58
CA ASN A 82 9.70 3.92 -8.49
C ASN A 82 9.13 4.91 -9.50
N GLY A 83 8.58 6.02 -8.98
CA GLY A 83 8.00 7.02 -9.85
C GLY A 83 6.48 7.01 -9.82
N GLY A 84 5.91 6.57 -8.70
CA GLY A 84 4.47 6.51 -8.57
C GLY A 84 4.03 5.74 -7.34
N PHE A 85 2.72 5.61 -7.15
CA PHE A 85 2.17 4.90 -6.01
C PHE A 85 1.32 3.72 -6.47
N PRO A 86 1.22 2.70 -5.61
CA PRO A 86 0.43 1.49 -5.90
C PRO A 86 -1.07 1.77 -5.90
N TYR A 87 -1.86 0.70 -5.97
CA TYR A 87 -3.31 0.83 -5.99
C TYR A 87 -3.90 0.54 -4.60
N GLU A 88 -5.21 0.70 -4.48
CA GLU A 88 -5.89 0.45 -3.22
C GLU A 88 -5.95 -1.03 -2.90
N LYS A 89 -6.12 -1.85 -3.95
CA LYS A 89 -6.18 -3.30 -3.78
C LYS A 89 -4.79 -3.89 -3.57
N ASP A 90 -3.77 -3.16 -4.04
CA ASP A 90 -2.39 -3.61 -3.90
C ASP A 90 -1.84 -3.26 -2.52
N LEU A 91 -2.44 -2.24 -1.91
CA LEU A 91 -2.00 -1.79 -0.59
C LEU A 91 -2.70 -2.59 0.51
N ILE A 92 -3.95 -2.97 0.26
CA ILE A 92 -4.71 -3.74 1.22
C ILE A 92 -4.32 -5.21 1.21
N GLU A 93 -3.82 -5.67 0.06
CA GLU A 93 -3.39 -7.05 -0.09
C GLU A 93 -2.04 -7.28 0.57
N ALA A 94 -1.44 -6.20 1.07
CA ALA A 94 -0.14 -6.28 1.72
C ALA A 94 -0.24 -7.03 3.05
N ILE A 95 -1.17 -6.62 3.88
CA ILE A 95 -1.37 -7.24 5.19
C ILE A 95 -1.66 -8.74 5.04
N ARG A 96 -2.32 -9.11 3.94
CA ARG A 96 -2.65 -10.50 3.67
C ARG A 96 -1.39 -11.31 3.40
N ARG A 97 -0.43 -10.71 2.72
CA ARG A 97 0.82 -11.38 2.39
C ARG A 97 1.83 -11.22 3.52
N ALA A 98 1.59 -10.25 4.40
CA ALA A 98 2.48 -10.00 5.53
C ALA A 98 2.09 -10.86 6.73
N SER A 99 0.80 -10.92 7.02
CA SER A 99 0.31 -11.71 8.14
C SER A 99 0.40 -13.21 7.84
N ASN A 100 0.61 -13.53 6.57
CA ASN A 100 0.72 -14.92 6.15
C ASN A 100 1.95 -15.59 6.75
N GLY A 101 2.96 -14.77 7.07
CA GLY A 101 4.18 -15.30 7.64
C GLY A 101 5.21 -15.69 6.60
N GLU A 102 5.02 -15.18 5.38
CA GLU A 102 5.94 -15.49 4.28
C GLU A 102 6.63 -14.21 3.78
N THR A 103 7.54 -14.38 2.83
CA THR A 103 8.27 -13.25 2.27
C THR A 103 7.34 -12.32 1.51
N LEU A 104 7.83 -11.11 1.22
CA LEU A 104 7.04 -10.12 0.50
C LEU A 104 7.69 -9.78 -0.83
N GLU A 105 6.98 -8.99 -1.64
CA GLU A 105 7.49 -8.58 -2.95
C GLU A 105 8.90 -8.00 -2.83
N LYS A 106 9.69 -8.14 -3.90
CA LYS A 106 11.05 -7.63 -3.91
C LYS A 106 11.07 -6.14 -4.24
N ILE A 107 12.26 -5.56 -4.27
CA ILE A 107 12.42 -4.15 -4.58
C ILE A 107 12.41 -3.90 -6.09
N THR A 108 12.00 -2.70 -6.49
CA THR A 108 11.95 -2.35 -7.91
C THR A 108 13.25 -1.68 -8.35
N ASN A 109 14.30 -1.85 -7.55
CA ASN A 109 15.60 -1.27 -7.88
C ASN A 109 16.56 -2.33 -8.39
N SER A 110 16.00 -3.41 -8.95
CA SER A 110 16.81 -4.50 -9.49
C SER A 110 17.10 -4.29 -10.98
N ARG A 111 18.36 -4.42 -11.35
CA ARG A 111 18.77 -4.24 -12.74
C ARG A 111 19.63 -5.41 -13.20
N PRO A 112 19.02 -6.60 -13.30
CA PRO A 112 19.72 -7.81 -13.72
C PRO A 112 20.08 -7.78 -15.21
N PRO A 113 20.94 -8.73 -15.63
CA PRO A 113 21.38 -8.82 -17.02
C PRO A 113 20.27 -9.27 -17.96
N CYS A 114 19.91 -8.42 -18.92
CA CYS A 114 18.86 -8.72 -19.88
C CYS A 114 19.34 -9.75 -20.89
N VAL A 115 20.65 -9.80 -21.11
CA VAL A 115 21.24 -10.74 -22.06
C VAL A 115 20.56 -10.64 -23.42
N ILE A 116 20.54 -9.43 -23.98
CA ILE A 116 19.91 -9.20 -25.28
C ILE A 116 20.81 -9.68 -26.41
N LEU A 117 20.57 -10.89 -26.89
CA LEU A 117 21.35 -11.47 -27.98
C LEU A 117 21.30 -10.57 -29.22
N GLY A 1 -43.88 -13.85 -19.34
CA GLY A 1 -42.63 -14.40 -19.83
C GLY A 1 -41.44 -13.92 -19.01
N SER A 2 -40.35 -13.61 -19.70
CA SER A 2 -39.13 -13.14 -19.04
C SER A 2 -38.58 -14.22 -18.10
N MET A 3 -38.72 -15.48 -18.51
CA MET A 3 -38.23 -16.60 -17.71
C MET A 3 -36.77 -16.89 -18.03
N SER A 4 -36.39 -16.71 -19.29
CA SER A 4 -35.02 -16.97 -19.73
C SER A 4 -34.11 -15.80 -19.35
N GLY A 5 -32.82 -16.09 -19.23
CA GLY A 5 -31.86 -15.06 -18.87
C GLY A 5 -30.45 -15.39 -19.32
N GLU A 6 -30.16 -15.11 -20.59
CA GLU A 6 -28.84 -15.39 -21.14
C GLU A 6 -27.75 -14.72 -20.31
N PRO A 7 -26.50 -15.21 -20.47
CA PRO A 7 -25.35 -14.67 -19.74
C PRO A 7 -24.97 -13.26 -20.20
N GLY A 8 -25.08 -12.30 -19.29
CA GLY A 8 -24.75 -10.93 -19.62
C GLY A 8 -25.49 -9.93 -18.76
N GLN A 9 -24.75 -9.11 -18.03
CA GLN A 9 -25.36 -8.10 -17.16
C GLN A 9 -24.52 -6.83 -17.13
N THR A 10 -24.98 -5.80 -17.84
CA THR A 10 -24.27 -4.53 -17.90
C THR A 10 -25.10 -3.42 -17.25
N SER A 11 -26.37 -3.68 -17.04
CA SER A 11 -27.26 -2.69 -16.42
C SER A 11 -26.70 -2.20 -15.10
N VAL A 12 -27.36 -1.20 -14.52
CA VAL A 12 -26.92 -0.63 -13.25
C VAL A 12 -27.00 -1.67 -12.14
N ALA A 13 -26.14 -1.51 -11.13
CA ALA A 13 -26.11 -2.43 -10.00
C ALA A 13 -25.15 -1.94 -8.91
N PRO A 14 -25.34 -2.45 -7.69
CA PRO A 14 -24.49 -2.08 -6.55
C PRO A 14 -23.07 -2.63 -6.68
N PRO A 15 -22.17 -2.13 -5.81
CA PRO A 15 -20.77 -2.55 -5.81
C PRO A 15 -20.59 -3.99 -5.31
N PRO A 16 -19.39 -4.54 -5.52
CA PRO A 16 -19.06 -5.91 -5.09
C PRO A 16 -18.99 -6.05 -3.58
N GLU A 17 -18.97 -7.29 -3.10
CA GLU A 17 -18.89 -7.55 -1.67
C GLU A 17 -17.74 -6.79 -1.03
N GLU A 18 -17.78 -6.67 0.28
CA GLU A 18 -16.73 -5.96 1.02
C GLU A 18 -15.87 -6.93 1.82
N VAL A 19 -14.71 -7.27 1.26
CA VAL A 19 -13.79 -8.19 1.92
C VAL A 19 -12.44 -7.51 2.20
N GLU A 20 -11.93 -7.71 3.41
CA GLU A 20 -10.65 -7.13 3.79
C GLU A 20 -9.60 -8.21 4.02
N PRO A 21 -9.10 -8.78 2.91
CA PRO A 21 -8.09 -9.84 2.95
C PRO A 21 -6.73 -9.32 3.42
N GLY A 22 -6.38 -8.11 2.98
CA GLY A 22 -5.11 -7.52 3.37
C GLY A 22 -4.93 -7.46 4.88
N SER A 23 -6.04 -7.50 5.61
CA SER A 23 -6.00 -7.44 7.06
C SER A 23 -5.01 -8.47 7.62
N GLY A 24 -4.22 -8.05 8.59
CA GLY A 24 -3.25 -8.93 9.19
C GLY A 24 -1.84 -8.39 9.12
N VAL A 25 -1.72 -7.07 9.04
CA VAL A 25 -0.42 -6.41 8.97
C VAL A 25 -0.42 -5.08 9.71
N ARG A 26 0.76 -4.62 10.10
CA ARG A 26 0.89 -3.36 10.83
C ARG A 26 1.84 -2.41 10.10
N ILE A 27 1.27 -1.45 9.38
CA ILE A 27 2.07 -0.49 8.63
C ILE A 27 2.43 0.71 9.51
N VAL A 28 3.61 1.27 9.27
CA VAL A 28 4.06 2.43 10.03
C VAL A 28 4.97 3.32 9.19
N VAL A 29 4.39 4.38 8.63
CA VAL A 29 5.14 5.31 7.80
C VAL A 29 5.99 6.25 8.65
N GLU A 30 7.29 5.95 8.72
CA GLU A 30 8.21 6.78 9.50
C GLU A 30 8.69 7.98 8.70
N TYR A 31 8.23 9.17 9.07
CA TYR A 31 8.61 10.39 8.39
C TYR A 31 8.75 11.54 9.37
N CYS A 32 9.44 12.60 8.94
CA CYS A 32 9.65 13.77 9.78
C CYS A 32 8.34 14.55 9.96
N GLU A 33 7.72 14.38 11.13
CA GLU A 33 6.47 15.06 11.42
C GLU A 33 6.62 16.58 11.24
N PRO A 34 7.50 17.19 12.05
CA PRO A 34 7.75 18.63 12.01
C PRO A 34 8.48 19.05 10.73
N CYS A 35 7.88 18.77 9.58
CA CYS A 35 8.47 19.11 8.29
C CYS A 35 7.39 19.43 7.26
N GLY A 36 6.37 18.58 7.21
CA GLY A 36 5.28 18.78 6.27
C GLY A 36 5.10 17.60 5.34
N PHE A 37 5.61 16.44 5.75
CA PHE A 37 5.49 15.22 4.95
C PHE A 37 4.22 14.46 5.30
N GLU A 38 3.41 15.04 6.18
CA GLU A 38 2.17 14.41 6.61
C GLU A 38 1.04 14.71 5.62
N ALA A 39 1.15 15.85 4.93
CA ALA A 39 0.14 16.25 3.96
C ALA A 39 -0.04 15.19 2.88
N THR A 40 1.00 14.37 2.69
CA THR A 40 0.96 13.31 1.68
C THR A 40 0.48 12.00 2.28
N TYR A 41 0.67 11.84 3.59
CA TYR A 41 0.26 10.62 4.28
C TYR A 41 -1.26 10.60 4.47
N LEU A 42 -1.87 11.77 4.46
CA LEU A 42 -3.31 11.89 4.63
C LEU A 42 -4.01 12.07 3.27
N GLU A 43 -3.27 12.59 2.31
CA GLU A 43 -3.80 12.83 0.97
C GLU A 43 -4.04 11.50 0.25
N LEU A 44 -3.49 10.43 0.81
CA LEU A 44 -3.65 9.10 0.22
C LEU A 44 -4.38 8.16 1.17
N ALA A 45 -4.18 8.37 2.46
CA ALA A 45 -4.83 7.55 3.48
C ALA A 45 -6.35 7.71 3.44
N SER A 46 -6.80 8.75 2.75
CA SER A 46 -8.24 9.02 2.64
C SER A 46 -8.92 7.94 1.82
N ALA A 47 -8.18 7.34 0.90
CA ALA A 47 -8.72 6.29 0.05
C ALA A 47 -8.04 4.94 0.32
N VAL A 48 -6.76 5.01 0.71
CA VAL A 48 -6.00 3.80 1.00
C VAL A 48 -6.62 3.03 2.16
N LYS A 49 -7.36 3.74 3.02
CA LYS A 49 -8.01 3.12 4.17
C LYS A 49 -9.16 2.23 3.73
N GLU A 50 -9.52 2.31 2.45
CA GLU A 50 -10.61 1.52 1.91
C GLU A 50 -10.08 0.22 1.30
N GLN A 51 -8.76 0.11 1.22
CA GLN A 51 -8.13 -1.09 0.66
C GLN A 51 -7.88 -2.13 1.74
N TYR A 52 -7.98 -1.71 3.00
CA TYR A 52 -7.77 -2.62 4.12
C TYR A 52 -8.08 -1.92 5.45
N PRO A 53 -9.38 -1.77 5.74
CA PRO A 53 -9.84 -1.12 6.98
C PRO A 53 -9.55 -1.96 8.22
N GLY A 54 -9.09 -3.20 8.00
CA GLY A 54 -8.78 -4.08 9.11
C GLY A 54 -7.37 -3.88 9.63
N ILE A 55 -6.43 -3.62 8.72
CA ILE A 55 -5.04 -3.42 9.10
C ILE A 55 -4.90 -2.24 10.05
N GLU A 56 -3.65 -1.88 10.36
CA GLU A 56 -3.39 -0.76 11.26
C GLU A 56 -2.19 0.06 10.77
N ILE A 57 -2.47 1.21 10.17
CA ILE A 57 -1.42 2.07 9.66
C ILE A 57 -1.35 3.37 10.46
N GLU A 58 -0.30 3.50 11.28
CA GLU A 58 -0.12 4.68 12.10
C GLU A 58 1.11 5.47 11.64
N SER A 59 1.25 6.69 12.18
CA SER A 59 2.38 7.54 11.81
C SER A 59 3.40 7.60 12.94
N ARG A 60 4.68 7.52 12.59
CA ARG A 60 5.75 7.56 13.58
C ARG A 60 6.79 8.60 13.20
N LEU A 61 7.72 8.87 14.11
CA LEU A 61 8.77 9.84 13.87
C LEU A 61 10.03 9.17 13.34
N GLY A 62 10.79 9.90 12.52
CA GLY A 62 12.01 9.35 11.96
C GLY A 62 13.25 10.00 12.53
N GLY A 63 13.35 11.32 12.39
CA GLY A 63 14.49 12.04 12.90
C GLY A 63 14.64 13.42 12.29
N THR A 64 14.90 13.47 10.99
CA THR A 64 15.06 14.74 10.28
C THR A 64 14.98 14.54 8.77
N GLY A 65 13.86 14.96 8.19
CA GLY A 65 13.68 14.83 6.76
C GLY A 65 13.93 13.41 6.27
N ALA A 66 13.05 12.50 6.65
CA ALA A 66 13.17 11.10 6.26
C ALA A 66 11.83 10.53 5.80
N PHE A 67 11.86 9.31 5.28
CA PHE A 67 10.65 8.65 4.80
C PHE A 67 10.79 7.14 4.86
N GLU A 68 11.27 6.64 6.00
CA GLU A 68 11.46 5.21 6.18
C GLU A 68 10.11 4.50 6.30
N ILE A 69 9.85 3.59 5.37
CA ILE A 69 8.59 2.84 5.37
C ILE A 69 8.73 1.55 6.16
N GLU A 70 7.73 1.25 6.99
CA GLU A 70 7.74 0.05 7.81
C GLU A 70 6.45 -0.74 7.63
N ILE A 71 6.53 -1.81 6.86
CA ILE A 71 5.36 -2.65 6.61
C ILE A 71 4.98 -3.46 7.84
N ASN A 72 5.96 -3.70 8.70
CA ASN A 72 5.74 -4.45 9.93
C ASN A 72 6.46 -3.81 11.11
N GLY A 73 6.51 -2.48 11.12
CA GLY A 73 7.18 -1.77 12.19
C GLY A 73 8.67 -1.68 11.99
N GLN A 74 9.18 -2.36 10.96
CA GLN A 74 10.60 -2.35 10.66
C GLN A 74 10.87 -1.83 9.26
N LEU A 75 12.02 -1.19 9.07
CA LEU A 75 12.39 -0.64 7.78
C LEU A 75 12.56 -1.75 6.74
N VAL A 76 11.74 -1.70 5.69
CA VAL A 76 11.81 -2.69 4.63
C VAL A 76 12.15 -2.04 3.30
N PHE A 77 11.80 -0.77 3.16
CA PHE A 77 12.07 -0.04 1.93
C PHE A 77 12.16 1.47 2.19
N SER A 78 13.37 1.97 2.35
CA SER A 78 13.58 3.39 2.62
C SER A 78 13.61 4.19 1.32
N LYS A 79 13.33 5.48 1.42
CA LYS A 79 13.32 6.35 0.26
C LYS A 79 14.55 7.25 0.24
N LEU A 80 15.16 7.43 1.41
CA LEU A 80 16.36 8.26 1.52
C LEU A 80 17.58 7.53 0.96
N GLU A 81 17.48 6.21 0.86
CA GLU A 81 18.58 5.41 0.34
C GLU A 81 18.36 5.06 -1.13
N ASN A 82 17.28 4.32 -1.40
CA ASN A 82 16.96 3.93 -2.77
C ASN A 82 16.91 5.14 -3.69
N GLY A 83 16.44 6.27 -3.16
CA GLY A 83 16.36 7.48 -3.94
C GLY A 83 15.22 7.45 -4.93
N GLY A 84 14.02 7.12 -4.46
CA GLY A 84 12.86 7.06 -5.33
C GLY A 84 11.62 7.62 -4.68
N PHE A 85 10.45 7.11 -5.08
CA PHE A 85 9.19 7.58 -4.54
C PHE A 85 8.24 6.41 -4.28
N PRO A 86 7.31 6.60 -3.33
CA PRO A 86 6.33 5.58 -2.97
C PRO A 86 5.30 5.35 -4.07
N TYR A 87 4.50 4.30 -3.92
CA TYR A 87 3.47 3.98 -4.91
C TYR A 87 2.24 3.39 -4.23
N GLU A 88 1.08 3.58 -4.85
CA GLU A 88 -0.18 3.07 -4.31
C GLU A 88 -0.21 1.54 -4.39
N LYS A 89 0.57 0.99 -5.31
CA LYS A 89 0.63 -0.45 -5.50
C LYS A 89 1.80 -1.06 -4.72
N ASP A 90 2.75 -0.21 -4.35
CA ASP A 90 3.93 -0.66 -3.61
C ASP A 90 3.62 -0.74 -2.11
N LEU A 91 2.63 0.04 -1.67
CA LEU A 91 2.25 0.05 -0.27
C LEU A 91 1.20 -1.01 0.02
N ILE A 92 0.49 -1.44 -1.01
CA ILE A 92 -0.55 -2.46 -0.87
C ILE A 92 0.03 -3.85 -1.11
N GLU A 93 1.08 -3.93 -1.92
CA GLU A 93 1.71 -5.20 -2.22
C GLU A 93 2.58 -5.67 -1.06
N ALA A 94 2.72 -4.81 -0.06
CA ALA A 94 3.53 -5.12 1.12
C ALA A 94 2.75 -5.98 2.10
N ILE A 95 1.52 -5.57 2.40
CA ILE A 95 0.66 -6.30 3.34
C ILE A 95 0.13 -7.57 2.69
N ARG A 96 0.14 -7.61 1.37
CA ARG A 96 -0.36 -8.77 0.63
C ARG A 96 0.58 -9.96 0.82
N ARG A 97 1.88 -9.69 0.87
CA ARG A 97 2.88 -10.72 1.04
C ARG A 97 3.28 -10.88 2.51
N ALA A 98 3.15 -9.78 3.25
CA ALA A 98 3.49 -9.79 4.67
C ALA A 98 2.51 -10.66 5.46
N SER A 99 1.22 -10.50 5.17
CA SER A 99 0.18 -11.26 5.86
C SER A 99 0.19 -12.72 5.41
N ASN A 100 0.89 -12.99 4.32
CA ASN A 100 0.98 -14.34 3.77
C ASN A 100 1.66 -15.28 4.76
N GLY A 101 2.56 -14.72 5.57
CA GLY A 101 3.27 -15.52 6.55
C GLY A 101 4.67 -15.90 6.08
N GLU A 102 5.14 -15.23 5.05
CA GLU A 102 6.47 -15.50 4.50
C GLU A 102 7.42 -14.34 4.77
N THR A 103 8.73 -14.62 4.77
CA THR A 103 9.73 -13.60 5.02
C THR A 103 10.04 -12.82 3.74
N LEU A 104 10.23 -11.51 3.89
CA LEU A 104 10.54 -10.65 2.75
C LEU A 104 12.04 -10.37 2.67
N GLU A 105 12.58 -10.44 1.46
CA GLU A 105 14.00 -10.18 1.25
C GLU A 105 14.23 -9.39 -0.02
N LYS A 106 15.00 -8.31 0.09
CA LYS A 106 15.30 -7.46 -1.05
C LYS A 106 15.89 -8.27 -2.20
N ILE A 107 15.65 -7.81 -3.43
CA ILE A 107 16.16 -8.50 -4.61
C ILE A 107 17.06 -7.58 -5.43
N THR A 108 18.27 -8.04 -5.71
CA THR A 108 19.22 -7.27 -6.49
C THR A 108 19.29 -7.76 -7.94
N ASN A 109 18.21 -8.39 -8.39
CA ASN A 109 18.15 -8.91 -9.75
C ASN A 109 16.70 -8.96 -10.24
N SER A 110 16.33 -7.99 -11.09
CA SER A 110 14.99 -7.92 -11.63
C SER A 110 14.94 -6.99 -12.84
N ARG A 111 13.81 -6.98 -13.53
CA ARG A 111 13.63 -6.15 -14.71
C ARG A 111 12.29 -5.44 -14.68
N PRO A 112 12.21 -4.28 -15.35
CA PRO A 112 10.99 -3.48 -15.42
C PRO A 112 9.90 -4.15 -16.26
N PRO A 113 8.67 -3.61 -16.16
CA PRO A 113 7.52 -4.15 -16.91
C PRO A 113 7.63 -3.88 -18.40
N CYS A 114 7.23 -4.86 -19.20
CA CYS A 114 7.28 -4.74 -20.65
C CYS A 114 5.88 -4.51 -21.23
N VAL A 115 4.99 -3.96 -20.41
CA VAL A 115 3.62 -3.69 -20.84
C VAL A 115 3.59 -2.68 -21.98
N ILE A 116 2.40 -2.45 -22.52
CA ILE A 116 2.24 -1.50 -23.62
C ILE A 116 1.18 -0.46 -23.28
N LEU A 117 1.61 0.77 -23.03
CA LEU A 117 0.70 1.86 -22.71
C LEU A 117 0.05 2.43 -23.96
N GLY A 1 -10.88 29.21 -5.32
CA GLY A 1 -11.63 27.96 -5.43
C GLY A 1 -10.97 26.97 -6.35
N SER A 2 -11.66 25.86 -6.63
CA SER A 2 -11.12 24.81 -7.50
C SER A 2 -12.23 24.21 -8.36
N MET A 3 -11.82 23.46 -9.38
CA MET A 3 -12.78 22.82 -10.27
C MET A 3 -13.07 21.39 -9.82
N SER A 4 -14.01 20.74 -10.50
CA SER A 4 -14.39 19.37 -10.17
C SER A 4 -13.49 18.37 -10.89
N GLY A 5 -13.52 17.13 -10.43
CA GLY A 5 -12.71 16.09 -11.05
C GLY A 5 -13.49 15.24 -12.03
N GLU A 6 -13.86 14.04 -11.59
CA GLU A 6 -14.62 13.12 -12.44
C GLU A 6 -15.57 12.27 -11.60
N PRO A 7 -16.57 11.67 -12.26
CA PRO A 7 -17.56 10.82 -11.61
C PRO A 7 -16.96 9.50 -11.11
N GLY A 8 -17.83 8.61 -10.63
CA GLY A 8 -17.37 7.33 -10.14
C GLY A 8 -17.72 6.18 -11.07
N GLN A 9 -16.82 5.22 -11.20
CA GLN A 9 -17.04 4.07 -12.06
C GLN A 9 -17.51 2.86 -11.26
N THR A 10 -17.08 2.80 -10.00
CA THR A 10 -17.45 1.70 -9.12
C THR A 10 -18.96 1.60 -8.97
N SER A 11 -19.46 0.37 -8.85
CA SER A 11 -20.88 0.13 -8.70
C SER A 11 -21.25 -0.06 -7.23
N VAL A 12 -22.55 -0.23 -6.97
CA VAL A 12 -23.03 -0.43 -5.60
C VAL A 12 -23.77 -1.75 -5.48
N ALA A 13 -23.45 -2.50 -4.42
CA ALA A 13 -24.09 -3.79 -4.17
C ALA A 13 -23.59 -4.41 -2.86
N PRO A 14 -24.37 -5.35 -2.33
CA PRO A 14 -24.03 -6.04 -1.08
C PRO A 14 -22.82 -6.97 -1.23
N PRO A 15 -21.72 -6.61 -0.58
CA PRO A 15 -20.48 -7.39 -0.62
C PRO A 15 -20.60 -8.72 0.12
N PRO A 16 -19.63 -9.61 -0.08
CA PRO A 16 -19.60 -10.93 0.56
C PRO A 16 -19.35 -10.83 2.06
N GLU A 17 -19.10 -11.98 2.70
CA GLU A 17 -18.85 -12.02 4.13
C GLU A 17 -17.75 -11.04 4.51
N GLU A 18 -17.59 -10.80 5.82
CA GLU A 18 -16.57 -9.89 6.31
C GLU A 18 -15.45 -10.65 7.02
N VAL A 19 -14.27 -10.63 6.41
CA VAL A 19 -13.11 -11.31 6.98
C VAL A 19 -11.84 -10.49 6.81
N GLU A 20 -11.16 -10.23 7.93
CA GLU A 20 -9.94 -9.44 7.90
C GLU A 20 -8.76 -10.26 8.44
N PRO A 21 -8.34 -11.27 7.67
CA PRO A 21 -7.22 -12.14 8.05
C PRO A 21 -5.88 -11.42 8.01
N GLY A 22 -5.75 -10.47 7.08
CA GLY A 22 -4.52 -9.72 6.95
C GLY A 22 -4.17 -8.94 8.22
N SER A 23 -5.16 -8.78 9.08
CA SER A 23 -4.97 -8.04 10.33
C SER A 23 -3.74 -8.55 11.07
N GLY A 24 -2.92 -7.63 11.57
CA GLY A 24 -1.73 -8.00 12.30
C GLY A 24 -0.48 -7.34 11.74
N VAL A 25 -0.64 -6.15 11.17
CA VAL A 25 0.49 -5.42 10.60
C VAL A 25 0.32 -3.92 10.81
N ARG A 26 1.44 -3.19 10.75
CA ARG A 26 1.41 -1.75 10.93
C ARG A 26 2.04 -1.04 9.73
N ILE A 27 1.22 -0.76 8.72
CA ILE A 27 1.70 -0.08 7.52
C ILE A 27 1.96 1.39 7.79
N VAL A 28 2.99 1.93 7.14
CA VAL A 28 3.35 3.33 7.31
C VAL A 28 4.01 3.88 6.04
N VAL A 29 3.22 4.54 5.20
CA VAL A 29 3.73 5.11 3.97
C VAL A 29 4.52 6.39 4.24
N GLU A 30 5.84 6.30 4.15
CA GLU A 30 6.71 7.45 4.38
C GLU A 30 6.91 8.25 3.10
N TYR A 31 6.28 9.41 3.03
CA TYR A 31 6.39 10.27 1.86
C TYR A 31 6.41 11.74 2.26
N CYS A 32 6.87 12.59 1.35
CA CYS A 32 6.95 14.03 1.61
C CYS A 32 5.55 14.64 1.62
N GLU A 33 5.07 14.97 2.82
CA GLU A 33 3.75 15.57 2.97
C GLU A 33 3.64 16.85 2.14
N PRO A 34 4.47 17.85 2.48
CA PRO A 34 4.49 19.14 1.78
C PRO A 34 5.04 19.02 0.36
N CYS A 35 4.39 18.20 -0.46
CA CYS A 35 4.81 18.00 -1.83
C CYS A 35 3.61 17.71 -2.74
N GLY A 36 2.71 16.86 -2.27
CA GLY A 36 1.54 16.51 -3.04
C GLY A 36 1.41 15.02 -3.28
N PHE A 37 2.26 14.24 -2.62
CA PHE A 37 2.24 12.80 -2.76
C PHE A 37 1.10 12.18 -1.94
N GLU A 38 0.55 12.96 -1.02
CA GLU A 38 -0.54 12.50 -0.18
C GLU A 38 -1.79 12.22 -1.02
N ALA A 39 -1.96 12.99 -2.08
CA ALA A 39 -3.11 12.82 -2.96
C ALA A 39 -3.25 11.38 -3.42
N THR A 40 -2.18 10.83 -3.98
CA THR A 40 -2.19 9.45 -4.46
C THR A 40 -2.43 8.48 -3.31
N TYR A 41 -1.75 8.69 -2.20
CA TYR A 41 -1.90 7.83 -1.02
C TYR A 41 -3.35 7.75 -0.59
N LEU A 42 -4.05 8.89 -0.68
CA LEU A 42 -5.46 8.95 -0.29
C LEU A 42 -6.36 8.49 -1.42
N GLU A 43 -5.85 8.57 -2.65
CA GLU A 43 -6.62 8.15 -3.82
C GLU A 43 -6.78 6.63 -3.85
N LEU A 44 -5.96 5.93 -3.07
CA LEU A 44 -6.02 4.48 -3.01
C LEU A 44 -6.36 4.02 -1.58
N ALA A 45 -5.96 4.81 -0.60
CA ALA A 45 -6.22 4.48 0.80
C ALA A 45 -7.69 4.17 1.02
N SER A 46 -8.57 4.96 0.38
CA SER A 46 -10.00 4.76 0.52
C SER A 46 -10.40 3.33 0.18
N ALA A 47 -9.56 2.67 -0.61
CA ALA A 47 -9.83 1.30 -1.01
C ALA A 47 -8.90 0.33 -0.28
N VAL A 48 -7.73 0.82 0.13
CA VAL A 48 -6.76 -0.01 0.85
C VAL A 48 -7.25 -0.31 2.26
N LYS A 49 -7.98 0.63 2.85
CA LYS A 49 -8.50 0.46 4.20
C LYS A 49 -9.62 -0.56 4.23
N GLU A 50 -10.27 -0.75 3.08
CA GLU A 50 -11.37 -1.69 2.97
C GLU A 50 -10.85 -3.12 2.83
N GLN A 51 -9.53 -3.26 2.76
CA GLN A 51 -8.90 -4.57 2.63
C GLN A 51 -8.59 -5.16 4.00
N TYR A 52 -8.01 -4.34 4.87
CA TYR A 52 -7.66 -4.79 6.21
C TYR A 52 -7.96 -3.70 7.25
N PRO A 53 -9.23 -3.61 7.65
CA PRO A 53 -9.67 -2.62 8.65
C PRO A 53 -9.15 -2.91 10.04
N GLY A 54 -8.51 -4.07 10.19
CA GLY A 54 -7.96 -4.45 11.48
C GLY A 54 -6.56 -3.91 11.70
N ILE A 55 -5.77 -3.89 10.65
CA ILE A 55 -4.40 -3.39 10.73
C ILE A 55 -4.37 -1.92 11.14
N GLU A 56 -3.19 -1.31 11.07
CA GLU A 56 -3.03 0.09 11.43
C GLU A 56 -2.15 0.82 10.43
N ILE A 57 -2.78 1.59 9.54
CA ILE A 57 -2.06 2.34 8.53
C ILE A 57 -2.12 3.84 8.81
N GLU A 58 -1.01 4.53 8.55
CA GLU A 58 -0.94 5.97 8.77
C GLU A 58 0.11 6.60 7.86
N SER A 59 0.13 7.93 7.84
CA SER A 59 1.09 8.66 7.00
C SER A 59 2.27 9.14 7.84
N ARG A 60 3.47 8.98 7.30
CA ARG A 60 4.69 9.40 7.99
C ARG A 60 5.54 10.29 7.10
N LEU A 61 6.24 11.24 7.72
CA LEU A 61 7.09 12.17 6.98
C LEU A 61 8.36 11.47 6.51
N GLY A 62 8.82 11.84 5.31
CA GLY A 62 10.03 11.24 4.77
C GLY A 62 11.19 12.21 4.76
N GLY A 63 10.98 13.40 4.18
CA GLY A 63 12.04 14.39 4.12
C GLY A 63 11.86 15.36 2.96
N THR A 64 12.08 14.87 1.75
CA THR A 64 11.95 15.69 0.55
C THR A 64 11.79 14.84 -0.70
N GLY A 65 10.59 14.85 -1.27
CA GLY A 65 10.34 14.08 -2.46
C GLY A 65 10.75 12.62 -2.31
N ALA A 66 10.17 11.94 -1.32
CA ALA A 66 10.48 10.55 -1.07
C ALA A 66 9.21 9.70 -1.04
N PHE A 67 9.37 8.39 -1.11
CA PHE A 67 8.24 7.47 -1.09
C PHE A 67 8.63 6.14 -0.44
N GLU A 68 9.36 6.22 0.67
CA GLU A 68 9.79 5.03 1.38
C GLU A 68 8.61 4.32 2.04
N ILE A 69 8.33 3.11 1.57
CA ILE A 69 7.22 2.33 2.10
C ILE A 69 7.66 1.48 3.29
N GLU A 70 6.86 1.48 4.35
CA GLU A 70 7.18 0.71 5.55
C GLU A 70 6.01 -0.19 5.95
N ILE A 71 6.11 -1.46 5.62
CA ILE A 71 5.06 -2.43 5.93
C ILE A 71 5.01 -2.69 7.43
N ASN A 72 6.12 -2.48 8.12
CA ASN A 72 6.20 -2.69 9.55
C ASN A 72 6.98 -1.57 10.24
N GLY A 73 6.86 -0.35 9.70
CA GLY A 73 7.56 0.78 10.26
C GLY A 73 8.99 0.89 9.75
N GLN A 74 9.42 -0.10 8.99
CA GLN A 74 10.77 -0.11 8.44
C GLN A 74 10.74 -0.16 6.92
N LEU A 75 11.75 0.44 6.29
CA LEU A 75 11.84 0.47 4.83
C LEU A 75 12.05 -0.94 4.28
N VAL A 76 11.15 -1.37 3.41
CA VAL A 76 11.24 -2.70 2.80
C VAL A 76 11.36 -2.60 1.29
N PHE A 77 10.85 -1.52 0.73
CA PHE A 77 10.90 -1.30 -0.72
C PHE A 77 10.81 0.19 -1.05
N SER A 78 11.96 0.80 -1.29
CA SER A 78 12.02 2.23 -1.63
C SER A 78 11.68 2.45 -3.10
N LYS A 79 11.15 3.64 -3.40
CA LYS A 79 10.79 3.99 -4.76
C LYS A 79 11.82 4.92 -5.37
N LEU A 80 12.57 5.62 -4.52
CA LEU A 80 13.60 6.54 -4.98
C LEU A 80 14.80 5.79 -5.54
N GLU A 81 14.91 4.51 -5.20
CA GLU A 81 16.01 3.68 -5.68
C GLU A 81 15.61 2.93 -6.94
N ASN A 82 14.59 2.09 -6.83
CA ASN A 82 14.11 1.31 -7.97
C ASN A 82 13.71 2.22 -9.12
N GLY A 83 12.90 3.22 -8.82
CA GLY A 83 12.44 4.15 -9.83
C GLY A 83 11.07 3.80 -10.37
N GLY A 84 10.18 3.36 -9.47
CA GLY A 84 8.83 3.00 -9.88
C GLY A 84 8.05 2.35 -8.77
N PHE A 85 6.99 3.02 -8.33
CA PHE A 85 6.15 2.50 -7.25
C PHE A 85 5.64 1.11 -7.59
N PRO A 86 5.29 0.34 -6.54
CA PRO A 86 4.79 -1.02 -6.70
C PRO A 86 3.38 -1.06 -7.30
N TYR A 87 2.76 -2.23 -7.29
CA TYR A 87 1.42 -2.39 -7.83
C TYR A 87 0.38 -2.44 -6.72
N GLU A 88 -0.88 -2.59 -7.11
CA GLU A 88 -1.97 -2.65 -6.15
C GLU A 88 -2.03 -4.01 -5.47
N LYS A 89 -1.79 -5.07 -6.25
CA LYS A 89 -1.82 -6.43 -5.73
C LYS A 89 -0.50 -6.77 -5.03
N ASP A 90 0.57 -6.13 -5.47
CA ASP A 90 1.89 -6.36 -4.88
C ASP A 90 2.09 -5.49 -3.64
N LEU A 91 1.14 -4.59 -3.39
CA LEU A 91 1.22 -3.70 -2.23
C LEU A 91 0.44 -4.28 -1.05
N ILE A 92 -0.49 -5.18 -1.35
CA ILE A 92 -1.29 -5.82 -0.30
C ILE A 92 -0.72 -7.18 0.07
N GLU A 93 0.16 -7.70 -0.76
CA GLU A 93 0.78 -9.00 -0.51
C GLU A 93 1.83 -8.90 0.60
N ALA A 94 2.10 -7.67 1.03
CA ALA A 94 3.08 -7.44 2.09
C ALA A 94 2.56 -7.97 3.43
N ILE A 95 1.48 -7.38 3.91
CA ILE A 95 0.89 -7.80 5.19
C ILE A 95 0.56 -9.28 5.18
N ARG A 96 0.35 -9.84 3.98
CA ARG A 96 0.03 -11.25 3.84
C ARG A 96 1.07 -12.13 4.53
N ARG A 97 2.34 -11.85 4.27
CA ARG A 97 3.43 -12.60 4.88
C ARG A 97 3.88 -11.96 6.17
N ALA A 98 3.83 -10.63 6.23
CA ALA A 98 4.23 -9.90 7.42
C ALA A 98 3.38 -10.29 8.62
N SER A 99 2.08 -10.40 8.41
CA SER A 99 1.15 -10.75 9.47
C SER A 99 1.30 -12.23 9.85
N ASN A 100 1.99 -12.98 9.01
CA ASN A 100 2.21 -14.40 9.24
C ASN A 100 3.01 -14.62 10.52
N GLY A 101 3.85 -13.65 10.86
CA GLY A 101 4.66 -13.76 12.06
C GLY A 101 6.10 -13.35 11.83
N GLU A 102 6.44 -13.09 10.56
CA GLU A 102 7.80 -12.68 10.22
C GLU A 102 7.79 -11.68 9.07
N THR A 103 8.37 -10.50 9.31
CA THR A 103 8.43 -9.46 8.30
C THR A 103 9.35 -9.84 7.15
N LEU A 104 9.26 -9.11 6.05
CA LEU A 104 10.09 -9.37 4.88
C LEU A 104 10.91 -8.15 4.49
N GLU A 105 12.21 -8.34 4.33
CA GLU A 105 13.10 -7.24 3.96
C GLU A 105 14.17 -7.72 3.00
N LYS A 106 13.95 -7.47 1.71
CA LYS A 106 14.90 -7.87 0.68
C LYS A 106 14.54 -7.26 -0.67
N ILE A 107 15.56 -6.95 -1.47
CA ILE A 107 15.35 -6.36 -2.78
C ILE A 107 16.22 -7.05 -3.84
N THR A 108 15.63 -7.29 -5.00
CA THR A 108 16.35 -7.94 -6.10
C THR A 108 16.42 -7.03 -7.33
N ASN A 109 15.70 -5.91 -7.27
CA ASN A 109 15.69 -4.96 -8.37
C ASN A 109 15.33 -5.65 -9.68
N SER A 110 14.52 -6.70 -9.59
CA SER A 110 14.11 -7.45 -10.77
C SER A 110 12.98 -8.42 -10.43
N ARG A 111 12.57 -9.21 -11.42
CA ARG A 111 11.50 -10.18 -11.22
C ARG A 111 10.28 -9.53 -10.59
N PRO A 112 9.53 -8.75 -11.39
CA PRO A 112 8.34 -8.05 -10.93
C PRO A 112 7.18 -9.01 -10.65
N PRO A 113 6.13 -8.49 -9.99
CA PRO A 113 4.95 -9.29 -9.64
C PRO A 113 4.12 -9.67 -10.85
N CYS A 114 4.28 -10.91 -11.32
CA CYS A 114 3.56 -11.39 -12.48
C CYS A 114 3.16 -12.86 -12.30
N VAL A 115 1.93 -13.09 -11.88
CA VAL A 115 1.43 -14.44 -11.66
C VAL A 115 0.23 -14.74 -12.56
N ILE A 116 -0.33 -15.93 -12.43
CA ILE A 116 -1.48 -16.33 -13.22
C ILE A 116 -2.44 -17.19 -12.41
N LEU A 117 -3.68 -16.74 -12.28
CA LEU A 117 -4.69 -17.47 -11.53
C LEU A 117 -5.15 -18.71 -12.29
N GLY A 1 -0.13 15.55 -21.93
CA GLY A 1 -1.49 15.23 -21.52
C GLY A 1 -1.62 15.11 -20.01
N SER A 2 -2.67 14.43 -19.57
CA SER A 2 -2.92 14.24 -18.14
C SER A 2 -3.61 12.91 -17.88
N MET A 3 -3.52 12.44 -16.63
CA MET A 3 -4.13 11.18 -16.25
C MET A 3 -5.29 11.41 -15.27
N SER A 4 -6.08 10.36 -15.04
CA SER A 4 -7.21 10.46 -14.12
C SER A 4 -7.34 9.19 -13.29
N GLY A 5 -8.24 9.21 -12.31
CA GLY A 5 -8.44 8.07 -11.45
C GLY A 5 -9.87 7.96 -10.97
N GLU A 6 -10.44 9.08 -10.53
CA GLU A 6 -11.81 9.10 -10.04
C GLU A 6 -11.95 8.23 -8.79
N PRO A 7 -13.05 8.43 -8.05
CA PRO A 7 -13.33 7.67 -6.83
C PRO A 7 -13.68 6.22 -7.12
N GLY A 8 -14.10 5.50 -6.08
CA GLY A 8 -14.47 4.10 -6.25
C GLY A 8 -15.85 3.93 -6.87
N GLN A 9 -16.33 2.70 -6.91
CA GLN A 9 -17.64 2.40 -7.48
C GLN A 9 -18.37 1.34 -6.66
N THR A 10 -19.34 1.78 -5.85
CA THR A 10 -20.10 0.88 -5.02
C THR A 10 -21.58 1.27 -4.98
N SER A 11 -22.42 0.34 -4.56
CA SER A 11 -23.86 0.60 -4.49
C SER A 11 -24.21 1.35 -3.21
N VAL A 12 -25.50 1.60 -3.02
CA VAL A 12 -25.96 2.32 -1.83
C VAL A 12 -26.34 1.35 -0.71
N ALA A 13 -25.43 1.19 0.25
CA ALA A 13 -25.66 0.29 1.37
C ALA A 13 -24.49 0.33 2.35
N PRO A 14 -24.73 -0.11 3.59
CA PRO A 14 -23.71 -0.13 4.64
C PRO A 14 -22.64 -1.19 4.38
N PRO A 15 -21.53 -1.12 5.14
CA PRO A 15 -20.42 -2.06 5.01
C PRO A 15 -20.79 -3.46 5.49
N PRO A 16 -19.92 -4.44 5.18
CA PRO A 16 -20.12 -5.83 5.57
C PRO A 16 -19.96 -6.04 7.08
N GLU A 17 -19.99 -7.30 7.50
CA GLU A 17 -19.84 -7.63 8.91
C GLU A 17 -18.60 -6.96 9.51
N GLU A 18 -18.53 -6.93 10.83
CA GLU A 18 -17.41 -6.31 11.53
C GLU A 18 -16.44 -7.38 12.04
N VAL A 19 -15.46 -7.73 11.21
CA VAL A 19 -14.47 -8.73 11.59
C VAL A 19 -13.07 -8.30 11.16
N GLU A 20 -12.09 -8.57 12.02
CA GLU A 20 -10.71 -8.21 11.74
C GLU A 20 -9.82 -9.45 11.67
N PRO A 21 -10.04 -10.27 10.63
CA PRO A 21 -9.26 -11.51 10.43
C PRO A 21 -7.82 -11.23 10.04
N GLY A 22 -7.58 -10.07 9.44
CA GLY A 22 -6.23 -9.71 9.03
C GLY A 22 -5.51 -8.91 10.10
N SER A 23 -6.03 -8.93 11.32
CA SER A 23 -5.43 -8.19 12.42
C SER A 23 -4.11 -8.84 12.84
N GLY A 24 -3.12 -8.00 13.15
CA GLY A 24 -1.83 -8.50 13.57
C GLY A 24 -0.69 -7.95 12.72
N VAL A 25 -0.94 -6.83 12.05
CA VAL A 25 0.06 -6.20 11.20
C VAL A 25 -0.08 -4.69 11.22
N ARG A 26 1.03 -3.99 11.02
CA ARG A 26 1.04 -2.53 11.02
C ARG A 26 1.63 -2.00 9.71
N ILE A 27 0.75 -1.64 8.78
CA ILE A 27 1.18 -1.12 7.49
C ILE A 27 1.59 0.35 7.61
N VAL A 28 2.58 0.74 6.81
CA VAL A 28 3.06 2.12 6.82
C VAL A 28 3.59 2.52 5.45
N VAL A 29 2.78 3.26 4.70
CA VAL A 29 3.17 3.72 3.37
C VAL A 29 4.09 4.93 3.45
N GLU A 30 5.24 4.84 2.80
CA GLU A 30 6.21 5.93 2.80
C GLU A 30 6.24 6.63 1.45
N TYR A 31 5.68 7.84 1.40
CA TYR A 31 5.64 8.62 0.17
C TYR A 31 5.83 10.10 0.46
N CYS A 32 6.21 10.86 -0.57
CA CYS A 32 6.43 12.29 -0.44
C CYS A 32 5.10 13.04 -0.38
N GLU A 33 4.73 13.49 0.82
CA GLU A 33 3.48 14.22 1.01
C GLU A 33 3.45 15.47 0.13
N PRO A 34 4.43 16.37 0.34
CA PRO A 34 4.53 17.61 -0.42
C PRO A 34 4.91 17.38 -1.87
N CYS A 35 4.16 16.52 -2.56
CA CYS A 35 4.42 16.20 -3.95
C CYS A 35 3.12 15.94 -4.70
N GLY A 36 2.21 15.24 -4.06
CA GLY A 36 0.93 14.92 -4.68
C GLY A 36 0.68 13.44 -4.77
N PHE A 37 1.41 12.66 -4.00
CA PHE A 37 1.27 11.20 -4.00
C PHE A 37 0.13 10.77 -3.08
N GLU A 38 -0.49 11.75 -2.42
CA GLU A 38 -1.59 11.46 -1.50
C GLU A 38 -2.89 11.26 -2.27
N ALA A 39 -2.84 11.51 -3.57
CA ALA A 39 -4.03 11.36 -4.42
C ALA A 39 -4.20 9.91 -4.87
N THR A 40 -3.24 9.07 -4.48
CA THR A 40 -3.29 7.66 -4.85
C THR A 40 -3.42 6.77 -3.61
N TYR A 41 -3.07 7.31 -2.46
CA TYR A 41 -3.16 6.58 -1.21
C TYR A 41 -4.52 6.79 -0.54
N LEU A 42 -5.11 7.95 -0.78
CA LEU A 42 -6.41 8.28 -0.21
C LEU A 42 -7.51 7.45 -0.85
N GLU A 43 -7.30 7.06 -2.10
CA GLU A 43 -8.27 6.25 -2.82
C GLU A 43 -8.36 4.84 -2.25
N LEU A 44 -7.24 4.37 -1.71
CA LEU A 44 -7.19 3.03 -1.12
C LEU A 44 -7.29 3.10 0.40
N ALA A 45 -7.07 4.29 0.95
CA ALA A 45 -7.14 4.49 2.39
C ALA A 45 -8.59 4.44 2.87
N SER A 46 -9.52 4.67 1.96
CA SER A 46 -10.94 4.66 2.30
C SER A 46 -11.56 3.30 2.01
N ALA A 47 -10.76 2.41 1.42
CA ALA A 47 -11.23 1.07 1.11
C ALA A 47 -10.47 0.01 1.90
N VAL A 48 -9.27 0.37 2.34
CA VAL A 48 -8.44 -0.54 3.11
C VAL A 48 -8.94 -0.66 4.55
N LYS A 49 -9.58 0.38 5.03
CA LYS A 49 -10.12 0.40 6.39
C LYS A 49 -11.42 -0.38 6.47
N GLU A 50 -12.12 -0.48 5.34
CA GLU A 50 -13.38 -1.20 5.28
C GLU A 50 -13.15 -2.71 5.24
N GLN A 51 -11.94 -3.11 4.88
CA GLN A 51 -11.58 -4.51 4.80
C GLN A 51 -11.03 -5.02 6.13
N TYR A 52 -9.93 -4.43 6.57
CA TYR A 52 -9.29 -4.82 7.82
C TYR A 52 -9.24 -3.64 8.78
N PRO A 53 -10.38 -3.35 9.43
CA PRO A 53 -10.49 -2.25 10.39
C PRO A 53 -9.73 -2.53 11.68
N GLY A 54 -9.23 -3.76 11.81
CA GLY A 54 -8.49 -4.13 13.00
C GLY A 54 -7.02 -3.77 12.90
N ILE A 55 -6.46 -3.92 11.70
CA ILE A 55 -5.05 -3.60 11.48
C ILE A 55 -4.77 -2.13 11.73
N GLU A 56 -3.55 -1.69 11.40
CA GLU A 56 -3.16 -0.30 11.58
C GLU A 56 -2.35 0.19 10.39
N ILE A 57 -2.90 1.15 9.65
CA ILE A 57 -2.23 1.71 8.49
C ILE A 57 -2.20 3.23 8.56
N GLU A 58 -1.08 3.81 8.13
CA GLU A 58 -0.91 5.26 8.14
C GLU A 58 0.11 5.70 7.10
N SER A 59 0.17 7.00 6.84
CA SER A 59 1.10 7.55 5.87
C SER A 59 2.32 8.16 6.57
N ARG A 60 3.50 7.93 5.99
CA ARG A 60 4.73 8.46 6.55
C ARG A 60 5.56 9.16 5.48
N LEU A 61 6.28 10.21 5.90
CA LEU A 61 7.12 10.96 4.97
C LEU A 61 8.21 10.09 4.37
N GLY A 62 8.60 10.39 3.13
CA GLY A 62 9.64 9.62 2.48
C GLY A 62 10.87 10.45 2.16
N GLY A 63 10.69 11.47 1.33
CA GLY A 63 11.80 12.33 0.95
C GLY A 63 11.51 13.15 -0.29
N THR A 64 11.39 12.48 -1.42
CA THR A 64 11.11 13.16 -2.69
C THR A 64 10.80 12.14 -3.79
N GLY A 65 9.55 12.16 -4.26
CA GLY A 65 9.15 11.24 -5.31
C GLY A 65 9.49 9.80 -4.99
N ALA A 66 8.98 9.31 -3.87
CA ALA A 66 9.23 7.93 -3.44
C ALA A 66 7.95 7.25 -2.99
N PHE A 67 7.97 5.92 -2.97
CA PHE A 67 6.80 5.15 -2.56
C PHE A 67 7.21 3.84 -1.90
N GLU A 68 7.98 3.96 -0.81
CA GLU A 68 8.45 2.79 -0.08
C GLU A 68 7.35 2.25 0.84
N ILE A 69 6.88 1.04 0.55
CA ILE A 69 5.84 0.41 1.35
C ILE A 69 6.44 -0.43 2.46
N GLU A 70 5.83 -0.36 3.64
CA GLU A 70 6.30 -1.12 4.80
C GLU A 70 5.15 -1.85 5.47
N ILE A 71 5.02 -3.14 5.17
CA ILE A 71 3.95 -3.96 5.75
C ILE A 71 4.13 -4.09 7.27
N ASN A 72 5.37 -3.96 7.72
CA ASN A 72 5.67 -4.06 9.14
C ASN A 72 6.81 -3.12 9.53
N GLY A 73 6.73 -1.89 9.05
CA GLY A 73 7.76 -0.90 9.36
C GLY A 73 9.07 -1.19 8.65
N GLN A 74 9.05 -2.17 7.75
CA GLN A 74 10.24 -2.55 7.00
C GLN A 74 9.97 -2.54 5.49
N LEU A 75 10.71 -1.71 4.78
CA LEU A 75 10.55 -1.61 3.33
C LEU A 75 10.68 -2.97 2.66
N VAL A 76 9.61 -3.42 2.02
CA VAL A 76 9.61 -4.71 1.35
C VAL A 76 9.39 -4.55 -0.15
N PHE A 77 8.78 -3.43 -0.54
CA PHE A 77 8.49 -3.15 -1.94
C PHE A 77 8.34 -1.64 -2.17
N SER A 78 9.12 -1.12 -3.12
CA SER A 78 9.06 0.30 -3.44
C SER A 78 8.84 0.52 -4.94
N LYS A 79 8.26 1.66 -5.28
CA LYS A 79 7.99 1.99 -6.68
C LYS A 79 9.26 2.48 -7.37
N LEU A 80 10.21 2.95 -6.58
CA LEU A 80 11.47 3.46 -7.13
C LEU A 80 12.41 2.31 -7.48
N GLU A 81 12.16 1.15 -6.88
CA GLU A 81 12.98 -0.03 -7.13
C GLU A 81 12.22 -1.06 -7.98
N ASN A 82 10.99 -1.35 -7.57
CA ASN A 82 10.16 -2.32 -8.27
C ASN A 82 9.75 -1.78 -9.64
N GLY A 83 9.33 -0.52 -9.68
CA GLY A 83 8.91 0.09 -10.93
C GLY A 83 7.50 0.61 -10.88
N GLY A 84 6.89 0.56 -9.69
CA GLY A 84 5.52 1.03 -9.53
C GLY A 84 4.50 0.02 -10.00
N PHE A 85 3.29 0.49 -10.29
CA PHE A 85 2.21 -0.39 -10.74
C PHE A 85 1.85 -1.40 -9.67
N PRO A 86 1.31 -0.91 -8.54
CA PRO A 86 0.92 -1.76 -7.41
C PRO A 86 -0.31 -2.60 -7.74
N TYR A 87 -0.82 -3.31 -6.73
CA TYR A 87 -1.99 -4.16 -6.91
C TYR A 87 -2.85 -4.17 -5.65
N GLU A 88 -4.15 -3.96 -5.83
CA GLU A 88 -5.09 -3.94 -4.72
C GLU A 88 -4.95 -5.20 -3.87
N LYS A 89 -4.53 -6.29 -4.51
CA LYS A 89 -4.35 -7.56 -3.82
C LYS A 89 -2.97 -7.64 -3.17
N ASP A 90 -2.00 -6.97 -3.78
CA ASP A 90 -0.64 -6.97 -3.26
C ASP A 90 -0.53 -6.06 -2.04
N LEU A 91 -1.53 -5.21 -1.84
CA LEU A 91 -1.54 -4.29 -0.72
C LEU A 91 -2.37 -4.85 0.44
N ILE A 92 -3.17 -5.87 0.14
CA ILE A 92 -4.02 -6.49 1.15
C ILE A 92 -3.51 -7.87 1.52
N GLU A 93 -2.77 -8.50 0.61
CA GLU A 93 -2.22 -9.82 0.84
C GLU A 93 -0.93 -9.74 1.65
N ALA A 94 -0.49 -8.52 1.92
CA ALA A 94 0.73 -8.30 2.68
C ALA A 94 0.56 -8.74 4.14
N ILE A 95 -0.54 -8.32 4.74
CA ILE A 95 -0.83 -8.67 6.13
C ILE A 95 -1.18 -10.14 6.26
N ARG A 96 -1.70 -10.72 5.18
CA ARG A 96 -2.08 -12.13 5.18
C ARG A 96 -0.85 -13.03 5.24
N ARG A 97 0.22 -12.62 4.55
CA ARG A 97 1.46 -13.38 4.51
C ARG A 97 2.38 -12.97 5.66
N ALA A 98 2.22 -11.74 6.12
CA ALA A 98 3.03 -11.22 7.22
C ALA A 98 2.54 -11.73 8.56
N SER A 99 1.23 -11.71 8.75
CA SER A 99 0.62 -12.17 10.00
C SER A 99 0.66 -13.69 10.09
N ASN A 100 0.94 -14.34 8.96
CA ASN A 100 1.01 -15.79 8.91
C ASN A 100 2.16 -16.32 9.76
N GLY A 101 3.19 -15.50 9.92
CA GLY A 101 4.34 -15.90 10.71
C GLY A 101 5.43 -16.56 9.88
N GLU A 102 5.34 -16.38 8.56
CA GLU A 102 6.34 -16.96 7.65
C GLU A 102 7.21 -15.87 7.04
N THR A 103 8.17 -16.29 6.21
CA THR A 103 9.08 -15.35 5.57
C THR A 103 8.46 -14.78 4.29
N LEU A 104 8.78 -13.53 4.00
CA LEU A 104 8.26 -12.86 2.81
C LEU A 104 9.37 -12.61 1.79
N GLU A 105 9.04 -12.73 0.51
CA GLU A 105 10.02 -12.51 -0.55
C GLU A 105 10.27 -11.01 -0.76
N LYS A 106 11.55 -10.65 -0.87
CA LYS A 106 11.93 -9.26 -1.07
C LYS A 106 12.88 -9.12 -2.25
N ILE A 107 13.29 -7.88 -2.53
CA ILE A 107 14.19 -7.61 -3.64
C ILE A 107 15.55 -7.13 -3.14
N THR A 108 16.62 -7.80 -3.57
CA THR A 108 17.97 -7.44 -3.16
C THR A 108 18.34 -6.06 -3.68
N ASN A 109 17.65 -5.61 -4.71
CA ASN A 109 17.91 -4.30 -5.30
C ASN A 109 19.35 -4.21 -5.82
N SER A 110 19.77 -5.24 -6.55
CA SER A 110 21.12 -5.29 -7.09
C SER A 110 21.16 -4.67 -8.49
N ARG A 111 20.02 -4.19 -8.95
CA ARG A 111 19.93 -3.59 -10.27
C ARG A 111 20.51 -2.18 -10.27
N PRO A 112 20.92 -1.70 -11.46
CA PRO A 112 21.50 -0.37 -11.62
C PRO A 112 20.46 0.74 -11.43
N PRO A 113 20.95 1.99 -11.31
CA PRO A 113 20.08 3.15 -11.12
C PRO A 113 19.28 3.48 -12.38
N CYS A 114 17.96 3.54 -12.23
CA CYS A 114 17.07 3.84 -13.35
C CYS A 114 16.01 4.87 -12.95
N VAL A 115 16.21 6.11 -13.37
CA VAL A 115 15.28 7.18 -13.05
C VAL A 115 15.11 8.14 -14.23
N ILE A 116 13.89 8.65 -14.41
CA ILE A 116 13.60 9.56 -15.50
C ILE A 116 12.84 10.78 -15.00
N LEU A 117 13.33 11.97 -15.38
CA LEU A 117 12.69 13.22 -14.97
C LEU A 117 12.91 14.30 -16.01
N GLY A 1 -14.29 16.25 -17.30
CA GLY A 1 -14.10 15.72 -18.64
C GLY A 1 -14.07 14.21 -18.67
N SER A 2 -14.79 13.59 -17.73
CA SER A 2 -14.85 12.13 -17.65
C SER A 2 -16.10 11.60 -18.33
N MET A 3 -15.96 10.48 -19.03
CA MET A 3 -17.09 9.86 -19.73
C MET A 3 -17.66 8.70 -18.92
N SER A 4 -18.81 8.21 -19.35
CA SER A 4 -19.47 7.10 -18.65
C SER A 4 -18.83 5.77 -19.02
N GLY A 5 -18.22 5.13 -18.03
CA GLY A 5 -17.58 3.85 -18.27
C GLY A 5 -18.52 2.68 -18.10
N GLU A 6 -18.46 2.02 -16.94
CA GLU A 6 -19.32 0.88 -16.67
C GLU A 6 -19.57 0.74 -15.17
N PRO A 7 -20.62 -0.03 -14.82
CA PRO A 7 -20.99 -0.27 -13.42
C PRO A 7 -19.98 -1.13 -12.69
N GLY A 8 -20.17 -1.30 -11.38
CA GLY A 8 -19.27 -2.09 -10.58
C GLY A 8 -19.91 -3.37 -10.08
N GLN A 9 -19.09 -4.27 -9.55
CA GLN A 9 -19.58 -5.54 -9.03
C GLN A 9 -19.74 -5.48 -7.52
N THR A 10 -19.94 -4.29 -6.99
CA THR A 10 -20.11 -4.10 -5.55
C THR A 10 -21.51 -4.47 -5.10
N SER A 11 -21.62 -5.57 -4.36
CA SER A 11 -22.91 -6.04 -3.87
C SER A 11 -23.08 -5.71 -2.39
N VAL A 12 -24.33 -5.61 -1.95
CA VAL A 12 -24.63 -5.30 -0.56
C VAL A 12 -24.47 -6.54 0.32
N ALA A 13 -24.42 -6.32 1.63
CA ALA A 13 -24.27 -7.42 2.58
C ALA A 13 -24.43 -6.93 4.01
N PRO A 14 -24.71 -7.87 4.93
CA PRO A 14 -24.90 -7.55 6.35
C PRO A 14 -23.59 -7.15 7.03
N PRO A 15 -23.71 -6.60 8.25
CA PRO A 15 -22.54 -6.17 9.03
C PRO A 15 -21.71 -7.34 9.53
N PRO A 16 -20.48 -7.46 8.98
CA PRO A 16 -19.55 -8.53 9.35
C PRO A 16 -19.02 -8.37 10.78
N GLU A 17 -18.07 -9.23 11.14
CA GLU A 17 -17.48 -9.18 12.48
C GLU A 17 -16.21 -8.32 12.48
N GLU A 18 -15.64 -8.13 13.67
CA GLU A 18 -14.43 -7.33 13.80
C GLU A 18 -13.21 -8.22 13.99
N VAL A 19 -12.44 -8.39 12.92
CA VAL A 19 -11.24 -9.22 12.97
C VAL A 19 -10.12 -8.61 12.13
N GLU A 20 -8.89 -8.85 12.54
CA GLU A 20 -7.73 -8.34 11.83
C GLU A 20 -6.86 -9.47 11.30
N PRO A 21 -7.38 -10.19 10.29
CA PRO A 21 -6.68 -11.32 9.67
C PRO A 21 -5.48 -10.86 8.85
N GLY A 22 -5.65 -9.74 8.14
CA GLY A 22 -4.57 -9.23 7.31
C GLY A 22 -3.40 -8.72 8.14
N SER A 23 -3.62 -8.56 9.44
CA SER A 23 -2.58 -8.07 10.34
C SER A 23 -1.31 -8.89 10.17
N GLY A 24 -0.17 -8.20 10.17
CA GLY A 24 1.11 -8.87 10.03
C GLY A 24 1.92 -8.34 8.86
N VAL A 25 1.73 -7.05 8.55
CA VAL A 25 2.45 -6.43 7.46
C VAL A 25 2.74 -4.96 7.77
N ARG A 26 3.77 -4.42 7.12
CA ARG A 26 4.16 -3.04 7.32
C ARG A 26 4.25 -2.29 6.00
N ILE A 27 3.14 -1.65 5.62
CA ILE A 27 3.08 -0.90 4.36
C ILE A 27 3.73 0.47 4.53
N VAL A 28 4.33 0.97 3.44
CA VAL A 28 4.98 2.28 3.45
C VAL A 28 4.88 2.95 2.10
N VAL A 29 3.83 3.74 1.91
CA VAL A 29 3.62 4.45 0.65
C VAL A 29 4.63 5.58 0.48
N GLU A 30 5.64 5.34 -0.36
CA GLU A 30 6.67 6.34 -0.61
C GLU A 30 6.29 7.23 -1.79
N TYR A 31 5.94 8.47 -1.49
CA TYR A 31 5.56 9.43 -2.52
C TYR A 31 6.05 10.83 -2.18
N CYS A 32 6.10 11.69 -3.19
CA CYS A 32 6.55 13.07 -3.01
C CYS A 32 5.49 13.90 -2.29
N GLU A 33 5.68 14.10 -0.99
CA GLU A 33 4.74 14.88 -0.20
C GLU A 33 4.53 16.27 -0.79
N PRO A 34 5.62 17.06 -0.84
CA PRO A 34 5.58 18.42 -1.39
C PRO A 34 5.39 18.43 -2.90
N CYS A 35 4.31 17.81 -3.36
CA CYS A 35 4.00 17.75 -4.78
C CYS A 35 2.50 17.73 -5.02
N GLY A 36 1.80 16.89 -4.27
CA GLY A 36 0.35 16.80 -4.40
C GLY A 36 -0.10 15.39 -4.71
N PHE A 37 0.61 14.40 -4.19
CA PHE A 37 0.28 13.00 -4.41
C PHE A 37 -0.42 12.41 -3.20
N GLU A 38 -0.71 13.26 -2.21
CA GLU A 38 -1.39 12.81 -1.00
C GLU A 38 -2.90 12.84 -1.18
N ALA A 39 -3.35 13.50 -2.23
CA ALA A 39 -4.78 13.60 -2.52
C ALA A 39 -5.33 12.27 -3.02
N THR A 40 -4.44 11.37 -3.40
CA THR A 40 -4.84 10.07 -3.90
C THR A 40 -4.68 8.99 -2.83
N TYR A 41 -3.81 9.25 -1.87
CA TYR A 41 -3.56 8.30 -0.79
C TYR A 41 -4.45 8.60 0.41
N LEU A 42 -4.66 9.89 0.68
CA LEU A 42 -5.50 10.31 1.80
C LEU A 42 -6.97 10.16 1.47
N GLU A 43 -7.27 9.88 0.20
CA GLU A 43 -8.65 9.70 -0.25
C GLU A 43 -9.10 8.25 -0.05
N LEU A 44 -8.14 7.35 0.07
CA LEU A 44 -8.44 5.93 0.26
C LEU A 44 -7.92 5.44 1.61
N ALA A 45 -6.97 6.17 2.17
CA ALA A 45 -6.39 5.82 3.47
C ALA A 45 -7.44 5.92 4.58
N SER A 46 -8.55 6.59 4.28
CA SER A 46 -9.62 6.76 5.25
C SER A 46 -10.54 5.55 5.28
N ALA A 47 -10.40 4.69 4.27
CA ALA A 47 -11.21 3.48 4.19
C ALA A 47 -10.35 2.23 4.22
N VAL A 48 -9.10 2.36 3.77
CA VAL A 48 -8.16 1.24 3.75
C VAL A 48 -7.75 0.86 5.16
N LYS A 49 -7.81 1.82 6.08
CA LYS A 49 -7.45 1.57 7.47
C LYS A 49 -8.56 0.85 8.22
N GLU A 50 -9.74 0.81 7.62
CA GLU A 50 -10.89 0.16 8.22
C GLU A 50 -10.84 -1.35 7.99
N GLN A 51 -9.92 -1.77 7.12
CA GLN A 51 -9.77 -3.18 6.80
C GLN A 51 -8.79 -3.87 7.75
N TYR A 52 -7.57 -3.33 7.82
CA TYR A 52 -6.55 -3.88 8.68
C TYR A 52 -6.00 -2.82 9.62
N PRO A 53 -6.78 -2.47 10.66
CA PRO A 53 -6.39 -1.46 11.65
C PRO A 53 -5.25 -1.93 12.54
N GLY A 54 -4.87 -3.20 12.39
CA GLY A 54 -3.79 -3.76 13.19
C GLY A 54 -2.43 -3.54 12.56
N ILE A 55 -2.38 -3.61 11.23
CA ILE A 55 -1.13 -3.42 10.51
C ILE A 55 -0.53 -2.05 10.79
N GLU A 56 0.51 -1.70 10.04
CA GLU A 56 1.19 -0.42 10.22
C GLU A 56 1.53 0.21 8.87
N ILE A 57 0.74 1.19 8.46
CA ILE A 57 0.96 1.88 7.20
C ILE A 57 1.40 3.31 7.41
N GLU A 58 2.66 3.60 7.09
CA GLU A 58 3.20 4.95 7.25
C GLU A 58 3.47 5.59 5.89
N SER A 59 4.10 6.76 5.91
CA SER A 59 4.41 7.48 4.68
C SER A 59 5.74 8.21 4.82
N ARG A 60 6.63 7.99 3.85
CA ARG A 60 7.95 8.63 3.85
C ARG A 60 8.25 9.25 2.50
N LEU A 61 9.00 10.34 2.51
CA LEU A 61 9.36 11.04 1.28
C LEU A 61 9.97 10.07 0.26
N GLY A 62 9.85 10.41 -1.01
CA GLY A 62 10.38 9.56 -2.07
C GLY A 62 11.56 10.19 -2.77
N GLY A 63 11.36 11.40 -3.29
CA GLY A 63 12.43 12.09 -3.99
C GLY A 63 11.91 13.23 -4.85
N THR A 64 11.11 12.90 -5.85
CA THR A 64 10.55 13.91 -6.74
C THR A 64 9.56 13.29 -7.73
N GLY A 65 8.28 13.57 -7.54
CA GLY A 65 7.26 13.02 -8.42
C GLY A 65 7.35 11.51 -8.54
N ALA A 66 7.42 10.83 -7.40
CA ALA A 66 7.50 9.38 -7.39
C ALA A 66 6.39 8.77 -6.54
N PHE A 67 6.12 7.49 -6.75
CA PHE A 67 5.08 6.79 -6.01
C PHE A 67 5.47 5.33 -5.77
N GLU A 68 6.60 5.13 -5.10
CA GLU A 68 7.08 3.79 -4.81
C GLU A 68 6.28 3.15 -3.67
N ILE A 69 5.52 2.11 -4.00
CA ILE A 69 4.70 1.42 -3.00
C ILE A 69 5.47 0.28 -2.36
N GLU A 70 5.72 0.40 -1.05
CA GLU A 70 6.45 -0.62 -0.32
C GLU A 70 5.52 -1.39 0.61
N ILE A 71 5.25 -2.64 0.26
CA ILE A 71 4.37 -3.49 1.06
C ILE A 71 5.07 -3.95 2.33
N ASN A 72 6.39 -4.03 2.28
CA ASN A 72 7.19 -4.46 3.43
C ASN A 72 8.40 -3.57 3.62
N GLY A 73 8.24 -2.28 3.32
CA GLY A 73 9.33 -1.34 3.46
C GLY A 73 10.26 -1.35 2.26
N GLN A 74 10.01 -2.25 1.32
CA GLN A 74 10.83 -2.36 0.12
C GLN A 74 9.98 -2.17 -1.13
N LEU A 75 10.60 -1.66 -2.19
CA LEU A 75 9.91 -1.43 -3.45
C LEU A 75 9.41 -2.76 -4.04
N VAL A 76 8.09 -2.91 -4.11
CA VAL A 76 7.49 -4.12 -4.66
C VAL A 76 6.65 -3.81 -5.89
N PHE A 77 6.19 -2.57 -5.98
CA PHE A 77 5.37 -2.14 -7.11
C PHE A 77 5.42 -0.63 -7.28
N SER A 78 6.09 -0.18 -8.34
CA SER A 78 6.22 1.24 -8.62
C SER A 78 5.20 1.70 -9.64
N LYS A 79 4.97 3.00 -9.71
CA LYS A 79 4.02 3.57 -10.66
C LYS A 79 4.74 4.35 -11.75
N LEU A 80 5.95 4.80 -11.45
CA LEU A 80 6.74 5.56 -12.41
C LEU A 80 7.41 4.65 -13.43
N GLU A 81 7.21 3.34 -13.25
CA GLU A 81 7.78 2.35 -14.15
C GLU A 81 6.70 1.66 -14.97
N ASN A 82 5.45 1.79 -14.53
CA ASN A 82 4.33 1.18 -15.22
C ASN A 82 3.41 2.25 -15.81
N GLY A 83 3.01 3.21 -14.98
CA GLY A 83 2.15 4.27 -15.44
C GLY A 83 1.16 4.71 -14.38
N GLY A 84 1.02 3.91 -13.33
CA GLY A 84 0.11 4.25 -12.26
C GLY A 84 -1.18 3.45 -12.32
N PHE A 85 -2.30 4.12 -12.08
CA PHE A 85 -3.60 3.46 -12.11
C PHE A 85 -3.68 2.36 -11.07
N PRO A 86 -3.59 2.75 -9.79
CA PRO A 86 -3.65 1.80 -8.66
C PRO A 86 -5.04 1.20 -8.49
N TYR A 87 -5.19 0.32 -7.51
CA TYR A 87 -6.45 -0.33 -7.23
C TYR A 87 -6.64 -0.58 -5.74
N GLU A 88 -7.80 -0.20 -5.22
CA GLU A 88 -8.09 -0.40 -3.80
C GLU A 88 -7.93 -1.85 -3.40
N LYS A 89 -8.09 -2.75 -4.37
CA LYS A 89 -7.96 -4.18 -4.11
C LYS A 89 -6.52 -4.64 -4.30
N ASP A 90 -5.73 -3.83 -4.99
CA ASP A 90 -4.33 -4.16 -5.25
C ASP A 90 -3.49 -3.88 -4.01
N LEU A 91 -3.85 -2.84 -3.27
CA LEU A 91 -3.12 -2.47 -2.05
C LEU A 91 -3.62 -3.27 -0.86
N ILE A 92 -4.83 -3.80 -0.97
CA ILE A 92 -5.42 -4.59 0.10
C ILE A 92 -5.08 -6.07 -0.04
N GLU A 93 -4.79 -6.47 -1.27
CA GLU A 93 -4.44 -7.87 -1.55
C GLU A 93 -2.95 -8.11 -1.33
N ALA A 94 -2.20 -7.03 -1.17
CA ALA A 94 -0.76 -7.12 -0.95
C ALA A 94 -0.45 -7.74 0.41
N ILE A 95 -0.96 -7.13 1.47
CA ILE A 95 -0.74 -7.63 2.82
C ILE A 95 -1.23 -9.06 2.97
N ARG A 96 -2.17 -9.45 2.12
CA ARG A 96 -2.73 -10.80 2.15
C ARG A 96 -1.66 -11.83 1.79
N ARG A 97 -0.94 -11.58 0.70
CA ARG A 97 0.10 -12.49 0.24
C ARG A 97 1.33 -12.39 1.13
N ALA A 98 1.56 -11.21 1.69
CA ALA A 98 2.70 -10.98 2.56
C ALA A 98 2.50 -11.64 3.92
N SER A 99 1.32 -11.44 4.50
CA SER A 99 1.00 -12.02 5.80
C SER A 99 0.79 -13.53 5.69
N ASN A 100 0.63 -14.00 4.46
CA ASN A 100 0.42 -15.43 4.22
C ASN A 100 1.62 -16.25 4.66
N GLY A 101 2.81 -15.66 4.55
CA GLY A 101 4.02 -16.35 4.95
C GLY A 101 4.96 -16.58 3.78
N GLU A 102 4.52 -16.22 2.58
CA GLU A 102 5.34 -16.39 1.38
C GLU A 102 6.64 -15.59 1.49
N THR A 103 7.41 -15.58 0.41
CA THR A 103 8.67 -14.86 0.38
C THR A 103 8.60 -13.66 -0.57
N LEU A 104 9.03 -12.51 -0.09
CA LEU A 104 9.02 -11.29 -0.89
C LEU A 104 10.23 -10.42 -0.58
N GLU A 105 10.34 -9.28 -1.26
CA GLU A 105 11.44 -8.35 -1.06
C GLU A 105 11.37 -7.73 0.33
N LYS A 106 12.08 -8.33 1.28
CA LYS A 106 12.10 -7.82 2.65
C LYS A 106 13.54 -7.71 3.17
N ILE A 107 13.67 -7.27 4.40
CA ILE A 107 14.99 -7.11 5.02
C ILE A 107 15.07 -7.87 6.35
N THR A 108 15.99 -8.82 6.41
CA THR A 108 16.17 -9.62 7.62
C THR A 108 17.27 -9.05 8.50
N ASN A 109 17.61 -7.78 8.26
CA ASN A 109 18.65 -7.11 9.04
C ASN A 109 19.98 -7.84 8.91
N SER A 110 20.19 -8.50 7.77
CA SER A 110 21.42 -9.24 7.54
C SER A 110 22.52 -8.33 7.00
N ARG A 111 22.21 -7.04 6.91
CA ARG A 111 23.17 -6.06 6.42
C ARG A 111 23.06 -4.76 7.20
N PRO A 112 24.13 -3.94 7.13
CA PRO A 112 24.20 -2.65 7.83
C PRO A 112 23.24 -1.62 7.24
N PRO A 113 23.04 -0.51 7.97
CA PRO A 113 22.15 0.57 7.53
C PRO A 113 22.72 1.33 6.34
N CYS A 114 21.89 1.51 5.31
CA CYS A 114 22.31 2.23 4.11
C CYS A 114 22.94 3.57 4.46
N VAL A 115 24.26 3.65 4.36
CA VAL A 115 24.99 4.87 4.67
C VAL A 115 26.09 5.13 3.65
N ILE A 116 26.34 6.40 3.37
CA ILE A 116 27.38 6.78 2.41
C ILE A 116 28.58 7.39 3.11
N LEU A 117 29.74 6.79 2.90
CA LEU A 117 30.98 7.27 3.51
C LEU A 117 31.46 8.56 2.85
N GLY A 1 -4.07 6.14 -37.06
CA GLY A 1 -3.99 6.61 -35.69
C GLY A 1 -5.31 6.51 -34.97
N SER A 2 -5.48 5.45 -34.17
CA SER A 2 -6.72 5.25 -33.43
C SER A 2 -6.44 5.12 -31.93
N MET A 3 -7.16 5.89 -31.13
CA MET A 3 -6.98 5.86 -29.68
C MET A 3 -8.16 5.15 -29.01
N SER A 4 -8.08 5.00 -27.70
CA SER A 4 -9.12 4.33 -26.93
C SER A 4 -10.36 5.22 -26.81
N GLY A 5 -10.19 6.36 -26.16
CA GLY A 5 -11.30 7.28 -25.98
C GLY A 5 -11.47 7.72 -24.55
N GLU A 6 -11.87 6.80 -23.68
CA GLU A 6 -12.06 7.11 -22.27
C GLU A 6 -12.46 5.85 -21.49
N PRO A 7 -11.51 4.92 -21.34
CA PRO A 7 -11.74 3.67 -20.61
C PRO A 7 -11.91 3.89 -19.11
N GLY A 8 -13.03 3.41 -18.57
CA GLY A 8 -13.29 3.57 -17.15
C GLY A 8 -14.75 3.36 -16.80
N GLN A 9 -15.17 2.10 -16.74
CA GLN A 9 -16.55 1.77 -16.42
C GLN A 9 -16.62 0.77 -15.27
N THR A 10 -17.05 1.25 -14.11
CA THR A 10 -17.15 0.39 -12.93
C THR A 10 -18.57 -0.15 -12.78
N SER A 11 -18.72 -1.20 -11.96
CA SER A 11 -20.02 -1.81 -11.73
C SER A 11 -20.21 -2.13 -10.25
N VAL A 12 -21.41 -2.60 -9.90
CA VAL A 12 -21.72 -2.96 -8.53
C VAL A 12 -20.92 -4.16 -8.07
N ALA A 13 -20.19 -4.00 -6.95
CA ALA A 13 -19.38 -5.08 -6.41
C ALA A 13 -18.72 -4.65 -5.10
N PRO A 14 -19.53 -4.58 -4.03
CA PRO A 14 -19.05 -4.19 -2.70
C PRO A 14 -18.15 -5.26 -2.08
N PRO A 15 -17.46 -4.88 -0.98
CA PRO A 15 -16.56 -5.79 -0.27
C PRO A 15 -17.32 -6.90 0.46
N PRO A 16 -16.56 -7.91 0.92
CA PRO A 16 -17.14 -9.05 1.65
C PRO A 16 -17.65 -8.65 3.04
N GLU A 17 -18.02 -9.66 3.83
CA GLU A 17 -18.52 -9.42 5.18
C GLU A 17 -17.56 -8.52 5.96
N GLU A 18 -18.02 -8.04 7.11
CA GLU A 18 -17.20 -7.17 7.96
C GLU A 18 -16.36 -8.00 8.91
N VAL A 19 -15.10 -8.23 8.53
CA VAL A 19 -14.19 -9.00 9.36
C VAL A 19 -12.78 -8.41 9.32
N GLU A 20 -12.03 -8.61 10.40
CA GLU A 20 -10.68 -8.10 10.51
C GLU A 20 -9.66 -9.23 10.63
N PRO A 21 -9.51 -10.01 9.55
CA PRO A 21 -8.59 -11.14 9.52
C PRO A 21 -7.12 -10.69 9.53
N GLY A 22 -6.88 -9.49 9.04
CA GLY A 22 -5.53 -8.96 9.00
C GLY A 22 -5.02 -8.54 10.37
N SER A 23 -5.91 -8.55 11.35
CA SER A 23 -5.56 -8.17 12.71
C SER A 23 -4.32 -8.93 13.18
N GLY A 24 -3.28 -8.18 13.56
CA GLY A 24 -2.05 -8.80 14.03
C GLY A 24 -0.83 -8.20 13.38
N VAL A 25 -0.91 -6.91 13.03
CA VAL A 25 0.21 -6.22 12.40
C VAL A 25 0.23 -4.74 12.79
N ARG A 26 1.40 -4.13 12.67
CA ARG A 26 1.56 -2.72 13.01
C ARG A 26 2.11 -1.93 11.83
N ILE A 27 1.22 -1.35 11.04
CA ILE A 27 1.62 -0.56 9.89
C ILE A 27 2.10 0.83 10.30
N VAL A 28 3.10 1.34 9.58
CA VAL A 28 3.66 2.66 9.87
C VAL A 28 4.17 3.32 8.60
N VAL A 29 3.31 4.12 7.96
CA VAL A 29 3.68 4.82 6.74
C VAL A 29 4.59 6.01 7.04
N GLU A 30 5.88 5.85 6.76
CA GLU A 30 6.85 6.91 7.01
C GLU A 30 6.91 7.87 5.82
N TYR A 31 6.44 9.10 6.04
CA TYR A 31 6.44 10.11 4.99
C TYR A 31 6.69 11.50 5.57
N CYS A 32 7.08 12.43 4.71
CA CYS A 32 7.35 13.79 5.14
C CYS A 32 6.06 14.55 5.42
N GLU A 33 5.74 14.72 6.70
CA GLU A 33 4.53 15.42 7.10
C GLU A 33 4.46 16.81 6.44
N PRO A 34 5.43 17.67 6.78
CA PRO A 34 5.51 19.03 6.23
C PRO A 34 5.85 19.05 4.75
N CYS A 35 5.02 18.40 3.95
CA CYS A 35 5.24 18.34 2.51
C CYS A 35 3.91 18.29 1.76
N GLY A 36 3.00 17.43 2.21
CA GLY A 36 1.71 17.30 1.58
C GLY A 36 1.50 15.91 0.99
N PHE A 37 2.35 14.97 1.37
CA PHE A 37 2.25 13.60 0.87
C PHE A 37 1.14 12.84 1.58
N GLU A 38 0.50 13.50 2.55
CA GLU A 38 -0.58 12.89 3.31
C GLU A 38 -1.83 12.73 2.45
N ALA A 39 -1.94 13.57 1.42
CA ALA A 39 -3.09 13.52 0.52
C ALA A 39 -3.27 12.12 -0.06
N THR A 40 -2.19 11.54 -0.55
CA THR A 40 -2.23 10.21 -1.13
C THR A 40 -2.39 9.13 -0.06
N TYR A 41 -2.08 9.50 1.18
CA TYR A 41 -2.19 8.57 2.30
C TYR A 41 -3.58 8.62 2.91
N LEU A 42 -4.32 9.69 2.61
CA LEU A 42 -5.67 9.87 3.13
C LEU A 42 -6.71 9.71 2.02
N GLU A 43 -6.24 9.33 0.83
CA GLU A 43 -7.13 9.14 -0.31
C GLU A 43 -7.31 7.66 -0.63
N LEU A 44 -6.32 6.86 -0.25
CA LEU A 44 -6.37 5.42 -0.49
C LEU A 44 -6.60 4.66 0.82
N ALA A 45 -6.02 5.17 1.90
CA ALA A 45 -6.16 4.53 3.21
C ALA A 45 -7.58 4.68 3.74
N SER A 46 -8.32 5.63 3.17
CA SER A 46 -9.70 5.87 3.59
C SER A 46 -10.56 4.64 3.36
N ALA A 47 -10.07 3.73 2.51
CA ALA A 47 -10.81 2.51 2.20
C ALA A 47 -10.00 1.27 2.61
N VAL A 48 -8.68 1.39 2.56
CA VAL A 48 -7.80 0.30 2.93
C VAL A 48 -7.81 0.06 4.43
N LYS A 49 -7.66 1.14 5.19
CA LYS A 49 -7.66 1.06 6.65
C LYS A 49 -8.90 0.35 7.17
N GLU A 50 -9.99 0.45 6.41
CA GLU A 50 -11.25 -0.17 6.79
C GLU A 50 -11.16 -1.69 6.63
N GLN A 51 -10.23 -2.15 5.79
CA GLN A 51 -10.05 -3.57 5.56
C GLN A 51 -9.69 -4.29 6.85
N TYR A 52 -8.71 -3.76 7.56
CA TYR A 52 -8.26 -4.36 8.81
C TYR A 52 -8.34 -3.35 9.96
N PRO A 53 -9.55 -3.15 10.50
CA PRO A 53 -9.79 -2.22 11.61
C PRO A 53 -9.17 -2.70 12.91
N GLY A 54 -8.65 -3.93 12.90
CA GLY A 54 -8.03 -4.48 14.09
C GLY A 54 -6.57 -4.11 14.22
N ILE A 55 -5.88 -4.04 13.07
CA ILE A 55 -4.47 -3.69 13.07
C ILE A 55 -4.22 -2.33 13.70
N GLU A 56 -2.99 -1.84 13.60
CA GLU A 56 -2.64 -0.54 14.16
C GLU A 56 -1.76 0.25 13.20
N ILE A 57 -2.36 1.27 12.58
CA ILE A 57 -1.64 2.11 11.63
C ILE A 57 -1.44 3.52 12.17
N GLU A 58 -0.28 4.10 11.91
CA GLU A 58 0.03 5.45 12.38
C GLU A 58 0.99 6.15 11.41
N SER A 59 1.12 7.46 11.58
CA SER A 59 2.01 8.25 10.72
C SER A 59 3.31 8.57 11.44
N ARG A 60 4.42 8.35 10.74
CA ARG A 60 5.74 8.60 11.31
C ARG A 60 6.58 9.46 10.37
N LEU A 61 7.43 10.30 10.95
CA LEU A 61 8.29 11.18 10.16
C LEU A 61 9.46 10.39 9.57
N GLY A 62 9.96 10.87 8.43
CA GLY A 62 11.08 10.20 7.78
C GLY A 62 12.22 11.15 7.48
N GLY A 63 11.90 12.35 7.02
CA GLY A 63 12.92 13.34 6.72
C GLY A 63 12.43 14.39 5.74
N THR A 64 12.23 13.99 4.49
CA THR A 64 11.76 14.92 3.46
C THR A 64 11.57 14.20 2.12
N GLY A 65 10.54 14.61 1.40
CA GLY A 65 10.25 13.99 0.11
C GLY A 65 10.44 12.48 0.13
N ALA A 66 9.98 11.86 1.21
CA ALA A 66 10.10 10.41 1.36
C ALA A 66 8.74 9.78 1.63
N PHE A 67 8.65 8.47 1.39
CA PHE A 67 7.39 7.74 1.60
C PHE A 67 7.66 6.27 1.86
N GLU A 68 8.60 5.98 2.76
CA GLU A 68 8.95 4.61 3.10
C GLU A 68 7.85 3.95 3.91
N ILE A 69 7.32 2.85 3.39
CA ILE A 69 6.25 2.12 4.07
C ILE A 69 6.82 1.06 5.01
N GLU A 70 6.21 0.94 6.19
CA GLU A 70 6.67 -0.04 7.17
C GLU A 70 5.50 -0.91 7.64
N ILE A 71 5.44 -2.13 7.09
CA ILE A 71 4.38 -3.07 7.45
C ILE A 71 4.52 -3.55 8.89
N ASN A 72 5.76 -3.52 9.40
CA ASN A 72 6.04 -3.95 10.76
C ASN A 72 7.02 -3.00 11.44
N GLY A 73 6.95 -1.72 11.08
CA GLY A 73 7.84 -0.74 11.67
C GLY A 73 9.15 -0.62 10.92
N GLN A 74 9.36 -1.53 9.97
CA GLN A 74 10.59 -1.53 9.17
C GLN A 74 10.29 -1.38 7.69
N LEU A 75 11.20 -0.76 6.96
CA LEU A 75 11.03 -0.55 5.52
C LEU A 75 10.99 -1.88 4.79
N VAL A 76 9.90 -2.12 4.07
CA VAL A 76 9.74 -3.35 3.31
C VAL A 76 9.59 -3.06 1.82
N PHE A 77 9.20 -1.83 1.50
CA PHE A 77 9.02 -1.43 0.11
C PHE A 77 9.15 0.09 -0.03
N SER A 78 10.37 0.57 -0.18
CA SER A 78 10.62 1.99 -0.32
C SER A 78 9.89 2.56 -1.54
N LYS A 79 9.33 3.76 -1.38
CA LYS A 79 8.60 4.40 -2.47
C LYS A 79 9.55 5.21 -3.35
N LEU A 80 10.68 5.61 -2.77
CA LEU A 80 11.66 6.39 -3.52
C LEU A 80 12.56 5.49 -4.36
N GLU A 81 12.75 4.26 -3.90
CA GLU A 81 13.57 3.29 -4.61
C GLU A 81 12.74 2.48 -5.60
N ASN A 82 11.69 1.85 -5.09
CA ASN A 82 10.81 1.04 -5.93
C ASN A 82 10.27 1.85 -7.10
N GLY A 83 9.89 3.09 -6.82
CA GLY A 83 9.36 3.96 -7.86
C GLY A 83 7.87 4.18 -7.73
N GLY A 84 7.27 3.59 -6.69
CA GLY A 84 5.84 3.73 -6.47
C GLY A 84 5.05 2.61 -7.10
N PHE A 85 3.90 2.94 -7.69
CA PHE A 85 3.04 1.96 -8.32
C PHE A 85 2.52 0.95 -7.31
N PRO A 86 1.75 1.44 -6.31
CA PRO A 86 1.18 0.61 -5.27
C PRO A 86 0.07 -0.30 -5.79
N TYR A 87 -0.39 -1.21 -4.94
CA TYR A 87 -1.44 -2.14 -5.32
C TYR A 87 -2.34 -2.48 -4.12
N GLU A 88 -3.64 -2.39 -4.33
CA GLU A 88 -4.61 -2.68 -3.28
C GLU A 88 -4.35 -4.05 -2.66
N LYS A 89 -3.74 -4.93 -3.44
CA LYS A 89 -3.44 -6.29 -2.97
C LYS A 89 -2.07 -6.33 -2.30
N ASP A 90 -1.17 -5.44 -2.71
CA ASP A 90 0.17 -5.36 -2.14
C ASP A 90 0.13 -4.72 -0.76
N LEU A 91 -0.96 -4.03 -0.45
CA LEU A 91 -1.11 -3.36 0.83
C LEU A 91 -1.87 -4.25 1.82
N ILE A 92 -2.58 -5.24 1.28
CA ILE A 92 -3.36 -6.16 2.11
C ILE A 92 -2.65 -7.50 2.26
N GLU A 93 -1.88 -7.87 1.24
CA GLU A 93 -1.15 -9.13 1.25
C GLU A 93 0.03 -9.06 2.22
N ALA A 94 0.45 -7.84 2.55
CA ALA A 94 1.56 -7.65 3.46
C ALA A 94 1.20 -8.08 4.88
N ILE A 95 0.19 -7.42 5.45
CA ILE A 95 -0.25 -7.74 6.80
C ILE A 95 -0.68 -9.20 6.91
N ARG A 96 -1.13 -9.76 5.80
CA ARG A 96 -1.57 -11.15 5.76
C ARG A 96 -0.39 -12.10 5.99
N ARG A 97 0.76 -11.75 5.41
CA ARG A 97 1.97 -12.57 5.54
C ARG A 97 2.80 -12.12 6.74
N ALA A 98 2.49 -10.93 7.26
CA ALA A 98 3.21 -10.38 8.39
C ALA A 98 2.56 -10.79 9.71
N SER A 99 1.24 -10.95 9.68
CA SER A 99 0.49 -11.33 10.88
C SER A 99 0.75 -12.80 11.23
N ASN A 100 1.34 -13.52 10.29
CA ASN A 100 1.65 -14.94 10.49
C ASN A 100 2.90 -15.10 11.35
N GLY A 101 3.77 -14.10 11.31
CA GLY A 101 4.99 -14.15 12.09
C GLY A 101 6.07 -14.98 11.41
N GLU A 102 6.01 -15.04 10.08
CA GLU A 102 6.99 -15.80 9.31
C GLU A 102 7.41 -15.05 8.06
N THR A 103 8.41 -15.57 7.35
CA THR A 103 8.90 -14.94 6.13
C THR A 103 7.76 -14.66 5.17
N LEU A 104 7.93 -13.63 4.35
CA LEU A 104 6.91 -13.25 3.37
C LEU A 104 7.46 -13.38 1.95
N GLU A 105 6.56 -13.24 0.97
CA GLU A 105 6.96 -13.33 -0.43
C GLU A 105 8.12 -12.38 -0.74
N LYS A 106 8.82 -12.64 -1.84
CA LYS A 106 9.95 -11.82 -2.25
C LYS A 106 9.47 -10.58 -2.99
N ILE A 107 10.42 -9.73 -3.36
CA ILE A 107 10.10 -8.50 -4.09
C ILE A 107 9.25 -8.79 -5.32
N THR A 108 8.02 -8.29 -5.31
CA THR A 108 7.10 -8.50 -6.42
C THR A 108 7.12 -7.31 -7.37
N ASN A 109 8.22 -6.56 -7.36
CA ASN A 109 8.37 -5.39 -8.22
C ASN A 109 9.76 -5.35 -8.83
N SER A 110 9.87 -5.72 -10.11
CA SER A 110 11.14 -5.71 -10.80
C SER A 110 11.38 -4.38 -11.52
N ARG A 111 12.50 -4.28 -12.20
CA ARG A 111 12.85 -3.05 -12.93
C ARG A 111 12.16 -3.02 -14.29
N PRO A 112 11.93 -1.80 -14.81
CA PRO A 112 11.28 -1.60 -16.10
C PRO A 112 12.16 -2.04 -17.27
N PRO A 113 11.74 -3.12 -17.95
CA PRO A 113 12.48 -3.65 -19.10
C PRO A 113 12.42 -2.74 -20.31
N CYS A 114 13.38 -2.89 -21.22
CA CYS A 114 13.45 -2.07 -22.42
C CYS A 114 12.21 -2.30 -23.29
N VAL A 115 11.29 -1.34 -23.26
CA VAL A 115 10.07 -1.43 -24.06
C VAL A 115 9.85 -0.16 -24.87
N ILE A 116 8.88 -0.21 -25.79
CA ILE A 116 8.56 0.93 -26.62
C ILE A 116 7.08 1.29 -26.53
N LEU A 117 6.80 2.40 -25.85
CA LEU A 117 5.43 2.85 -25.68
C LEU A 117 4.71 2.96 -27.03
N GLY A 1 -5.73 18.52 -12.43
CA GLY A 1 -5.12 18.64 -13.73
C GLY A 1 -4.89 17.29 -14.39
N SER A 2 -4.42 16.33 -13.61
CA SER A 2 -4.16 14.99 -14.12
C SER A 2 -5.40 14.11 -14.02
N MET A 3 -5.29 12.89 -14.55
CA MET A 3 -6.41 11.96 -14.51
C MET A 3 -6.33 11.08 -13.25
N SER A 4 -7.42 11.06 -12.49
CA SER A 4 -7.49 10.28 -11.26
C SER A 4 -7.87 8.83 -11.56
N GLY A 5 -8.82 8.66 -12.48
CA GLY A 5 -9.27 7.33 -12.85
C GLY A 5 -10.77 7.22 -12.92
N GLU A 6 -11.45 7.79 -11.93
CA GLU A 6 -12.91 7.76 -11.87
C GLU A 6 -13.42 6.32 -11.97
N PRO A 7 -13.21 5.55 -10.89
CA PRO A 7 -13.63 4.16 -10.80
C PRO A 7 -15.15 4.02 -10.72
N GLY A 8 -15.64 2.78 -10.76
CA GLY A 8 -17.06 2.53 -10.69
C GLY A 8 -17.63 2.84 -9.32
N GLN A 9 -18.96 2.76 -9.20
CA GLN A 9 -19.62 3.02 -7.94
C GLN A 9 -20.55 1.87 -7.55
N THR A 10 -20.14 1.08 -6.56
CA THR A 10 -20.93 -0.05 -6.10
C THR A 10 -21.90 0.36 -5.00
N SER A 11 -22.96 -0.43 -4.82
CA SER A 11 -23.97 -0.14 -3.81
C SER A 11 -23.37 -0.24 -2.41
N VAL A 12 -24.20 0.04 -1.41
CA VAL A 12 -23.76 -0.03 -0.02
C VAL A 12 -24.42 -1.18 0.72
N ALA A 13 -23.83 -1.58 1.85
CA ALA A 13 -24.37 -2.66 2.65
C ALA A 13 -24.20 -2.38 4.14
N PRO A 14 -24.99 -3.07 4.97
CA PRO A 14 -24.95 -2.91 6.43
C PRO A 14 -23.66 -3.47 7.04
N PRO A 15 -23.42 -3.13 8.31
CA PRO A 15 -22.23 -3.59 9.04
C PRO A 15 -22.27 -5.09 9.33
N PRO A 16 -21.36 -5.83 8.68
CA PRO A 16 -21.27 -7.29 8.85
C PRO A 16 -20.75 -7.68 10.23
N GLU A 17 -20.43 -8.95 10.40
CA GLU A 17 -19.92 -9.45 11.67
C GLU A 17 -18.75 -8.60 12.16
N GLU A 18 -18.36 -8.81 13.41
CA GLU A 18 -17.25 -8.06 14.00
C GLU A 18 -16.02 -8.96 14.19
N VAL A 19 -15.23 -9.10 13.14
CA VAL A 19 -14.03 -9.93 13.20
C VAL A 19 -12.82 -9.17 12.67
N GLU A 20 -11.65 -9.48 13.23
CA GLU A 20 -10.41 -8.82 12.82
C GLU A 20 -9.39 -9.85 12.35
N PRO A 21 -9.72 -10.55 11.25
CA PRO A 21 -8.85 -11.57 10.68
C PRO A 21 -7.59 -10.97 10.03
N GLY A 22 -7.81 -9.96 9.20
CA GLY A 22 -6.68 -9.31 8.54
C GLY A 22 -5.83 -8.49 9.49
N SER A 23 -6.35 -8.25 10.68
CA SER A 23 -5.63 -7.47 11.69
C SER A 23 -4.36 -8.20 12.12
N GLY A 24 -3.33 -7.43 12.44
CA GLY A 24 -2.07 -8.02 12.87
C GLY A 24 -0.91 -7.61 11.98
N VAL A 25 -1.05 -6.48 11.31
CA VAL A 25 -0.01 -5.99 10.42
C VAL A 25 0.08 -4.46 10.45
N ARG A 26 1.22 -3.92 10.05
CA ARG A 26 1.43 -2.49 10.04
C ARG A 26 1.84 -2.00 8.66
N ILE A 27 0.85 -1.57 7.87
CA ILE A 27 1.10 -1.09 6.52
C ILE A 27 1.66 0.33 6.54
N VAL A 28 2.58 0.61 5.63
CA VAL A 28 3.18 1.94 5.54
C VAL A 28 3.60 2.25 4.12
N VAL A 29 2.73 2.93 3.37
CA VAL A 29 3.02 3.29 1.99
C VAL A 29 3.99 4.46 1.92
N GLU A 30 5.23 4.17 1.51
CA GLU A 30 6.26 5.19 1.40
C GLU A 30 6.26 5.82 0.01
N TYR A 31 5.80 7.07 -0.08
CA TYR A 31 5.76 7.78 -1.35
C TYR A 31 6.08 9.25 -1.16
N CYS A 32 6.42 9.93 -2.26
CA CYS A 32 6.75 11.34 -2.22
C CYS A 32 5.50 12.19 -2.01
N GLU A 33 5.30 12.62 -0.77
CA GLU A 33 4.14 13.44 -0.43
C GLU A 33 4.04 14.66 -1.35
N PRO A 34 5.07 15.53 -1.30
CA PRO A 34 5.12 16.74 -2.12
C PRO A 34 5.34 16.44 -3.60
N CYS A 35 4.42 15.66 -4.18
CA CYS A 35 4.53 15.30 -5.59
C CYS A 35 3.13 15.12 -6.20
N GLY A 36 2.25 14.45 -5.47
CA GLY A 36 0.91 14.21 -5.95
C GLY A 36 0.56 12.73 -6.02
N PHE A 37 1.33 11.92 -5.31
CA PHE A 37 1.10 10.48 -5.31
C PHE A 37 0.25 10.07 -4.11
N GLU A 38 -0.40 11.05 -3.49
CA GLU A 38 -1.24 10.79 -2.32
C GLU A 38 -2.68 10.51 -2.74
N ALA A 39 -2.97 10.75 -4.02
CA ALA A 39 -4.31 10.52 -4.56
C ALA A 39 -4.59 9.02 -4.70
N THR A 40 -3.52 8.23 -4.77
CA THR A 40 -3.66 6.79 -4.92
C THR A 40 -3.67 6.10 -3.56
N TYR A 41 -3.13 6.78 -2.56
CA TYR A 41 -3.07 6.23 -1.20
C TYR A 41 -4.29 6.66 -0.39
N LEU A 42 -4.72 7.90 -0.59
CA LEU A 42 -5.87 8.43 0.12
C LEU A 42 -7.17 7.92 -0.48
N GLU A 43 -7.06 7.23 -1.61
CA GLU A 43 -8.24 6.69 -2.28
C GLU A 43 -8.50 5.25 -1.84
N LEU A 44 -7.46 4.59 -1.32
CA LEU A 44 -7.58 3.22 -0.85
C LEU A 44 -7.48 3.15 0.67
N ALA A 45 -6.85 4.15 1.26
CA ALA A 45 -6.69 4.20 2.71
C ALA A 45 -8.03 4.36 3.40
N SER A 46 -9.03 4.82 2.66
CA SER A 46 -10.37 5.02 3.21
C SER A 46 -11.21 3.74 3.04
N ALA A 47 -10.80 2.88 2.12
CA ALA A 47 -11.51 1.64 1.88
C ALA A 47 -10.85 0.47 2.59
N VAL A 48 -9.55 0.60 2.85
CA VAL A 48 -8.81 -0.44 3.54
C VAL A 48 -9.17 -0.52 5.01
N LYS A 49 -9.63 0.61 5.55
CA LYS A 49 -10.03 0.68 6.96
C LYS A 49 -11.36 -0.02 7.18
N GLU A 50 -12.19 -0.07 6.14
CA GLU A 50 -13.49 -0.71 6.22
C GLU A 50 -13.36 -2.23 6.20
N GLN A 51 -12.21 -2.71 5.74
CA GLN A 51 -11.96 -4.15 5.67
C GLN A 51 -11.15 -4.61 6.88
N TYR A 52 -10.08 -3.89 7.19
CA TYR A 52 -9.22 -4.23 8.31
C TYR A 52 -9.05 -3.03 9.25
N PRO A 53 -10.09 -2.74 10.04
CA PRO A 53 -10.08 -1.61 10.98
C PRO A 53 -9.13 -1.85 12.15
N GLY A 54 -8.60 -3.07 12.23
CA GLY A 54 -7.67 -3.41 13.31
C GLY A 54 -6.24 -3.07 12.96
N ILE A 55 -5.87 -3.28 11.70
CA ILE A 55 -4.50 -2.99 11.25
C ILE A 55 -4.14 -1.54 11.50
N GLU A 56 -2.97 -1.14 11.03
CA GLU A 56 -2.50 0.23 11.19
C GLU A 56 -1.77 0.72 9.94
N ILE A 57 -2.46 1.52 9.13
CA ILE A 57 -1.88 2.04 7.91
C ILE A 57 -1.64 3.55 8.01
N GLU A 58 -0.54 4.01 7.44
CA GLU A 58 -0.20 5.42 7.47
C GLU A 58 0.72 5.79 6.30
N SER A 59 0.93 7.09 6.11
CA SER A 59 1.78 7.57 5.03
C SER A 59 3.16 7.96 5.55
N ARG A 60 4.19 7.60 4.79
CA ARG A 60 5.57 7.91 5.19
C ARG A 60 6.31 8.60 4.04
N LEU A 61 7.50 9.11 4.34
CA LEU A 61 8.32 9.79 3.35
C LEU A 61 9.42 8.88 2.83
N GLY A 62 9.69 8.95 1.53
CA GLY A 62 10.72 8.13 0.94
C GLY A 62 11.87 8.96 0.38
N GLY A 63 11.53 10.10 -0.22
CA GLY A 63 12.56 10.96 -0.79
C GLY A 63 12.02 11.83 -1.91
N THR A 64 11.70 11.22 -3.03
CA THR A 64 11.17 11.95 -4.18
C THR A 64 10.83 11.00 -5.33
N GLY A 65 9.72 11.28 -6.00
CA GLY A 65 9.29 10.45 -7.11
C GLY A 65 9.47 8.98 -6.82
N ALA A 66 9.08 8.55 -5.62
CA ALA A 66 9.20 7.15 -5.23
C ALA A 66 7.85 6.58 -4.80
N PHE A 67 7.82 5.28 -4.55
CA PHE A 67 6.59 4.61 -4.13
C PHE A 67 6.90 3.28 -3.46
N GLU A 68 7.87 3.28 -2.56
CA GLU A 68 8.25 2.06 -1.86
C GLU A 68 7.16 1.62 -0.88
N ILE A 69 6.66 0.41 -1.07
CA ILE A 69 5.61 -0.13 -0.21
C ILE A 69 6.21 -0.88 0.97
N GLU A 70 5.65 -0.64 2.15
CA GLU A 70 6.13 -1.30 3.37
C GLU A 70 4.97 -1.95 4.12
N ILE A 71 4.77 -3.24 3.86
CA ILE A 71 3.69 -3.99 4.51
C ILE A 71 3.98 -4.17 6.01
N ASN A 72 5.25 -4.06 6.38
CA ASN A 72 5.66 -4.21 7.77
C ASN A 72 6.70 -3.17 8.15
N GLY A 73 6.59 -1.98 7.55
CA GLY A 73 7.53 -0.91 7.84
C GLY A 73 8.81 -1.03 7.03
N GLN A 74 8.95 -2.14 6.32
CA GLN A 74 10.14 -2.38 5.51
C GLN A 74 9.77 -2.59 4.04
N LEU A 75 10.66 -2.21 3.14
CA LEU A 75 10.43 -2.35 1.72
C LEU A 75 10.31 -3.83 1.34
N VAL A 76 9.16 -4.21 0.79
CA VAL A 76 8.92 -5.58 0.38
C VAL A 76 8.67 -5.67 -1.12
N PHE A 77 8.19 -4.58 -1.70
CA PHE A 77 7.89 -4.54 -3.13
C PHE A 77 7.92 -3.10 -3.65
N SER A 78 9.04 -2.69 -4.22
CA SER A 78 9.19 -1.33 -4.75
C SER A 78 8.47 -1.20 -6.09
N LYS A 79 8.05 0.01 -6.41
CA LYS A 79 7.35 0.29 -7.65
C LYS A 79 8.27 1.02 -8.64
N LEU A 80 9.43 1.45 -8.15
CA LEU A 80 10.39 2.16 -8.99
C LEU A 80 11.20 1.18 -9.83
N GLU A 81 11.14 -0.10 -9.48
CA GLU A 81 11.86 -1.13 -10.20
C GLU A 81 10.95 -1.86 -11.18
N ASN A 82 9.78 -2.29 -10.68
CA ASN A 82 8.82 -3.01 -11.49
C ASN A 82 8.29 -2.11 -12.61
N GLY A 83 7.69 -0.99 -12.22
CA GLY A 83 7.14 -0.08 -13.20
C GLY A 83 6.01 0.77 -12.65
N GLY A 84 5.41 0.30 -11.54
CA GLY A 84 4.32 1.02 -10.93
C GLY A 84 2.97 0.38 -11.20
N PHE A 85 1.91 1.18 -11.19
CA PHE A 85 0.57 0.68 -11.43
C PHE A 85 0.15 -0.30 -10.34
N PRO A 86 -0.04 0.21 -9.12
CA PRO A 86 -0.43 -0.61 -7.97
C PRO A 86 -1.88 -1.09 -8.08
N TYR A 87 -2.24 -2.06 -7.23
CA TYR A 87 -3.58 -2.61 -7.24
C TYR A 87 -4.21 -2.54 -5.86
N GLU A 88 -5.53 -2.34 -5.82
CA GLU A 88 -6.25 -2.25 -4.56
C GLU A 88 -6.25 -3.60 -3.83
N LYS A 89 -6.02 -4.67 -4.58
CA LYS A 89 -6.00 -6.01 -4.01
C LYS A 89 -4.56 -6.42 -3.65
N ASP A 90 -3.60 -5.86 -4.37
CA ASP A 90 -2.19 -6.17 -4.13
C ASP A 90 -1.68 -5.43 -2.90
N LEU A 91 -2.42 -4.40 -2.49
CA LEU A 91 -2.04 -3.61 -1.32
C LEU A 91 -2.75 -4.10 -0.07
N ILE A 92 -3.81 -4.88 -0.27
CA ILE A 92 -4.58 -5.42 0.85
C ILE A 92 -4.27 -6.90 1.07
N GLU A 93 -3.82 -7.56 0.01
CA GLU A 93 -3.48 -8.98 0.09
C GLU A 93 -2.15 -9.18 0.80
N ALA A 94 -1.47 -8.08 1.10
CA ALA A 94 -0.18 -8.13 1.76
C ALA A 94 -0.33 -8.61 3.20
N ILE A 95 -1.18 -7.95 3.97
CA ILE A 95 -1.42 -8.32 5.35
C ILE A 95 -1.87 -9.77 5.47
N ARG A 96 -2.58 -10.25 4.46
CA ARG A 96 -3.08 -11.61 4.44
C ARG A 96 -1.92 -12.61 4.37
N ARG A 97 -0.78 -12.15 3.87
CA ARG A 97 0.40 -12.99 3.74
C ARG A 97 1.35 -12.78 4.92
N ALA A 98 1.36 -11.56 5.45
CA ALA A 98 2.23 -11.22 6.57
C ALA A 98 1.69 -11.83 7.87
N SER A 99 0.40 -11.65 8.11
CA SER A 99 -0.23 -12.18 9.32
C SER A 99 -0.36 -13.70 9.25
N ASN A 100 -0.16 -14.25 8.05
CA ASN A 100 -0.25 -15.69 7.85
C ASN A 100 0.82 -16.42 8.64
N GLY A 101 1.95 -15.75 8.85
CA GLY A 101 3.05 -16.36 9.59
C GLY A 101 4.16 -16.86 8.69
N GLU A 102 3.95 -16.74 7.38
CA GLU A 102 4.94 -17.19 6.41
C GLU A 102 5.86 -16.04 6.01
N THR A 103 7.17 -16.24 6.21
CA THR A 103 8.15 -15.23 5.87
C THR A 103 8.01 -14.77 4.42
N LEU A 104 8.33 -13.51 4.16
CA LEU A 104 8.24 -12.95 2.83
C LEU A 104 9.62 -12.75 2.21
N GLU A 105 9.65 -12.45 0.92
CA GLU A 105 10.91 -12.23 0.22
C GLU A 105 11.77 -11.21 0.95
N LYS A 106 13.09 -11.35 0.82
CA LYS A 106 14.02 -10.44 1.47
C LYS A 106 13.73 -8.99 1.09
N ILE A 107 14.46 -8.07 1.71
CA ILE A 107 14.26 -6.64 1.44
C ILE A 107 15.00 -6.22 0.18
N THR A 108 14.29 -5.59 -0.74
CA THR A 108 14.88 -5.13 -1.99
C THR A 108 15.30 -3.67 -1.89
N ASN A 109 15.66 -3.23 -0.69
CA ASN A 109 16.08 -1.85 -0.47
C ASN A 109 17.43 -1.59 -1.11
N SER A 110 17.42 -1.28 -2.40
CA SER A 110 18.66 -1.01 -3.14
C SER A 110 18.46 0.15 -4.11
N ARG A 111 19.56 0.74 -4.56
CA ARG A 111 19.52 1.85 -5.50
C ARG A 111 20.51 1.65 -6.63
N PRO A 112 20.27 2.32 -7.76
CA PRO A 112 21.13 2.23 -8.95
C PRO A 112 22.48 2.91 -8.72
N PRO A 113 23.42 2.66 -9.65
CA PRO A 113 24.77 3.22 -9.58
C PRO A 113 24.78 4.73 -9.84
N CYS A 114 25.83 5.40 -9.35
CA CYS A 114 25.95 6.83 -9.53
C CYS A 114 26.03 7.20 -11.01
N VAL A 115 24.93 7.73 -11.54
CA VAL A 115 24.87 8.12 -12.94
C VAL A 115 24.25 9.51 -13.10
N ILE A 116 24.05 9.91 -14.35
CA ILE A 116 23.46 11.21 -14.64
C ILE A 116 22.48 11.13 -15.81
N LEU A 117 21.23 11.49 -15.55
CA LEU A 117 20.20 11.46 -16.58
C LEU A 117 20.71 12.05 -17.89
N GLY A 1 10.50 0.04 -14.81
CA GLY A 1 9.13 -0.46 -14.92
C GLY A 1 8.30 0.35 -15.89
N SER A 2 7.15 0.83 -15.41
CA SER A 2 6.26 1.62 -16.24
C SER A 2 6.29 3.09 -15.83
N MET A 3 6.53 3.97 -16.80
CA MET A 3 6.59 5.40 -16.54
C MET A 3 5.46 6.13 -17.24
N SER A 4 4.96 5.53 -18.33
CA SER A 4 3.87 6.13 -19.10
C SER A 4 2.69 6.48 -18.19
N GLY A 5 2.25 5.52 -17.39
CA GLY A 5 1.14 5.74 -16.49
C GLY A 5 -0.19 5.31 -17.08
N GLU A 6 -0.71 4.19 -16.59
CA GLU A 6 -1.98 3.68 -17.08
C GLU A 6 -2.65 2.78 -16.04
N PRO A 7 -3.11 3.40 -14.94
CA PRO A 7 -3.77 2.68 -13.85
C PRO A 7 -5.15 2.15 -14.25
N GLY A 8 -5.71 1.30 -13.40
CA GLY A 8 -7.03 0.74 -13.68
C GLY A 8 -8.10 1.25 -12.74
N GLN A 9 -9.36 1.00 -13.09
CA GLN A 9 -10.48 1.45 -12.26
C GLN A 9 -11.60 0.42 -12.28
N THR A 10 -11.75 -0.32 -11.18
CA THR A 10 -12.79 -1.33 -11.08
C THR A 10 -14.14 -0.71 -10.75
N SER A 11 -15.17 -1.55 -10.69
CA SER A 11 -16.51 -1.07 -10.38
C SER A 11 -16.93 -1.49 -8.97
N VAL A 12 -18.05 -0.94 -8.51
CA VAL A 12 -18.57 -1.25 -7.18
C VAL A 12 -19.29 -2.59 -7.18
N ALA A 13 -19.46 -3.17 -5.98
CA ALA A 13 -20.14 -4.45 -5.84
C ALA A 13 -20.25 -4.85 -4.38
N PRO A 14 -21.17 -5.77 -4.08
CA PRO A 14 -21.40 -6.26 -2.71
C PRO A 14 -20.24 -7.12 -2.22
N PRO A 15 -19.51 -6.60 -1.21
CA PRO A 15 -18.38 -7.31 -0.62
C PRO A 15 -18.80 -8.53 0.19
N PRO A 16 -17.82 -9.38 0.55
CA PRO A 16 -18.08 -10.59 1.33
C PRO A 16 -18.48 -10.28 2.77
N GLU A 17 -18.53 -11.32 3.60
CA GLU A 17 -18.90 -11.15 5.00
C GLU A 17 -17.97 -10.15 5.70
N GLU A 18 -18.23 -9.91 6.97
CA GLU A 18 -17.43 -8.98 7.75
C GLU A 18 -16.38 -9.71 8.59
N VAL A 19 -15.16 -9.79 8.06
CA VAL A 19 -14.07 -10.46 8.74
C VAL A 19 -12.76 -9.70 8.57
N GLU A 20 -11.88 -9.82 9.56
CA GLU A 20 -10.59 -9.15 9.52
C GLU A 20 -9.45 -10.16 9.48
N PRO A 21 -9.30 -10.85 8.34
CA PRO A 21 -8.25 -11.86 8.15
C PRO A 21 -6.86 -11.23 8.07
N GLY A 22 -6.80 -10.00 7.59
CA GLY A 22 -5.52 -9.31 7.47
C GLY A 22 -5.00 -8.83 8.81
N SER A 23 -5.83 -8.94 9.85
CA SER A 23 -5.44 -8.51 11.19
C SER A 23 -4.13 -9.14 11.61
N GLY A 24 -3.17 -8.32 12.00
CA GLY A 24 -1.87 -8.82 12.42
C GLY A 24 -0.72 -8.04 11.81
N VAL A 25 -0.92 -6.74 11.64
CA VAL A 25 0.11 -5.88 11.07
C VAL A 25 0.00 -4.46 11.61
N ARG A 26 1.14 -3.78 11.71
CA ARG A 26 1.18 -2.42 12.22
C ARG A 26 1.84 -1.47 11.21
N ILE A 27 1.05 -0.95 10.29
CA ILE A 27 1.55 -0.03 9.27
C ILE A 27 1.76 1.36 9.84
N VAL A 28 2.79 2.04 9.34
CA VAL A 28 3.11 3.39 9.80
C VAL A 28 3.74 4.22 8.69
N VAL A 29 2.89 4.83 7.86
CA VAL A 29 3.36 5.66 6.76
C VAL A 29 4.10 6.89 7.26
N GLU A 30 5.40 6.94 6.97
CA GLU A 30 6.23 8.07 7.40
C GLU A 30 6.47 9.04 6.25
N TYR A 31 5.89 10.23 6.36
CA TYR A 31 6.04 11.24 5.32
C TYR A 31 6.12 12.64 5.93
N CYS A 32 6.55 13.61 5.13
CA CYS A 32 6.67 14.99 5.58
C CYS A 32 5.30 15.65 5.69
N GLU A 33 4.80 15.78 6.92
CA GLU A 33 3.51 16.39 7.16
C GLU A 33 3.46 17.80 6.57
N PRO A 34 4.33 18.69 7.08
CA PRO A 34 4.40 20.07 6.61
C PRO A 34 4.96 20.18 5.20
N CYS A 35 4.31 19.51 4.25
CA CYS A 35 4.75 19.53 2.86
C CYS A 35 3.55 19.41 1.92
N GLY A 36 2.64 18.51 2.25
CA GLY A 36 1.46 18.32 1.42
C GLY A 36 1.39 16.91 0.85
N PHE A 37 2.02 15.96 1.52
CA PHE A 37 2.03 14.57 1.08
C PHE A 37 1.00 13.76 1.85
N GLU A 38 0.12 14.45 2.56
CA GLU A 38 -0.92 13.78 3.34
C GLU A 38 -2.16 13.50 2.50
N ALA A 39 -2.18 14.10 1.30
CA ALA A 39 -3.30 13.90 0.39
C ALA A 39 -3.29 12.51 -0.23
N THR A 40 -2.10 11.90 -0.27
CA THR A 40 -1.95 10.57 -0.84
C THR A 40 -2.10 9.49 0.23
N TYR A 41 -1.85 9.87 1.48
CA TYR A 41 -1.96 8.93 2.59
C TYR A 41 -3.43 8.66 2.94
N LEU A 42 -4.25 9.69 2.75
CA LEU A 42 -5.68 9.57 3.04
C LEU A 42 -6.42 8.90 1.89
N GLU A 43 -5.87 9.03 0.69
CA GLU A 43 -6.48 8.44 -0.49
C GLU A 43 -6.36 6.91 -0.47
N LEU A 44 -5.41 6.42 0.30
CA LEU A 44 -5.19 4.98 0.42
C LEU A 44 -5.66 4.46 1.77
N ALA A 45 -5.50 5.28 2.81
CA ALA A 45 -5.91 4.90 4.15
C ALA A 45 -7.43 4.81 4.25
N SER A 46 -8.12 5.41 3.28
CA SER A 46 -9.58 5.40 3.26
C SER A 46 -10.11 4.13 2.59
N ALA A 47 -9.20 3.38 1.97
CA ALA A 47 -9.57 2.15 1.28
C ALA A 47 -9.04 0.93 2.03
N VAL A 48 -7.92 1.11 2.71
CA VAL A 48 -7.30 0.02 3.48
C VAL A 48 -7.92 -0.10 4.87
N LYS A 49 -8.36 1.04 5.41
CA LYS A 49 -8.97 1.06 6.73
C LYS A 49 -10.36 0.43 6.70
N GLU A 50 -10.97 0.42 5.53
CA GLU A 50 -12.30 -0.16 5.36
C GLU A 50 -12.21 -1.61 4.92
N GLN A 51 -10.99 -2.10 4.75
CA GLN A 51 -10.76 -3.48 4.33
C GLN A 51 -10.21 -4.31 5.47
N TYR A 52 -9.22 -3.77 6.16
CA TYR A 52 -8.60 -4.46 7.28
C TYR A 52 -8.75 -3.67 8.57
N PRO A 53 -9.95 -3.75 9.17
CA PRO A 53 -10.26 -3.05 10.42
C PRO A 53 -9.53 -3.63 11.62
N GLY A 54 -8.86 -4.77 11.40
CA GLY A 54 -8.11 -5.41 12.47
C GLY A 54 -6.72 -4.84 12.62
N ILE A 55 -6.05 -4.60 11.50
CA ILE A 55 -4.69 -4.06 11.51
C ILE A 55 -4.65 -2.72 12.24
N GLU A 56 -3.48 -2.09 12.23
CA GLU A 56 -3.30 -0.80 12.88
C GLU A 56 -2.39 0.12 12.06
N ILE A 57 -2.99 1.09 11.39
CA ILE A 57 -2.24 2.03 10.58
C ILE A 57 -2.27 3.43 11.17
N GLU A 58 -1.14 4.12 11.08
CA GLU A 58 -1.04 5.49 11.61
C GLU A 58 -0.02 6.30 10.82
N SER A 59 0.04 7.60 11.11
CA SER A 59 0.98 8.49 10.43
C SER A 59 2.12 8.88 11.35
N ARG A 60 3.20 9.39 10.76
CA ARG A 60 4.36 9.80 11.54
C ARG A 60 5.24 10.77 10.73
N LEU A 61 6.20 11.38 11.40
CA LEU A 61 7.11 12.33 10.75
C LEU A 61 8.37 11.63 10.27
N GLY A 62 9.00 12.19 9.24
CA GLY A 62 10.22 11.61 8.71
C GLY A 62 11.40 12.55 8.80
N GLY A 63 11.28 13.71 8.17
CA GLY A 63 12.35 14.69 8.19
C GLY A 63 12.12 15.83 7.22
N THR A 64 12.03 15.50 5.94
CA THR A 64 11.82 16.51 4.90
C THR A 64 11.72 15.87 3.52
N GLY A 65 10.55 15.99 2.90
CA GLY A 65 10.36 15.41 1.58
C GLY A 65 10.71 13.95 1.53
N ALA A 66 9.92 13.12 2.21
CA ALA A 66 10.16 11.68 2.24
C ALA A 66 8.84 10.91 2.33
N PHE A 67 8.89 9.63 1.95
CA PHE A 67 7.70 8.79 1.99
C PHE A 67 8.04 7.39 2.49
N GLU A 68 8.83 7.32 3.55
CA GLU A 68 9.24 6.05 4.14
C GLU A 68 8.04 5.30 4.71
N ILE A 69 7.64 4.23 4.04
CA ILE A 69 6.50 3.43 4.48
C ILE A 69 6.96 2.30 5.41
N GLU A 70 6.51 2.36 6.66
CA GLU A 70 6.87 1.34 7.64
C GLU A 70 5.70 0.39 7.89
N ILE A 71 5.53 -0.58 6.99
CA ILE A 71 4.44 -1.55 7.11
C ILE A 71 4.55 -2.33 8.41
N ASN A 72 5.77 -2.67 8.80
CA ASN A 72 6.01 -3.41 10.03
C ASN A 72 7.12 -2.76 10.86
N GLY A 73 7.11 -1.43 10.91
CA GLY A 73 8.11 -0.71 11.67
C GLY A 73 9.40 -0.52 10.89
N GLN A 74 9.49 -1.17 9.73
CA GLN A 74 10.67 -1.06 8.90
C GLN A 74 10.32 -0.53 7.51
N LEU A 75 11.24 0.22 6.92
CA LEU A 75 11.02 0.79 5.60
C LEU A 75 10.94 -0.30 4.53
N VAL A 76 9.80 -0.37 3.85
CA VAL A 76 9.59 -1.37 2.81
C VAL A 76 9.22 -0.71 1.48
N PHE A 77 9.06 0.61 1.51
CA PHE A 77 8.71 1.37 0.31
C PHE A 77 8.93 2.86 0.52
N SER A 78 10.04 3.38 0.01
CA SER A 78 10.36 4.79 0.15
C SER A 78 10.29 5.50 -1.20
N LYS A 79 9.70 6.69 -1.21
CA LYS A 79 9.58 7.47 -2.43
C LYS A 79 10.94 8.00 -2.88
N LEU A 80 11.91 7.99 -1.97
CA LEU A 80 13.25 8.47 -2.28
C LEU A 80 14.10 7.35 -2.87
N GLU A 81 13.93 6.14 -2.34
CA GLU A 81 14.69 4.99 -2.82
C GLU A 81 13.92 4.26 -3.92
N ASN A 82 12.75 3.72 -3.58
CA ASN A 82 11.93 3.00 -4.54
C ASN A 82 11.73 3.82 -5.80
N GLY A 83 10.97 4.91 -5.68
CA GLY A 83 10.71 5.76 -6.82
C GLY A 83 9.24 6.10 -6.98
N GLY A 84 8.53 6.22 -5.86
CA GLY A 84 7.12 6.53 -5.89
C GLY A 84 6.33 5.54 -6.73
N PHE A 85 5.21 6.00 -7.28
CA PHE A 85 4.36 5.14 -8.10
C PHE A 85 3.81 3.97 -7.29
N PRO A 86 3.07 4.29 -6.22
CA PRO A 86 2.47 3.28 -5.34
C PRO A 86 1.35 2.51 -6.03
N TYR A 87 0.81 1.52 -5.32
CA TYR A 87 -0.28 0.71 -5.86
C TYR A 87 -1.27 0.33 -4.76
N GLU A 88 -2.56 0.56 -5.04
CA GLU A 88 -3.61 0.24 -4.08
C GLU A 88 -3.54 -1.22 -3.66
N LYS A 89 -2.92 -2.04 -4.49
CA LYS A 89 -2.79 -3.46 -4.20
C LYS A 89 -1.48 -3.75 -3.48
N ASP A 90 -0.49 -2.88 -3.67
CA ASP A 90 0.81 -3.04 -3.03
C ASP A 90 0.73 -2.68 -1.55
N LEU A 91 -0.24 -1.83 -1.20
CA LEU A 91 -0.42 -1.41 0.18
C LEU A 91 -1.37 -2.35 0.92
N ILE A 92 -2.12 -3.13 0.16
CA ILE A 92 -3.07 -4.07 0.75
C ILE A 92 -2.51 -5.49 0.74
N GLU A 93 -1.61 -5.76 -0.21
CA GLU A 93 -1.00 -7.08 -0.31
C GLU A 93 0.21 -7.20 0.60
N ALA A 94 0.65 -6.06 1.15
CA ALA A 94 1.79 -6.04 2.04
C ALA A 94 1.48 -6.75 3.36
N ILE A 95 0.43 -6.29 4.03
CA ILE A 95 0.03 -6.89 5.31
C ILE A 95 -0.25 -8.38 5.16
N ARG A 96 -0.62 -8.79 3.94
CA ARG A 96 -0.91 -10.18 3.67
C ARG A 96 0.34 -11.05 3.80
N ARG A 97 1.48 -10.51 3.36
CA ARG A 97 2.74 -11.22 3.43
C ARG A 97 3.48 -10.87 4.72
N ALA A 98 3.20 -9.70 5.27
CA ALA A 98 3.84 -9.26 6.50
C ALA A 98 3.39 -10.11 7.69
N SER A 99 2.09 -10.25 7.84
CA SER A 99 1.53 -11.04 8.95
C SER A 99 1.76 -12.53 8.72
N ASN A 100 2.13 -12.88 7.49
CA ASN A 100 2.37 -14.28 7.14
C ASN A 100 3.64 -14.78 7.80
N GLY A 101 4.62 -13.89 7.97
CA GLY A 101 5.88 -14.27 8.60
C GLY A 101 6.99 -14.43 7.59
N GLU A 102 6.78 -13.92 6.38
CA GLU A 102 7.78 -14.00 5.32
C GLU A 102 8.18 -12.62 4.84
N THR A 103 9.48 -12.41 4.66
CA THR A 103 10.00 -11.12 4.20
C THR A 103 9.34 -10.70 2.89
N LEU A 104 9.36 -9.40 2.62
CA LEU A 104 8.76 -8.86 1.40
C LEU A 104 9.84 -8.46 0.40
N GLU A 105 9.60 -8.76 -0.87
CA GLU A 105 10.55 -8.42 -1.93
C GLU A 105 9.83 -8.22 -3.25
N LYS A 106 10.02 -7.03 -3.85
CA LYS A 106 9.39 -6.72 -5.13
C LYS A 106 10.36 -6.92 -6.28
N ILE A 107 9.83 -7.26 -7.45
CA ILE A 107 10.66 -7.48 -8.62
C ILE A 107 10.30 -6.50 -9.74
N THR A 108 11.32 -5.80 -10.24
CA THR A 108 11.11 -4.82 -11.31
C THR A 108 11.49 -5.41 -12.67
N ASN A 109 11.41 -6.74 -12.78
CA ASN A 109 11.75 -7.42 -14.02
C ASN A 109 10.76 -8.55 -14.30
N SER A 110 9.84 -8.31 -15.22
CA SER A 110 8.84 -9.31 -15.58
C SER A 110 8.45 -9.17 -17.04
N ARG A 111 8.46 -10.30 -17.76
CA ARG A 111 8.11 -10.31 -19.17
C ARG A 111 7.40 -11.61 -19.55
N PRO A 112 6.17 -11.79 -19.03
CA PRO A 112 5.37 -12.99 -19.30
C PRO A 112 4.88 -13.04 -20.74
N PRO A 113 4.36 -14.21 -21.14
CA PRO A 113 3.85 -14.44 -22.50
C PRO A 113 2.57 -13.66 -22.76
N CYS A 114 2.28 -13.40 -24.04
CA CYS A 114 1.08 -12.67 -24.42
C CYS A 114 -0.17 -13.36 -23.88
N VAL A 115 -0.74 -12.79 -22.82
CA VAL A 115 -1.94 -13.34 -22.20
C VAL A 115 -3.08 -12.33 -22.22
N ILE A 116 -4.01 -12.52 -23.16
CA ILE A 116 -5.15 -11.62 -23.26
C ILE A 116 -6.47 -12.39 -23.19
N LEU A 117 -7.10 -12.36 -22.02
CA LEU A 117 -8.36 -13.06 -21.81
C LEU A 117 -9.54 -12.11 -21.99
N GLY A 1 5.99 2.81 -25.30
CA GLY A 1 6.25 2.32 -26.64
C GLY A 1 5.51 1.04 -26.94
N SER A 2 6.23 -0.09 -26.85
CA SER A 2 5.62 -1.39 -27.12
C SER A 2 4.87 -1.90 -25.90
N MET A 3 5.35 -1.53 -24.71
CA MET A 3 4.73 -1.95 -23.46
C MET A 3 3.34 -1.34 -23.33
N SER A 4 2.43 -2.08 -22.68
CA SER A 4 1.07 -1.60 -22.48
C SER A 4 0.73 -1.55 -21.00
N GLY A 5 -0.47 -1.06 -20.69
CA GLY A 5 -0.90 -0.96 -19.31
C GLY A 5 -2.01 -1.94 -18.97
N GLU A 6 -3.21 -1.65 -19.43
CA GLU A 6 -4.37 -2.51 -19.18
C GLU A 6 -4.55 -2.74 -17.68
N PRO A 7 -5.02 -1.70 -16.98
CA PRO A 7 -5.25 -1.76 -15.53
C PRO A 7 -6.43 -2.67 -15.17
N GLY A 8 -6.72 -2.75 -13.87
CA GLY A 8 -7.82 -3.58 -13.42
C GLY A 8 -9.07 -2.79 -13.15
N GLN A 9 -10.08 -2.97 -14.00
CA GLN A 9 -11.35 -2.25 -13.85
C GLN A 9 -12.48 -3.23 -13.58
N THR A 10 -12.99 -3.22 -12.35
CA THR A 10 -14.07 -4.10 -11.95
C THR A 10 -15.44 -3.47 -12.26
N SER A 11 -16.47 -4.29 -12.27
CA SER A 11 -17.82 -3.82 -12.54
C SER A 11 -18.42 -3.13 -11.31
N VAL A 12 -19.61 -2.57 -11.48
CA VAL A 12 -20.29 -1.88 -10.39
C VAL A 12 -20.89 -2.88 -9.40
N ALA A 13 -20.32 -2.94 -8.21
CA ALA A 13 -20.80 -3.85 -7.17
C ALA A 13 -20.14 -3.54 -5.83
N PRO A 14 -20.78 -4.02 -4.74
CA PRO A 14 -20.27 -3.80 -3.38
C PRO A 14 -19.01 -4.60 -3.10
N PRO A 15 -18.34 -4.28 -1.99
CA PRO A 15 -17.09 -4.94 -1.58
C PRO A 15 -17.33 -6.38 -1.15
N PRO A 16 -16.24 -7.14 -1.00
CA PRO A 16 -16.30 -8.55 -0.58
C PRO A 16 -16.72 -8.70 0.88
N GLU A 17 -16.61 -9.93 1.39
CA GLU A 17 -16.98 -10.20 2.78
C GLU A 17 -16.19 -9.32 3.73
N GLU A 18 -16.45 -9.48 5.03
CA GLU A 18 -15.76 -8.70 6.05
C GLU A 18 -14.73 -9.54 6.78
N VAL A 19 -13.47 -9.45 6.35
CA VAL A 19 -12.38 -10.21 6.95
C VAL A 19 -11.12 -9.37 7.06
N GLU A 20 -10.29 -9.67 8.05
CA GLU A 20 -9.04 -8.95 8.25
C GLU A 20 -7.84 -9.87 8.10
N PRO A 21 -7.60 -10.35 6.87
CA PRO A 21 -6.49 -11.25 6.58
C PRO A 21 -5.13 -10.55 6.67
N GLY A 22 -5.10 -9.27 6.34
CA GLY A 22 -3.87 -8.52 6.40
C GLY A 22 -3.37 -8.34 7.82
N SER A 23 -4.24 -8.61 8.79
CA SER A 23 -3.88 -8.47 10.19
C SER A 23 -2.56 -9.19 10.49
N GLY A 24 -1.53 -8.41 10.82
CA GLY A 24 -0.23 -8.99 11.12
C GLY A 24 0.92 -8.17 10.54
N VAL A 25 0.73 -6.85 10.51
CA VAL A 25 1.76 -5.96 9.99
C VAL A 25 1.76 -4.63 10.73
N ARG A 26 2.88 -3.92 10.66
CA ARG A 26 3.01 -2.63 11.33
C ARG A 26 3.39 -1.54 10.33
N ILE A 27 2.38 -0.92 9.73
CA ILE A 27 2.62 0.14 8.76
C ILE A 27 2.92 1.47 9.45
N VAL A 28 3.77 2.28 8.83
CA VAL A 28 4.14 3.58 9.38
C VAL A 28 4.45 4.58 8.27
N VAL A 29 3.49 5.47 8.01
CA VAL A 29 3.67 6.48 6.98
C VAL A 29 4.55 7.62 7.47
N GLU A 30 5.70 7.80 6.82
CA GLU A 30 6.64 8.85 7.19
C GLU A 30 6.50 10.06 6.27
N TYR A 31 5.86 11.11 6.78
CA TYR A 31 5.65 12.32 6.01
C TYR A 31 5.76 13.56 6.89
N CYS A 32 5.98 14.72 6.27
CA CYS A 32 6.11 15.97 7.00
C CYS A 32 4.74 16.52 7.36
N GLU A 33 4.37 16.38 8.63
CA GLU A 33 3.08 16.86 9.11
C GLU A 33 2.92 18.35 8.81
N PRO A 34 3.80 19.18 9.38
CA PRO A 34 3.77 20.63 9.18
C PRO A 34 4.16 21.02 7.76
N CYS A 35 3.43 20.50 6.78
CA CYS A 35 3.70 20.81 5.38
C CYS A 35 2.42 20.77 4.55
N GLY A 36 1.60 19.74 4.78
CA GLY A 36 0.35 19.60 4.06
C GLY A 36 0.23 18.27 3.35
N PHE A 37 0.99 17.28 3.82
CA PHE A 37 0.96 15.95 3.23
C PHE A 37 0.02 15.03 4.01
N GLU A 38 -0.76 15.62 4.89
CA GLU A 38 -1.71 14.86 5.70
C GLU A 38 -3.09 14.81 5.03
N ALA A 39 -3.35 15.79 4.17
CA ALA A 39 -4.63 15.87 3.48
C ALA A 39 -4.72 14.80 2.38
N THR A 40 -3.59 14.13 2.12
CA THR A 40 -3.55 13.09 1.11
C THR A 40 -3.50 11.70 1.75
N TYR A 41 -3.07 11.65 2.99
CA TYR A 41 -2.97 10.39 3.72
C TYR A 41 -4.27 10.09 4.47
N LEU A 42 -5.00 11.15 4.84
CA LEU A 42 -6.26 10.99 5.55
C LEU A 42 -7.37 10.57 4.60
N GLU A 43 -7.43 11.21 3.44
CA GLU A 43 -8.45 10.90 2.45
C GLU A 43 -8.44 9.41 2.11
N LEU A 44 -7.29 8.77 2.29
CA LEU A 44 -7.16 7.35 2.01
C LEU A 44 -7.16 6.52 3.30
N ALA A 45 -6.75 7.15 4.39
CA ALA A 45 -6.70 6.48 5.69
C ALA A 45 -8.12 6.20 6.19
N SER A 46 -9.10 6.82 5.56
CA SER A 46 -10.50 6.63 5.96
C SER A 46 -11.08 5.39 5.31
N ALA A 47 -10.35 4.82 4.35
CA ALA A 47 -10.79 3.62 3.65
C ALA A 47 -9.78 2.50 3.80
N VAL A 48 -8.50 2.86 3.88
CA VAL A 48 -7.43 1.88 4.03
C VAL A 48 -7.59 1.08 5.33
N LYS A 49 -8.23 1.69 6.32
CA LYS A 49 -8.45 1.04 7.60
C LYS A 49 -9.51 -0.05 7.48
N GLU A 50 -10.31 0.02 6.42
CA GLU A 50 -11.36 -0.97 6.20
C GLU A 50 -10.79 -2.25 5.58
N GLN A 51 -9.52 -2.21 5.21
CA GLN A 51 -8.85 -3.36 4.61
C GLN A 51 -8.21 -4.23 5.68
N TYR A 52 -7.53 -3.59 6.63
CA TYR A 52 -6.86 -4.31 7.70
C TYR A 52 -6.97 -3.55 9.02
N PRO A 53 -8.16 -3.58 9.62
CA PRO A 53 -8.42 -2.90 10.89
C PRO A 53 -7.70 -3.55 12.06
N GLY A 54 -7.06 -4.68 11.80
CA GLY A 54 -6.34 -5.39 12.84
C GLY A 54 -4.89 -4.95 12.95
N ILE A 55 -4.32 -4.53 11.83
CA ILE A 55 -2.93 -4.09 11.80
C ILE A 55 -2.75 -2.79 12.59
N GLU A 56 -1.57 -2.19 12.48
CA GLU A 56 -1.28 -0.95 13.18
C GLU A 56 -0.61 0.06 12.25
N ILE A 57 -1.41 1.00 11.74
CA ILE A 57 -0.89 2.02 10.83
C ILE A 57 -0.91 3.39 11.49
N GLU A 58 0.26 3.85 11.92
CA GLU A 58 0.40 5.15 12.57
C GLU A 58 1.18 6.12 11.69
N SER A 59 1.06 7.41 11.98
CA SER A 59 1.76 8.44 11.22
C SER A 59 2.99 8.94 11.98
N ARG A 60 4.10 9.07 11.27
CA ARG A 60 5.34 9.54 11.88
C ARG A 60 5.97 10.65 11.04
N LEU A 61 6.64 11.58 11.71
CA LEU A 61 7.28 12.69 11.03
C LEU A 61 8.33 12.19 10.05
N GLY A 62 8.56 12.98 8.99
CA GLY A 62 9.54 12.59 7.99
C GLY A 62 10.71 13.55 7.93
N GLY A 63 10.41 14.85 7.87
CA GLY A 63 11.45 15.85 7.81
C GLY A 63 11.01 17.11 7.10
N THR A 64 10.76 17.01 5.80
CA THR A 64 10.32 18.15 5.01
C THR A 64 9.94 17.74 3.60
N GLY A 65 8.63 17.71 3.32
CA GLY A 65 8.16 17.34 2.00
C GLY A 65 8.57 15.92 1.63
N ALA A 66 8.44 15.00 2.57
CA ALA A 66 8.80 13.61 2.34
C ALA A 66 7.58 12.69 2.44
N PHE A 67 7.72 11.47 1.97
CA PHE A 67 6.63 10.50 2.00
C PHE A 67 7.16 9.07 2.05
N GLU A 68 8.19 8.87 2.87
CA GLU A 68 8.80 7.54 3.01
C GLU A 68 7.83 6.56 3.66
N ILE A 69 7.39 5.58 2.89
CA ILE A 69 6.45 4.58 3.39
C ILE A 69 7.18 3.44 4.08
N GLU A 70 6.66 3.00 5.22
CA GLU A 70 7.27 1.91 5.98
C GLU A 70 6.24 0.82 6.28
N ILE A 71 6.28 -0.25 5.49
CA ILE A 71 5.36 -1.37 5.68
C ILE A 71 5.65 -2.11 6.98
N ASN A 72 6.91 -2.04 7.43
CA ASN A 72 7.31 -2.71 8.66
C ASN A 72 8.21 -1.80 9.50
N GLY A 73 7.94 -0.51 9.46
CA GLY A 73 8.74 0.44 10.21
C GLY A 73 9.99 0.86 9.48
N GLN A 74 10.26 0.22 8.34
CA GLN A 74 11.44 0.52 7.55
C GLN A 74 11.04 0.94 6.13
N LEU A 75 11.85 1.81 5.52
CA LEU A 75 11.59 2.29 4.17
C LEU A 75 11.62 1.13 3.18
N VAL A 76 10.48 0.88 2.55
CA VAL A 76 10.36 -0.19 1.56
C VAL A 76 10.02 0.36 0.19
N PHE A 77 9.36 1.51 0.16
CA PHE A 77 8.97 2.15 -1.08
C PHE A 77 8.78 3.65 -0.91
N SER A 78 9.87 4.40 -1.10
CA SER A 78 9.85 5.85 -0.96
C SER A 78 9.12 6.49 -2.13
N LYS A 79 8.63 7.72 -1.92
CA LYS A 79 7.93 8.44 -2.96
C LYS A 79 8.78 9.57 -3.52
N LEU A 80 9.77 10.01 -2.73
CA LEU A 80 10.66 11.08 -3.15
C LEU A 80 11.76 10.56 -4.07
N GLU A 81 11.98 9.25 -4.03
CA GLU A 81 13.00 8.61 -4.87
C GLU A 81 12.40 8.20 -6.21
N ASN A 82 11.38 7.37 -6.17
CA ASN A 82 10.72 6.89 -7.38
C ASN A 82 9.97 8.02 -8.06
N GLY A 83 8.99 8.59 -7.37
CA GLY A 83 8.20 9.68 -7.93
C GLY A 83 6.74 9.32 -8.06
N GLY A 84 6.21 8.59 -7.07
CA GLY A 84 4.81 8.21 -7.10
C GLY A 84 4.57 7.00 -7.98
N PHE A 85 5.61 6.20 -8.19
CA PHE A 85 5.50 5.00 -9.02
C PHE A 85 4.45 4.05 -8.47
N PRO A 86 4.64 3.66 -7.19
CA PRO A 86 3.72 2.73 -6.52
C PRO A 86 2.37 3.37 -6.22
N TYR A 87 1.30 2.66 -6.57
CA TYR A 87 -0.06 3.17 -6.35
C TYR A 87 -0.56 2.76 -4.97
N GLU A 88 -1.77 3.21 -4.64
CA GLU A 88 -2.38 2.89 -3.35
C GLU A 88 -2.73 1.40 -3.26
N LYS A 89 -3.22 0.86 -4.37
CA LYS A 89 -3.60 -0.55 -4.43
C LYS A 89 -2.36 -1.44 -4.39
N ASP A 90 -1.28 -0.98 -5.00
CA ASP A 90 -0.04 -1.74 -5.03
C ASP A 90 0.80 -1.46 -3.79
N LEU A 91 0.34 -0.52 -2.98
CA LEU A 91 1.05 -0.15 -1.75
C LEU A 91 0.47 -0.88 -0.54
N ILE A 92 -0.77 -1.32 -0.68
CA ILE A 92 -1.45 -2.04 0.40
C ILE A 92 -1.23 -3.54 0.29
N GLU A 93 -0.81 -3.98 -0.90
CA GLU A 93 -0.55 -5.40 -1.14
C GLU A 93 0.70 -5.86 -0.40
N ALA A 94 1.50 -4.91 0.04
CA ALA A 94 2.73 -5.22 0.76
C ALA A 94 2.44 -6.06 2.00
N ILE A 95 1.52 -5.59 2.82
CA ILE A 95 1.15 -6.31 4.04
C ILE A 95 0.82 -7.76 3.74
N ARG A 96 0.27 -8.01 2.55
CA ARG A 96 -0.10 -9.37 2.15
C ARG A 96 1.09 -10.31 2.27
N ARG A 97 2.23 -9.89 1.74
CA ARG A 97 3.44 -10.70 1.79
C ARG A 97 4.23 -10.43 3.06
N ALA A 98 3.99 -9.26 3.67
CA ALA A 98 4.67 -8.88 4.89
C ALA A 98 4.24 -9.77 6.06
N SER A 99 2.94 -9.96 6.20
CA SER A 99 2.40 -10.78 7.29
C SER A 99 2.68 -12.25 7.03
N ASN A 100 3.08 -12.58 5.80
CA ASN A 100 3.38 -13.95 5.43
C ASN A 100 4.61 -14.46 6.17
N GLY A 101 5.52 -13.54 6.52
CA GLY A 101 6.71 -13.91 7.23
C GLY A 101 7.90 -14.12 6.30
N GLU A 102 7.80 -13.58 5.09
CA GLU A 102 8.86 -13.71 4.11
C GLU A 102 9.19 -12.36 3.47
N THR A 103 10.42 -12.24 2.97
CA THR A 103 10.87 -11.01 2.35
C THR A 103 10.00 -10.65 1.15
N LEU A 104 10.01 -9.38 0.77
CA LEU A 104 9.22 -8.91 -0.36
C LEU A 104 10.10 -8.63 -1.57
N GLU A 105 9.64 -9.05 -2.75
CA GLU A 105 10.40 -8.85 -3.98
C GLU A 105 9.47 -8.42 -5.12
N LYS A 106 10.03 -7.72 -6.10
CA LYS A 106 9.26 -7.26 -7.25
C LYS A 106 10.05 -7.46 -8.55
N ILE A 107 9.32 -7.73 -9.63
CA ILE A 107 9.95 -7.93 -10.93
C ILE A 107 9.24 -7.14 -12.02
N THR A 108 10.00 -6.32 -12.74
CA THR A 108 9.43 -5.51 -13.81
C THR A 108 9.40 -6.28 -15.13
N ASN A 109 10.14 -7.37 -15.18
CA ASN A 109 10.20 -8.20 -16.38
C ASN A 109 9.89 -9.67 -16.06
N SER A 110 8.68 -10.09 -16.39
CA SER A 110 8.25 -11.46 -16.13
C SER A 110 7.03 -11.82 -16.96
N ARG A 111 6.60 -13.08 -16.85
CA ARG A 111 5.44 -13.55 -17.61
C ARG A 111 4.89 -14.83 -16.99
N PRO A 112 4.34 -14.72 -15.77
CA PRO A 112 3.76 -15.86 -15.06
C PRO A 112 2.47 -16.37 -15.71
N PRO A 113 2.02 -17.56 -15.27
CA PRO A 113 0.80 -18.17 -15.80
C PRO A 113 -0.46 -17.43 -15.37
N CYS A 114 -0.34 -16.61 -14.34
CA CYS A 114 -1.46 -15.84 -13.83
C CYS A 114 -2.57 -16.76 -13.33
N VAL A 115 -2.17 -17.88 -12.75
CA VAL A 115 -3.13 -18.86 -12.23
C VAL A 115 -4.06 -18.21 -11.20
N ILE A 116 -5.32 -18.62 -11.21
CA ILE A 116 -6.31 -18.08 -10.28
C ILE A 116 -7.16 -19.20 -9.68
N LEU A 117 -7.24 -19.23 -8.35
CA LEU A 117 -8.02 -20.24 -7.65
C LEU A 117 -9.50 -20.12 -8.00
N GLY A 1 1.29 -18.77 -8.20
CA GLY A 1 1.36 -17.55 -8.97
C GLY A 1 0.03 -16.82 -9.02
N SER A 2 -0.08 -15.86 -9.94
CA SER A 2 -1.30 -15.08 -10.08
C SER A 2 -1.66 -14.91 -11.56
N MET A 3 -2.88 -14.43 -11.81
CA MET A 3 -3.34 -14.22 -13.18
C MET A 3 -3.75 -12.76 -13.39
N SER A 4 -4.15 -12.44 -14.62
CA SER A 4 -4.57 -11.09 -14.95
C SER A 4 -5.85 -11.09 -15.78
N GLY A 5 -6.92 -10.57 -15.21
CA GLY A 5 -8.20 -10.53 -15.90
C GLY A 5 -8.87 -9.18 -15.81
N GLU A 6 -8.23 -8.16 -16.36
CA GLU A 6 -8.77 -6.81 -16.33
C GLU A 6 -8.91 -6.30 -14.90
N PRO A 7 -9.05 -4.98 -14.74
CA PRO A 7 -9.20 -4.34 -13.43
C PRO A 7 -10.53 -4.66 -12.77
N GLY A 8 -10.53 -4.74 -11.45
CA GLY A 8 -11.75 -5.04 -10.72
C GLY A 8 -12.87 -4.07 -11.04
N GLN A 9 -14.09 -4.44 -10.69
CA GLN A 9 -15.25 -3.60 -10.94
C GLN A 9 -16.20 -3.58 -9.74
N THR A 10 -16.13 -2.51 -8.96
CA THR A 10 -16.99 -2.37 -7.78
C THR A 10 -18.40 -1.93 -8.16
N SER A 11 -19.39 -2.71 -7.76
CA SER A 11 -20.78 -2.41 -8.05
C SER A 11 -21.60 -2.29 -6.78
N VAL A 12 -22.87 -1.91 -6.92
CA VAL A 12 -23.75 -1.76 -5.78
C VAL A 12 -24.11 -3.11 -5.17
N ALA A 13 -24.26 -3.14 -3.85
CA ALA A 13 -24.61 -4.36 -3.14
C ALA A 13 -24.77 -4.11 -1.65
N PRO A 14 -25.46 -5.03 -0.96
CA PRO A 14 -25.70 -4.94 0.48
C PRO A 14 -24.44 -5.13 1.30
N PRO A 15 -24.51 -4.81 2.59
CA PRO A 15 -23.38 -4.96 3.51
C PRO A 15 -23.04 -6.42 3.79
N PRO A 16 -21.87 -6.86 3.30
CA PRO A 16 -21.40 -8.23 3.50
C PRO A 16 -21.02 -8.53 4.95
N GLU A 17 -20.65 -9.77 5.22
CA GLU A 17 -20.27 -10.18 6.56
C GLU A 17 -19.09 -9.34 7.07
N GLU A 18 -18.76 -9.52 8.34
CA GLU A 18 -17.66 -8.78 8.95
C GLU A 18 -16.49 -9.70 9.28
N VAL A 19 -15.48 -9.70 8.40
CA VAL A 19 -14.30 -10.54 8.60
C VAL A 19 -13.02 -9.72 8.48
N GLU A 20 -12.06 -10.02 9.33
CA GLU A 20 -10.77 -9.32 9.32
C GLU A 20 -9.64 -10.26 8.94
N PRO A 21 -9.60 -10.68 7.67
CA PRO A 21 -8.57 -11.59 7.16
C PRO A 21 -7.20 -10.93 7.09
N GLY A 22 -7.19 -9.63 6.79
CA GLY A 22 -5.94 -8.89 6.70
C GLY A 22 -5.23 -8.77 8.04
N SER A 23 -5.96 -9.04 9.12
CA SER A 23 -5.40 -8.95 10.46
C SER A 23 -4.10 -9.75 10.56
N GLY A 24 -3.00 -9.04 10.75
CA GLY A 24 -1.71 -9.69 10.86
C GLY A 24 -0.63 -8.98 10.05
N VAL A 25 -0.70 -7.66 10.01
CA VAL A 25 0.28 -6.87 9.26
C VAL A 25 0.55 -5.53 9.95
N ARG A 26 1.73 -4.99 9.72
CA ARG A 26 2.13 -3.72 10.32
C ARG A 26 2.55 -2.72 9.25
N ILE A 27 1.60 -1.90 8.80
CA ILE A 27 1.88 -0.90 7.78
C ILE A 27 2.46 0.38 8.39
N VAL A 28 3.33 1.04 7.64
CA VAL A 28 3.95 2.27 8.11
C VAL A 28 4.21 3.23 6.96
N VAL A 29 3.25 4.13 6.74
CA VAL A 29 3.37 5.11 5.67
C VAL A 29 4.33 6.23 6.05
N GLU A 30 5.44 6.32 5.32
CA GLU A 30 6.44 7.35 5.59
C GLU A 30 6.21 8.58 4.72
N TYR A 31 5.80 9.67 5.35
CA TYR A 31 5.54 10.92 4.64
C TYR A 31 6.01 12.13 5.45
N CYS A 32 6.27 13.23 4.75
CA CYS A 32 6.72 14.45 5.41
C CYS A 32 5.57 15.14 6.14
N GLU A 33 5.56 14.99 7.46
CA GLU A 33 4.51 15.60 8.28
C GLU A 33 4.45 17.10 8.07
N PRO A 34 5.54 17.80 8.42
CA PRO A 34 5.64 19.26 8.28
C PRO A 34 5.73 19.69 6.82
N CYS A 35 4.78 19.24 6.01
CA CYS A 35 4.75 19.58 4.59
C CYS A 35 3.31 19.76 4.10
N GLY A 36 2.46 18.80 4.44
CA GLY A 36 1.07 18.88 4.03
C GLY A 36 0.65 17.71 3.16
N PHE A 37 1.15 16.52 3.50
CA PHE A 37 0.84 15.31 2.74
C PHE A 37 0.01 14.36 3.58
N GLU A 38 -0.60 14.88 4.65
CA GLU A 38 -1.43 14.06 5.53
C GLU A 38 -2.88 14.05 5.07
N ALA A 39 -3.18 14.87 4.08
CA ALA A 39 -4.54 14.95 3.55
C ALA A 39 -4.88 13.73 2.72
N THR A 40 -3.97 13.34 1.83
CA THR A 40 -4.18 12.17 0.97
C THR A 40 -4.00 10.89 1.76
N TYR A 41 -3.25 10.95 2.85
CA TYR A 41 -3.01 9.79 3.69
C TYR A 41 -4.20 9.53 4.61
N LEU A 42 -4.89 10.59 4.98
CA LEU A 42 -6.05 10.48 5.87
C LEU A 42 -7.34 10.38 5.07
N GLU A 43 -7.30 10.88 3.83
CA GLU A 43 -8.47 10.86 2.96
C GLU A 43 -8.78 9.44 2.51
N LEU A 44 -7.85 8.53 2.77
CA LEU A 44 -8.03 7.12 2.39
C LEU A 44 -8.09 6.23 3.63
N ALA A 45 -7.32 6.60 4.66
CA ALA A 45 -7.29 5.82 5.89
C ALA A 45 -8.65 5.86 6.59
N SER A 46 -9.50 6.78 6.17
CA SER A 46 -10.83 6.92 6.76
C SER A 46 -11.70 5.72 6.44
N ALA A 47 -11.42 5.10 5.29
CA ALA A 47 -12.19 3.92 4.86
C ALA A 47 -11.31 2.68 4.86
N VAL A 48 -10.02 2.86 4.58
CA VAL A 48 -9.07 1.76 4.55
C VAL A 48 -8.98 1.07 5.91
N LYS A 49 -9.23 1.84 6.97
CA LYS A 49 -9.17 1.30 8.32
C LYS A 49 -10.38 0.43 8.62
N GLU A 50 -11.42 0.58 7.81
CA GLU A 50 -12.64 -0.20 7.99
C GLU A 50 -12.53 -1.55 7.29
N GLN A 51 -11.40 -1.77 6.63
CA GLN A 51 -11.17 -3.04 5.93
C GLN A 51 -10.47 -4.05 6.84
N TYR A 52 -9.37 -3.62 7.47
CA TYR A 52 -8.62 -4.49 8.36
C TYR A 52 -8.37 -3.80 9.70
N PRO A 53 -9.38 -3.81 10.58
CA PRO A 53 -9.29 -3.20 11.90
C PRO A 53 -8.35 -3.95 12.83
N GLY A 54 -7.88 -5.11 12.38
CA GLY A 54 -6.97 -5.91 13.18
C GLY A 54 -5.52 -5.51 12.99
N ILE A 55 -5.17 -5.16 11.76
CA ILE A 55 -3.80 -4.77 11.45
C ILE A 55 -3.38 -3.55 12.27
N GLU A 56 -2.21 -3.01 11.96
CA GLU A 56 -1.69 -1.85 12.68
C GLU A 56 -0.95 -0.91 11.73
N ILE A 57 -1.58 0.22 11.41
CA ILE A 57 -0.97 1.20 10.52
C ILE A 57 -0.62 2.48 11.26
N GLU A 58 0.68 2.73 11.41
CA GLU A 58 1.15 3.92 12.10
C GLU A 58 1.81 4.90 11.13
N SER A 59 1.99 6.13 11.56
CA SER A 59 2.60 7.16 10.73
C SER A 59 4.02 7.46 11.19
N ARG A 60 4.98 7.26 10.30
CA ARG A 60 6.38 7.50 10.61
C ARG A 60 7.06 8.30 9.50
N LEU A 61 7.04 9.62 9.63
CA LEU A 61 7.65 10.50 8.65
C LEU A 61 9.07 10.03 8.29
N GLY A 62 9.61 10.57 7.21
CA GLY A 62 10.94 10.19 6.78
C GLY A 62 11.95 11.29 7.03
N GLY A 63 11.89 12.35 6.21
CA GLY A 63 12.80 13.46 6.36
C GLY A 63 12.27 14.74 5.75
N THR A 64 11.85 14.67 4.50
CA THR A 64 11.32 15.84 3.80
C THR A 64 10.85 15.47 2.40
N GLY A 65 9.62 15.83 2.07
CA GLY A 65 9.08 15.53 0.76
C GLY A 65 9.32 14.10 0.34
N ALA A 66 8.70 13.16 1.06
CA ALA A 66 8.86 11.75 0.76
C ALA A 66 7.54 11.00 0.94
N PHE A 67 7.47 9.80 0.38
CA PHE A 67 6.26 8.99 0.46
C PHE A 67 6.59 7.51 0.42
N GLU A 68 7.55 7.10 1.25
CA GLU A 68 7.96 5.70 1.30
C GLU A 68 6.96 4.86 2.09
N ILE A 69 6.32 3.91 1.41
CA ILE A 69 5.35 3.04 2.06
C ILE A 69 5.99 1.75 2.54
N GLU A 70 5.63 1.33 3.75
CA GLU A 70 6.18 0.12 4.34
C GLU A 70 5.06 -0.81 4.80
N ILE A 71 4.77 -1.83 4.00
CA ILE A 71 3.71 -2.78 4.33
C ILE A 71 4.10 -3.63 5.54
N ASN A 72 5.41 -3.79 5.75
CA ASN A 72 5.92 -4.57 6.87
C ASN A 72 7.13 -3.91 7.49
N GLY A 73 7.12 -2.58 7.55
CA GLY A 73 8.24 -1.84 8.12
C GLY A 73 9.37 -1.64 7.13
N GLN A 74 9.23 -2.24 5.94
CA GLN A 74 10.25 -2.13 4.92
C GLN A 74 9.67 -1.51 3.65
N LEU A 75 10.50 -0.78 2.92
CA LEU A 75 10.08 -0.13 1.68
C LEU A 75 9.72 -1.16 0.62
N VAL A 76 8.48 -1.11 0.13
CA VAL A 76 8.02 -2.04 -0.88
C VAL A 76 7.64 -1.30 -2.17
N PHE A 77 7.25 -0.04 -2.02
CA PHE A 77 6.86 0.78 -3.17
C PHE A 77 7.02 2.26 -2.86
N SER A 78 8.11 2.85 -3.37
CA SER A 78 8.39 4.26 -3.15
C SER A 78 7.70 5.13 -4.20
N LYS A 79 7.44 6.38 -3.85
CA LYS A 79 6.78 7.31 -4.77
C LYS A 79 7.80 8.25 -5.41
N LEU A 80 8.77 8.71 -4.61
CA LEU A 80 9.80 9.61 -5.10
C LEU A 80 10.52 9.01 -6.30
N GLU A 81 10.50 7.69 -6.40
CA GLU A 81 11.15 6.99 -7.49
C GLU A 81 10.15 6.63 -8.59
N ASN A 82 9.16 5.80 -8.23
CA ASN A 82 8.14 5.38 -9.18
C ASN A 82 7.52 6.58 -9.88
N GLY A 83 7.21 7.62 -9.10
CA GLY A 83 6.61 8.82 -9.67
C GLY A 83 5.09 8.74 -9.71
N GLY A 84 4.50 8.29 -8.62
CA GLY A 84 3.06 8.18 -8.55
C GLY A 84 2.58 7.45 -7.30
N PHE A 85 1.34 7.70 -6.91
CA PHE A 85 0.77 7.06 -5.73
C PHE A 85 0.05 5.76 -6.11
N PRO A 86 0.03 4.81 -5.17
CA PRO A 86 -0.62 3.51 -5.38
C PRO A 86 -2.15 3.63 -5.43
N TYR A 87 -2.82 2.49 -5.32
CA TYR A 87 -4.28 2.46 -5.35
C TYR A 87 -4.84 1.83 -4.08
N GLU A 88 -6.04 2.26 -3.69
CA GLU A 88 -6.68 1.73 -2.49
C GLU A 88 -6.80 0.21 -2.56
N LYS A 89 -7.02 -0.31 -3.77
CA LYS A 89 -7.15 -1.75 -3.98
C LYS A 89 -5.78 -2.42 -4.00
N ASP A 90 -4.75 -1.63 -4.30
CA ASP A 90 -3.39 -2.16 -4.34
C ASP A 90 -2.77 -2.19 -2.95
N LEU A 91 -3.37 -1.44 -2.03
CA LEU A 91 -2.87 -1.38 -0.66
C LEU A 91 -3.50 -2.48 0.20
N ILE A 92 -4.67 -2.95 -0.23
CA ILE A 92 -5.38 -4.00 0.50
C ILE A 92 -4.89 -5.38 0.07
N GLU A 93 -4.38 -5.47 -1.16
CA GLU A 93 -3.89 -6.74 -1.68
C GLU A 93 -2.51 -7.06 -1.11
N ALA A 94 -1.87 -6.05 -0.53
CA ALA A 94 -0.55 -6.23 0.06
C ALA A 94 -0.63 -7.02 1.37
N ILE A 95 -1.40 -6.49 2.32
CA ILE A 95 -1.57 -7.15 3.61
C ILE A 95 -2.10 -8.56 3.45
N ARG A 96 -2.82 -8.80 2.36
CA ARG A 96 -3.39 -10.12 2.09
C ARG A 96 -2.30 -11.18 2.07
N ARG A 97 -1.27 -10.96 1.26
CA ARG A 97 -0.16 -11.90 1.15
C ARG A 97 0.82 -11.73 2.30
N ALA A 98 0.98 -10.48 2.74
CA ALA A 98 1.88 -10.18 3.85
C ALA A 98 1.48 -10.91 5.12
N SER A 99 0.18 -10.89 5.41
CA SER A 99 -0.35 -11.55 6.61
C SER A 99 -0.30 -13.06 6.45
N ASN A 100 -0.09 -13.52 5.22
CA ASN A 100 -0.02 -14.96 4.94
C ASN A 100 1.27 -15.56 5.48
N GLY A 101 2.28 -14.72 5.67
CA GLY A 101 3.54 -15.18 6.19
C GLY A 101 4.50 -15.61 5.10
N GLU A 102 4.21 -15.20 3.87
CA GLU A 102 5.05 -15.54 2.73
C GLU A 102 5.72 -14.29 2.16
N THR A 103 6.77 -14.50 1.37
CA THR A 103 7.51 -13.39 0.77
C THR A 103 6.58 -12.53 -0.08
N LEU A 104 7.06 -11.33 -0.42
CA LEU A 104 6.28 -10.40 -1.23
C LEU A 104 6.89 -10.24 -2.62
N GLU A 105 6.20 -9.51 -3.49
CA GLU A 105 6.67 -9.27 -4.84
C GLU A 105 8.11 -8.77 -4.84
N LYS A 106 8.73 -8.76 -6.01
CA LYS A 106 10.11 -8.31 -6.15
C LYS A 106 10.30 -6.93 -5.51
N ILE A 107 11.54 -6.57 -5.24
CA ILE A 107 11.85 -5.28 -4.64
C ILE A 107 11.59 -4.14 -5.62
N THR A 108 11.26 -2.98 -5.08
CA THR A 108 10.97 -1.81 -5.90
C THR A 108 12.22 -0.93 -6.05
N ASN A 109 13.38 -1.55 -5.92
CA ASN A 109 14.65 -0.82 -6.04
C ASN A 109 15.65 -1.62 -6.88
N SER A 110 15.74 -1.30 -8.16
CA SER A 110 16.65 -1.98 -9.06
C SER A 110 17.08 -1.06 -10.20
N ARG A 111 17.92 -1.58 -11.08
CA ARG A 111 18.41 -0.80 -12.21
C ARG A 111 18.26 -1.58 -13.52
N PRO A 112 18.25 -0.87 -14.65
CA PRO A 112 18.11 -1.47 -15.98
C PRO A 112 19.34 -2.27 -16.38
N PRO A 113 19.20 -3.06 -17.46
CA PRO A 113 20.29 -3.90 -17.97
C PRO A 113 21.41 -3.07 -18.60
N CYS A 114 22.36 -3.74 -19.23
CA CYS A 114 23.48 -3.07 -19.88
C CYS A 114 23.51 -3.37 -21.38
N VAL A 115 22.33 -3.63 -21.93
CA VAL A 115 22.22 -3.93 -23.36
C VAL A 115 22.60 -2.72 -24.21
N ILE A 116 23.04 -2.98 -25.43
CA ILE A 116 23.44 -1.92 -26.34
C ILE A 116 22.37 -1.65 -27.40
N LEU A 117 21.13 -2.03 -27.07
CA LEU A 117 20.01 -1.83 -27.98
C LEU A 117 18.72 -1.56 -27.21
N GLY A 1 5.27 -15.43 -16.06
CA GLY A 1 4.63 -14.29 -16.71
C GLY A 1 5.14 -12.97 -16.18
N SER A 2 5.77 -12.18 -17.04
CA SER A 2 6.30 -10.88 -16.64
C SER A 2 5.39 -9.75 -17.12
N MET A 3 4.75 -9.97 -18.27
CA MET A 3 3.85 -8.97 -18.83
C MET A 3 2.74 -8.60 -17.86
N SER A 4 1.98 -7.56 -18.18
CA SER A 4 0.89 -7.12 -17.32
C SER A 4 -0.42 -7.79 -17.71
N GLY A 5 -1.33 -7.91 -16.74
CA GLY A 5 -2.62 -8.53 -17.00
C GLY A 5 -3.74 -7.52 -17.12
N GLU A 6 -3.59 -6.39 -16.44
CA GLU A 6 -4.60 -5.34 -16.47
C GLU A 6 -5.91 -5.84 -15.87
N PRO A 7 -5.94 -6.03 -14.54
CA PRO A 7 -7.12 -6.51 -13.83
C PRO A 7 -8.24 -5.47 -13.80
N GLY A 8 -9.36 -5.83 -13.19
CA GLY A 8 -10.49 -4.91 -13.09
C GLY A 8 -11.79 -5.63 -12.78
N GLN A 9 -12.12 -5.71 -11.50
CA GLN A 9 -13.35 -6.36 -11.06
C GLN A 9 -13.88 -5.73 -9.78
N THR A 10 -14.90 -4.90 -9.92
CA THR A 10 -15.52 -4.22 -8.79
C THR A 10 -17.02 -4.08 -8.97
N SER A 11 -17.73 -3.84 -7.86
CA SER A 11 -19.18 -3.69 -7.90
C SER A 11 -19.67 -2.89 -6.69
N VAL A 12 -20.97 -2.62 -6.67
CA VAL A 12 -21.57 -1.86 -5.58
C VAL A 12 -22.41 -2.77 -4.69
N ALA A 13 -22.34 -2.53 -3.38
CA ALA A 13 -23.10 -3.32 -2.42
C ALA A 13 -23.09 -2.66 -1.04
N PRO A 14 -24.05 -3.05 -0.19
CA PRO A 14 -24.18 -2.52 1.17
C PRO A 14 -23.05 -2.98 2.08
N PRO A 15 -22.94 -2.35 3.26
CA PRO A 15 -21.90 -2.68 4.24
C PRO A 15 -22.14 -4.05 4.89
N PRO A 16 -21.25 -5.01 4.60
CA PRO A 16 -21.35 -6.37 5.13
C PRO A 16 -21.04 -6.41 6.63
N GLU A 17 -20.97 -7.62 7.17
CA GLU A 17 -20.69 -7.80 8.60
C GLU A 17 -19.40 -7.11 8.99
N GLU A 18 -19.10 -7.12 10.29
CA GLU A 18 -17.89 -6.47 10.79
C GLU A 18 -16.88 -7.52 11.26
N VAL A 19 -15.90 -7.80 10.42
CA VAL A 19 -14.86 -8.78 10.74
C VAL A 19 -13.48 -8.28 10.34
N GLU A 20 -12.48 -8.62 11.15
CA GLU A 20 -11.11 -8.20 10.88
C GLU A 20 -10.21 -9.41 10.67
N PRO A 21 -10.43 -10.12 9.55
CA PRO A 21 -9.64 -11.31 9.21
C PRO A 21 -8.21 -10.97 8.83
N GLY A 22 -8.03 -9.82 8.19
CA GLY A 22 -6.71 -9.40 7.78
C GLY A 22 -5.85 -8.95 8.95
N SER A 23 -6.47 -8.81 10.10
CA SER A 23 -5.75 -8.39 11.31
C SER A 23 -4.51 -9.25 11.54
N GLY A 24 -3.44 -8.62 12.00
CA GLY A 24 -2.20 -9.35 12.25
C GLY A 24 -1.02 -8.75 11.50
N VAL A 25 -1.12 -7.47 11.18
CA VAL A 25 -0.04 -6.77 10.46
C VAL A 25 0.17 -5.37 11.01
N ARG A 26 1.36 -4.82 10.76
CA ARG A 26 1.69 -3.48 11.23
C ARG A 26 2.13 -2.59 10.07
N ILE A 27 1.16 -2.00 9.39
CA ILE A 27 1.45 -1.13 8.26
C ILE A 27 2.12 0.16 8.72
N VAL A 28 3.00 0.71 7.87
CA VAL A 28 3.70 1.94 8.19
C VAL A 28 4.03 2.73 6.93
N VAL A 29 3.23 3.76 6.66
CA VAL A 29 3.44 4.59 5.47
C VAL A 29 4.57 5.59 5.70
N GLU A 30 5.65 5.44 4.93
CA GLU A 30 6.81 6.33 5.04
C GLU A 30 6.73 7.44 4.00
N TYR A 31 6.49 8.66 4.48
CA TYR A 31 6.39 9.82 3.59
C TYR A 31 6.98 11.06 4.25
N CYS A 32 7.31 12.05 3.44
CA CYS A 32 7.88 13.29 3.94
C CYS A 32 6.80 14.19 4.53
N GLU A 33 6.74 14.23 5.86
CA GLU A 33 5.75 15.05 6.56
C GLU A 33 5.84 16.51 6.11
N PRO A 34 7.00 17.14 6.34
CA PRO A 34 7.23 18.53 5.97
C PRO A 34 7.32 18.73 4.46
N CYS A 35 6.27 18.34 3.75
CA CYS A 35 6.22 18.47 2.30
C CYS A 35 4.80 18.71 1.81
N GLY A 36 3.86 17.90 2.30
CA GLY A 36 2.48 18.04 1.91
C GLY A 36 1.90 16.76 1.35
N PHE A 37 2.56 15.64 1.63
CA PHE A 37 2.11 14.34 1.15
C PHE A 37 1.13 13.70 2.13
N GLU A 38 0.67 14.49 3.09
CA GLU A 38 -0.27 14.00 4.10
C GLU A 38 -1.71 14.07 3.60
N ALA A 39 -1.94 14.94 2.62
CA ALA A 39 -3.26 15.12 2.04
C ALA A 39 -3.62 13.94 1.13
N THR A 40 -2.61 13.17 0.75
CA THR A 40 -2.82 12.01 -0.12
C THR A 40 -2.82 10.71 0.68
N TYR A 41 -2.24 10.76 1.88
CA TYR A 41 -2.16 9.59 2.75
C TYR A 41 -3.52 9.28 3.35
N LEU A 42 -4.28 10.32 3.66
CA LEU A 42 -5.60 10.16 4.24
C LEU A 42 -6.69 10.18 3.17
N GLU A 43 -6.27 10.38 1.92
CA GLU A 43 -7.20 10.42 0.81
C GLU A 43 -7.66 9.01 0.43
N LEU A 44 -6.90 8.01 0.87
CA LEU A 44 -7.24 6.62 0.59
C LEU A 44 -7.17 5.77 1.87
N ALA A 45 -6.62 6.35 2.93
CA ALA A 45 -6.51 5.65 4.20
C ALA A 45 -7.81 5.74 5.00
N SER A 46 -8.43 6.93 4.98
CA SER A 46 -9.68 7.14 5.70
C SER A 46 -10.67 6.01 5.42
N ALA A 47 -10.61 5.47 4.21
CA ALA A 47 -11.51 4.38 3.81
C ALA A 47 -10.88 3.02 4.12
N VAL A 48 -9.61 2.85 3.76
CA VAL A 48 -8.91 1.61 4.00
C VAL A 48 -9.01 1.19 5.46
N LYS A 49 -8.99 2.17 6.36
CA LYS A 49 -9.08 1.91 7.78
C LYS A 49 -10.36 1.13 8.11
N GLU A 50 -11.37 1.27 7.27
CA GLU A 50 -12.64 0.58 7.47
C GLU A 50 -12.53 -0.88 7.05
N GLN A 51 -11.38 -1.25 6.50
CA GLN A 51 -11.14 -2.62 6.05
C GLN A 51 -10.59 -3.47 7.18
N TYR A 52 -9.58 -2.95 7.88
CA TYR A 52 -8.96 -3.67 8.98
C TYR A 52 -8.64 -2.73 10.13
N PRO A 53 -9.67 -2.38 10.91
CA PRO A 53 -9.53 -1.47 12.06
C PRO A 53 -8.77 -2.12 13.21
N GLY A 54 -8.49 -3.41 13.08
CA GLY A 54 -7.76 -4.12 14.11
C GLY A 54 -6.26 -3.98 13.96
N ILE A 55 -5.79 -3.94 12.72
CA ILE A 55 -4.36 -3.81 12.45
C ILE A 55 -3.81 -2.53 13.06
N GLU A 56 -2.56 -2.20 12.71
CA GLU A 56 -1.91 -1.00 13.21
C GLU A 56 -1.18 -0.26 12.10
N ILE A 57 -1.79 0.83 11.63
CA ILE A 57 -1.19 1.62 10.55
C ILE A 57 -0.76 2.99 11.06
N GLU A 58 0.54 3.18 11.23
CA GLU A 58 1.08 4.44 11.71
C GLU A 58 1.88 5.14 10.62
N SER A 59 2.32 6.36 10.90
CA SER A 59 3.09 7.15 9.94
C SER A 59 4.57 7.18 10.33
N ARG A 60 5.41 7.56 9.38
CA ARG A 60 6.85 7.63 9.63
C ARG A 60 7.53 8.51 8.58
N LEU A 61 8.59 9.20 8.99
CA LEU A 61 9.34 10.07 8.09
C LEU A 61 10.16 9.26 7.09
N GLY A 62 10.41 9.84 5.92
CA GLY A 62 11.20 9.15 4.92
C GLY A 62 12.52 9.84 4.62
N GLY A 63 12.45 11.15 4.37
CA GLY A 63 13.65 11.91 4.08
C GLY A 63 13.36 13.18 3.31
N THR A 64 12.86 13.03 2.09
CA THR A 64 12.54 14.18 1.24
C THR A 64 11.78 13.75 -0.01
N GLY A 65 10.52 14.14 -0.10
CA GLY A 65 9.71 13.79 -1.25
C GLY A 65 9.76 12.30 -1.56
N ALA A 66 9.29 11.49 -0.62
CA ALA A 66 9.28 10.04 -0.80
C ALA A 66 7.95 9.44 -0.37
N PHE A 67 7.78 8.15 -0.62
CA PHE A 67 6.55 7.45 -0.25
C PHE A 67 6.78 5.96 -0.14
N GLU A 68 7.79 5.57 0.64
CA GLU A 68 8.12 4.17 0.84
C GLU A 68 7.07 3.48 1.70
N ILE A 69 6.40 2.49 1.13
CA ILE A 69 5.37 1.75 1.84
C ILE A 69 5.98 0.58 2.61
N GLU A 70 5.54 0.41 3.86
CA GLU A 70 6.03 -0.67 4.71
C GLU A 70 4.88 -1.47 5.29
N ILE A 71 4.63 -2.65 4.73
CA ILE A 71 3.57 -3.52 5.20
C ILE A 71 3.90 -4.13 6.56
N ASN A 72 5.19 -4.18 6.87
CA ASN A 72 5.66 -4.74 8.13
C ASN A 72 6.82 -3.93 8.70
N GLY A 73 6.78 -2.62 8.48
CA GLY A 73 7.83 -1.75 8.97
C GLY A 73 9.03 -1.71 8.04
N GLN A 74 9.01 -2.54 7.01
CA GLN A 74 10.10 -2.58 6.03
C GLN A 74 9.58 -2.28 4.63
N LEU A 75 10.44 -1.68 3.81
CA LEU A 75 10.09 -1.34 2.44
C LEU A 75 9.79 -2.60 1.63
N VAL A 76 8.56 -2.70 1.11
CA VAL A 76 8.16 -3.84 0.32
C VAL A 76 7.79 -3.42 -1.10
N PHE A 77 7.38 -2.16 -1.25
CA PHE A 77 7.00 -1.64 -2.56
C PHE A 77 7.15 -0.12 -2.59
N SER A 78 8.31 0.35 -3.04
CA SER A 78 8.58 1.78 -3.12
C SER A 78 7.72 2.43 -4.19
N LYS A 79 7.31 3.68 -3.95
CA LYS A 79 6.49 4.41 -4.89
C LYS A 79 7.35 5.19 -5.88
N LEU A 80 8.41 5.83 -5.36
CA LEU A 80 9.31 6.61 -6.20
C LEU A 80 9.85 5.77 -7.34
N GLU A 81 9.88 4.46 -7.15
CA GLU A 81 10.38 3.54 -8.17
C GLU A 81 9.23 2.98 -9.00
N ASN A 82 8.22 2.44 -8.33
CA ASN A 82 7.06 1.87 -9.01
C ASN A 82 6.49 2.87 -10.02
N GLY A 83 6.13 4.05 -9.53
CA GLY A 83 5.57 5.07 -10.40
C GLY A 83 4.29 5.67 -9.83
N GLY A 84 3.88 5.20 -8.66
CA GLY A 84 2.68 5.72 -8.03
C GLY A 84 1.43 5.00 -8.51
N PHE A 85 0.29 5.68 -8.43
CA PHE A 85 -0.98 5.10 -8.85
C PHE A 85 -1.35 3.90 -7.97
N PRO A 86 -1.61 4.17 -6.69
CA PRO A 86 -1.98 3.14 -5.72
C PRO A 86 -3.37 2.56 -5.99
N TYR A 87 -3.72 1.52 -5.25
CA TYR A 87 -5.02 0.87 -5.41
C TYR A 87 -5.50 0.30 -4.08
N GLU A 88 -6.80 0.48 -3.82
CA GLU A 88 -7.39 -0.01 -2.58
C GLU A 88 -7.09 -1.50 -2.38
N LYS A 89 -7.09 -2.25 -3.46
CA LYS A 89 -6.82 -3.69 -3.41
C LYS A 89 -5.32 -3.94 -3.30
N ASP A 90 -4.52 -2.98 -3.76
CA ASP A 90 -3.07 -3.10 -3.70
C ASP A 90 -2.55 -2.83 -2.29
N LEU A 91 -3.39 -2.20 -1.48
CA LEU A 91 -3.02 -1.88 -0.11
C LEU A 91 -3.46 -2.97 0.86
N ILE A 92 -4.49 -3.72 0.46
CA ILE A 92 -5.01 -4.79 1.28
C ILE A 92 -4.36 -6.13 0.91
N GLU A 93 -3.77 -6.19 -0.27
CA GLU A 93 -3.11 -7.40 -0.74
C GLU A 93 -1.80 -7.64 0.02
N ALA A 94 -1.39 -6.65 0.81
CA ALA A 94 -0.17 -6.74 1.58
C ALA A 94 -0.41 -7.48 2.91
N ILE A 95 -1.43 -7.03 3.63
CA ILE A 95 -1.77 -7.64 4.92
C ILE A 95 -2.40 -9.01 4.73
N ARG A 96 -2.98 -9.24 3.56
CA ARG A 96 -3.62 -10.51 3.25
C ARG A 96 -2.58 -11.63 3.18
N ARG A 97 -1.40 -11.30 2.66
CA ARG A 97 -0.33 -12.27 2.52
C ARG A 97 0.61 -12.21 3.71
N ALA A 98 0.77 -11.02 4.28
CA ALA A 98 1.64 -10.82 5.43
C ALA A 98 1.13 -11.60 6.64
N SER A 99 -0.15 -11.44 6.95
CA SER A 99 -0.75 -12.12 8.09
C SER A 99 -0.96 -13.60 7.78
N ASN A 100 -0.83 -13.96 6.52
CA ASN A 100 -1.00 -15.35 6.09
C ASN A 100 0.13 -16.22 6.64
N GLY A 101 1.29 -15.62 6.85
CA GLY A 101 2.44 -16.36 7.36
C GLY A 101 3.34 -16.86 6.26
N GLU A 102 3.23 -16.27 5.08
CA GLU A 102 4.05 -16.67 3.93
C GLU A 102 4.83 -15.48 3.38
N THR A 103 5.97 -15.76 2.76
CA THR A 103 6.81 -14.72 2.18
C THR A 103 6.00 -13.83 1.25
N LEU A 104 6.50 -12.62 1.01
CA LEU A 104 5.83 -11.66 0.13
C LEU A 104 6.73 -11.27 -1.04
N GLU A 105 6.13 -10.67 -2.05
CA GLU A 105 6.88 -10.25 -3.23
C GLU A 105 8.03 -9.32 -2.85
N LYS A 106 9.14 -9.44 -3.55
CA LYS A 106 10.31 -8.61 -3.29
C LYS A 106 10.88 -8.04 -4.57
N ILE A 107 11.68 -6.99 -4.46
CA ILE A 107 12.28 -6.34 -5.62
C ILE A 107 13.39 -7.23 -6.21
N THR A 108 13.25 -7.55 -7.49
CA THR A 108 14.24 -8.38 -8.17
C THR A 108 15.24 -7.53 -8.94
N ASN A 109 15.37 -6.27 -8.55
CA ASN A 109 16.29 -5.35 -9.20
C ASN A 109 16.06 -5.33 -10.70
N SER A 110 14.80 -5.25 -11.10
CA SER A 110 14.43 -5.23 -12.52
C SER A 110 15.07 -4.02 -13.21
N ARG A 111 14.73 -3.85 -14.49
CA ARG A 111 15.26 -2.73 -15.26
C ARG A 111 14.93 -1.40 -14.60
N PRO A 112 15.67 -0.35 -14.98
CA PRO A 112 15.49 1.00 -14.44
C PRO A 112 14.18 1.63 -14.91
N PRO A 113 13.80 2.75 -14.27
CA PRO A 113 12.58 3.48 -14.60
C PRO A 113 12.67 4.17 -15.96
N CYS A 114 11.56 4.18 -16.70
CA CYS A 114 11.52 4.81 -18.01
C CYS A 114 12.06 6.23 -17.95
N VAL A 115 13.28 6.42 -18.45
CA VAL A 115 13.92 7.73 -18.46
C VAL A 115 14.53 8.04 -19.82
N ILE A 116 14.75 9.32 -20.09
CA ILE A 116 15.33 9.75 -21.35
C ILE A 116 16.83 9.98 -21.22
N LEU A 117 17.44 9.33 -20.23
CA LEU A 117 18.87 9.45 -19.99
C LEU A 117 19.61 8.20 -20.46
N GLY A 1 -7.58 -26.70 -27.21
CA GLY A 1 -7.39 -25.29 -26.92
C GLY A 1 -7.35 -24.99 -25.43
N SER A 2 -8.52 -24.78 -24.84
CA SER A 2 -8.60 -24.49 -23.42
C SER A 2 -9.86 -25.12 -22.81
N MET A 3 -9.82 -25.34 -21.49
CA MET A 3 -10.95 -25.94 -20.80
C MET A 3 -11.95 -24.87 -20.37
N SER A 4 -13.05 -25.31 -19.77
CA SER A 4 -14.09 -24.40 -19.32
C SER A 4 -14.12 -24.30 -17.80
N GLY A 5 -14.80 -23.29 -17.29
CA GLY A 5 -14.89 -23.11 -15.85
C GLY A 5 -15.46 -21.75 -15.46
N GLU A 6 -14.59 -20.76 -15.41
CA GLU A 6 -15.01 -19.40 -15.05
C GLU A 6 -14.35 -18.36 -15.96
N PRO A 7 -14.76 -18.35 -17.23
CA PRO A 7 -14.22 -17.42 -18.23
C PRO A 7 -14.65 -15.98 -17.97
N GLY A 8 -14.03 -15.05 -18.69
CA GLY A 8 -14.38 -13.65 -18.51
C GLY A 8 -15.75 -13.31 -19.05
N GLN A 9 -16.65 -12.92 -18.15
CA GLN A 9 -18.01 -12.58 -18.54
C GLN A 9 -18.44 -11.24 -17.94
N THR A 10 -18.52 -10.21 -18.77
CA THR A 10 -18.91 -8.89 -18.32
C THR A 10 -20.43 -8.79 -18.13
N SER A 11 -20.86 -8.70 -16.88
CA SER A 11 -22.27 -8.60 -16.56
C SER A 11 -22.49 -8.15 -15.12
N VAL A 12 -23.75 -7.96 -14.75
CA VAL A 12 -24.09 -7.54 -13.40
C VAL A 12 -23.53 -8.51 -12.35
N ALA A 13 -23.43 -8.03 -11.12
CA ALA A 13 -22.91 -8.86 -10.04
C ALA A 13 -23.62 -8.54 -8.72
N PRO A 14 -23.54 -9.47 -7.76
CA PRO A 14 -24.17 -9.32 -6.44
C PRO A 14 -23.47 -8.25 -5.60
N PRO A 15 -24.12 -7.86 -4.50
CA PRO A 15 -23.59 -6.84 -3.58
C PRO A 15 -22.38 -7.34 -2.80
N PRO A 16 -21.66 -6.42 -2.15
CA PRO A 16 -20.47 -6.75 -1.36
C PRO A 16 -20.82 -7.53 -0.09
N GLU A 17 -19.81 -8.20 0.48
CA GLU A 17 -20.02 -8.98 1.70
C GLU A 17 -19.79 -8.12 2.94
N GLU A 18 -19.36 -6.88 2.72
CA GLU A 18 -19.11 -5.96 3.83
C GLU A 18 -18.14 -6.57 4.84
N VAL A 19 -16.86 -6.63 4.47
CA VAL A 19 -15.85 -7.19 5.35
C VAL A 19 -14.52 -6.46 5.18
N GLU A 20 -13.68 -6.54 6.22
CA GLU A 20 -12.37 -5.88 6.18
C GLU A 20 -11.25 -6.91 6.21
N PRO A 21 -11.06 -7.60 5.07
CA PRO A 21 -10.02 -8.63 4.93
C PRO A 21 -8.61 -8.03 4.93
N GLY A 22 -8.52 -6.74 4.62
CA GLY A 22 -7.23 -6.07 4.58
C GLY A 22 -6.47 -6.22 5.88
N SER A 23 -7.19 -6.47 6.96
CA SER A 23 -6.57 -6.64 8.28
C SER A 23 -5.61 -7.83 8.28
N GLY A 24 -4.59 -7.75 9.13
CA GLY A 24 -3.61 -8.82 9.21
C GLY A 24 -2.19 -8.32 9.01
N VAL A 25 -2.02 -7.01 9.00
CA VAL A 25 -0.70 -6.41 8.83
C VAL A 25 -0.55 -5.16 9.68
N ARG A 26 0.70 -4.84 10.03
CA ARG A 26 0.99 -3.66 10.84
C ARG A 26 1.98 -2.73 10.14
N ILE A 27 1.45 -1.76 9.41
CA ILE A 27 2.28 -0.80 8.68
C ILE A 27 2.96 0.17 9.65
N VAL A 28 4.14 0.65 9.25
CA VAL A 28 4.89 1.59 10.08
C VAL A 28 5.74 2.51 9.21
N VAL A 29 5.29 3.75 9.05
CA VAL A 29 6.02 4.73 8.24
C VAL A 29 7.18 5.33 9.03
N GLU A 30 8.31 5.54 8.35
CA GLU A 30 9.48 6.11 8.99
C GLU A 30 10.03 7.28 8.18
N TYR A 31 9.79 8.49 8.65
CA TYR A 31 10.27 9.69 7.97
C TYR A 31 10.69 10.75 8.97
N CYS A 32 11.45 11.73 8.48
CA CYS A 32 11.93 12.83 9.33
C CYS A 32 10.79 13.80 9.66
N GLU A 33 10.29 13.71 10.88
CA GLU A 33 9.20 14.59 11.32
C GLU A 33 9.60 16.06 11.16
N PRO A 34 10.64 16.47 11.87
CA PRO A 34 11.14 17.85 11.84
C PRO A 34 11.79 18.19 10.50
N CYS A 35 11.03 18.05 9.43
CA CYS A 35 11.53 18.34 8.09
C CYS A 35 10.42 18.87 7.19
N GLY A 36 9.27 18.19 7.21
CA GLY A 36 8.15 18.59 6.39
C GLY A 36 7.65 17.47 5.49
N PHE A 37 8.06 16.24 5.79
CA PHE A 37 7.66 15.09 4.99
C PHE A 37 6.28 14.59 5.42
N GLU A 38 5.83 15.05 6.59
CA GLU A 38 4.53 14.64 7.11
C GLU A 38 3.40 15.17 6.22
N ALA A 39 3.73 16.12 5.35
CA ALA A 39 2.76 16.70 4.45
C ALA A 39 2.37 15.73 3.34
N THR A 40 3.20 14.70 3.16
CA THR A 40 2.95 13.69 2.13
C THR A 40 2.30 12.45 2.72
N TYR A 41 2.49 12.25 4.03
CA TYR A 41 1.93 11.09 4.72
C TYR A 41 0.53 11.40 5.25
N LEU A 42 0.36 12.64 5.71
CA LEU A 42 -0.93 13.07 6.26
C LEU A 42 -1.93 13.33 5.14
N GLU A 43 -1.42 13.58 3.94
CA GLU A 43 -2.28 13.85 2.79
C GLU A 43 -2.87 12.55 2.24
N LEU A 44 -2.19 11.44 2.49
CA LEU A 44 -2.65 10.14 2.02
C LEU A 44 -3.26 9.33 3.16
N ALA A 45 -2.81 9.62 4.38
CA ALA A 45 -3.31 8.92 5.56
C ALA A 45 -4.78 9.23 5.80
N SER A 46 -5.23 10.37 5.28
CA SER A 46 -6.62 10.77 5.44
C SER A 46 -7.56 9.84 4.68
N ALA A 47 -7.00 9.12 3.71
CA ALA A 47 -7.79 8.18 2.92
C ALA A 47 -7.48 6.74 3.30
N VAL A 48 -6.26 6.51 3.75
CA VAL A 48 -5.85 5.16 4.16
C VAL A 48 -6.70 4.65 5.32
N LYS A 49 -7.19 5.57 6.14
CA LYS A 49 -8.03 5.21 7.28
C LYS A 49 -9.41 4.76 6.82
N GLU A 50 -9.86 5.32 5.70
CA GLU A 50 -11.17 4.98 5.14
C GLU A 50 -11.08 3.75 4.24
N GLN A 51 -9.88 3.19 4.14
CA GLN A 51 -9.65 2.00 3.32
C GLN A 51 -9.53 0.75 4.17
N TYR A 52 -8.55 0.75 5.06
CA TYR A 52 -8.32 -0.39 5.94
C TYR A 52 -8.29 0.04 7.41
N PRO A 53 -9.47 0.33 7.97
CA PRO A 53 -9.62 0.76 9.36
C PRO A 53 -9.32 -0.36 10.34
N GLY A 54 -9.16 -1.58 9.82
CA GLY A 54 -8.87 -2.72 10.67
C GLY A 54 -7.38 -2.89 10.93
N ILE A 55 -6.58 -2.62 9.91
CA ILE A 55 -5.12 -2.75 10.03
C ILE A 55 -4.58 -1.79 11.08
N GLU A 56 -3.25 -1.74 11.20
CA GLU A 56 -2.60 -0.86 12.16
C GLU A 56 -1.39 -0.17 11.53
N ILE A 57 -1.54 1.13 11.27
CA ILE A 57 -0.46 1.91 10.67
C ILE A 57 0.10 2.94 11.66
N GLU A 58 1.35 2.75 12.05
CA GLU A 58 1.99 3.66 12.99
C GLU A 58 3.09 4.47 12.30
N SER A 59 3.80 5.27 13.08
CA SER A 59 4.88 6.10 12.55
C SER A 59 6.02 6.23 13.56
N ARG A 60 7.19 6.64 13.08
CA ARG A 60 8.35 6.81 13.94
C ARG A 60 9.46 7.57 13.21
N LEU A 61 10.23 8.34 13.96
CA LEU A 61 11.32 9.12 13.39
C LEU A 61 12.23 8.24 12.52
N GLY A 62 12.87 8.85 11.54
CA GLY A 62 13.76 8.10 10.66
C GLY A 62 15.21 8.54 10.80
N GLY A 63 15.45 9.83 10.70
CA GLY A 63 16.80 10.35 10.83
C GLY A 63 16.94 11.73 10.21
N THR A 64 16.80 11.80 8.89
CA THR A 64 16.92 13.07 8.17
C THR A 64 16.54 12.91 6.71
N GLY A 65 15.44 13.53 6.31
CA GLY A 65 14.99 13.45 4.94
C GLY A 65 14.91 12.02 4.45
N ALA A 66 14.21 11.18 5.19
CA ALA A 66 14.05 9.78 4.81
C ALA A 66 12.58 9.38 4.76
N PHE A 67 12.30 8.24 4.15
CA PHE A 67 10.93 7.74 4.04
C PHE A 67 10.90 6.22 3.99
N GLU A 68 11.58 5.59 4.94
CA GLU A 68 11.62 4.13 5.00
C GLU A 68 10.26 3.55 5.36
N ILE A 69 9.74 2.72 4.47
CA ILE A 69 8.44 2.09 4.69
C ILE A 69 8.58 0.71 5.31
N GLU A 70 7.75 0.42 6.31
CA GLU A 70 7.80 -0.86 6.99
C GLU A 70 6.41 -1.48 7.06
N ILE A 71 6.08 -2.30 6.06
CA ILE A 71 4.79 -2.97 6.00
C ILE A 71 4.58 -3.87 7.22
N ASN A 72 5.68 -4.35 7.79
CA ASN A 72 5.61 -5.22 8.95
C ASN A 72 6.77 -4.93 9.91
N GLY A 73 6.98 -3.64 10.19
CA GLY A 73 8.05 -3.25 11.09
C GLY A 73 9.43 -3.54 10.53
N GLN A 74 9.48 -3.88 9.24
CA GLN A 74 10.75 -4.18 8.58
C GLN A 74 10.84 -3.48 7.24
N LEU A 75 11.86 -2.64 7.09
CA LEU A 75 12.07 -1.89 5.86
C LEU A 75 12.07 -2.83 4.65
N VAL A 76 11.03 -2.72 3.82
CA VAL A 76 10.92 -3.56 2.63
C VAL A 76 10.95 -2.72 1.36
N PHE A 77 10.71 -1.42 1.51
CA PHE A 77 10.70 -0.51 0.38
C PHE A 77 10.99 0.93 0.84
N SER A 78 12.13 1.45 0.40
CA SER A 78 12.53 2.80 0.77
C SER A 78 12.30 3.77 -0.39
N LYS A 79 12.05 5.04 -0.06
CA LYS A 79 11.81 6.05 -1.08
C LYS A 79 13.12 6.75 -1.47
N LEU A 80 14.11 6.69 -0.58
CA LEU A 80 15.40 7.30 -0.83
C LEU A 80 16.23 6.46 -1.79
N GLU A 81 15.83 5.22 -1.97
CA GLU A 81 16.53 4.31 -2.88
C GLU A 81 15.78 4.15 -4.19
N ASN A 82 14.50 3.81 -4.10
CA ASN A 82 13.66 3.63 -5.28
C ASN A 82 13.78 4.81 -6.22
N GLY A 83 13.56 6.02 -5.69
CA GLY A 83 13.65 7.21 -6.51
C GLY A 83 13.05 8.43 -5.84
N GLY A 84 11.95 8.21 -5.12
CA GLY A 84 11.28 9.30 -4.43
C GLY A 84 9.88 9.55 -4.94
N PHE A 85 9.41 8.67 -5.82
CA PHE A 85 8.07 8.80 -6.39
C PHE A 85 7.34 7.46 -6.36
N PRO A 86 6.92 7.05 -5.16
CA PRO A 86 6.20 5.79 -4.97
C PRO A 86 4.79 5.82 -5.56
N TYR A 87 4.00 4.79 -5.26
CA TYR A 87 2.64 4.70 -5.76
C TYR A 87 1.65 4.47 -4.62
N GLU A 88 0.60 5.28 -4.59
CA GLU A 88 -0.42 5.16 -3.56
C GLU A 88 -0.95 3.73 -3.48
N LYS A 89 -0.99 3.06 -4.62
CA LYS A 89 -1.48 1.68 -4.69
C LYS A 89 -0.41 0.71 -4.22
N ASP A 90 0.85 1.09 -4.41
CA ASP A 90 1.98 0.24 -4.00
C ASP A 90 2.16 0.27 -2.48
N LEU A 91 1.60 1.30 -1.85
CA LEU A 91 1.71 1.44 -0.41
C LEU A 91 0.52 0.80 0.30
N ILE A 92 -0.61 0.72 -0.40
CA ILE A 92 -1.81 0.12 0.16
C ILE A 92 -1.89 -1.36 -0.17
N GLU A 93 -1.32 -1.75 -1.31
CA GLU A 93 -1.32 -3.14 -1.73
C GLU A 93 -0.32 -3.95 -0.92
N ALA A 94 0.47 -3.27 -0.10
CA ALA A 94 1.47 -3.94 0.73
C ALA A 94 0.81 -4.96 1.66
N ILE A 95 -0.25 -4.54 2.34
CA ILE A 95 -0.96 -5.42 3.25
C ILE A 95 -1.72 -6.52 2.50
N ARG A 96 -1.99 -6.26 1.22
CA ARG A 96 -2.71 -7.22 0.39
C ARG A 96 -1.88 -8.48 0.18
N ARG A 97 -0.56 -8.30 0.04
CA ARG A 97 0.34 -9.43 -0.17
C ARG A 97 0.90 -9.94 1.15
N ALA A 98 0.98 -9.04 2.13
CA ALA A 98 1.49 -9.40 3.45
C ALA A 98 0.46 -10.19 4.24
N SER A 99 -0.82 -9.86 4.04
CA SER A 99 -1.90 -10.54 4.75
C SER A 99 -2.16 -11.91 4.14
N ASN A 100 -1.61 -12.14 2.95
CA ASN A 100 -1.79 -13.42 2.27
C ASN A 100 -1.06 -14.54 3.00
N GLY A 101 -0.08 -14.17 3.81
CA GLY A 101 0.68 -15.15 4.55
C GLY A 101 1.77 -15.79 3.72
N GLU A 102 2.25 -15.05 2.72
CA GLU A 102 3.31 -15.56 1.85
C GLU A 102 4.46 -14.56 1.76
N THR A 103 5.69 -15.07 1.69
CA THR A 103 6.87 -14.22 1.60
C THR A 103 6.73 -13.21 0.47
N LEU A 104 7.36 -12.06 0.65
CA LEU A 104 7.32 -11.00 -0.35
C LEU A 104 8.70 -10.73 -0.93
N GLU A 105 8.75 -9.94 -2.01
CA GLU A 105 10.02 -9.60 -2.64
C GLU A 105 9.99 -8.18 -3.17
N LYS A 106 11.10 -7.76 -3.79
CA LYS A 106 11.20 -6.41 -4.34
C LYS A 106 10.76 -6.39 -5.81
N ILE A 107 9.81 -5.51 -6.11
CA ILE A 107 9.31 -5.39 -7.47
C ILE A 107 9.92 -4.19 -8.19
N THR A 108 10.36 -4.41 -9.43
CA THR A 108 10.97 -3.35 -10.21
C THR A 108 9.93 -2.59 -11.03
N ASN A 109 8.72 -3.15 -11.10
CA ASN A 109 7.64 -2.53 -11.85
C ASN A 109 8.07 -2.21 -13.28
N SER A 110 8.69 -3.19 -13.93
CA SER A 110 9.15 -3.02 -15.31
C SER A 110 7.99 -2.72 -16.24
N ARG A 111 8.30 -2.53 -17.52
CA ARG A 111 7.28 -2.22 -18.51
C ARG A 111 6.58 -0.90 -18.20
N PRO A 112 5.93 -0.32 -19.22
CA PRO A 112 5.22 0.96 -19.07
C PRO A 112 3.97 0.83 -18.20
N PRO A 113 3.40 1.98 -17.82
CA PRO A 113 2.19 2.01 -16.98
C PRO A 113 0.95 1.54 -17.74
N CYS A 114 -0.18 1.48 -17.04
CA CYS A 114 -1.43 1.04 -17.64
C CYS A 114 -2.27 2.23 -18.08
N VAL A 115 -2.16 3.32 -17.33
CA VAL A 115 -2.92 4.54 -17.65
C VAL A 115 -4.29 4.20 -18.21
N ILE A 116 -5.10 3.50 -17.42
CA ILE A 116 -6.43 3.11 -17.84
C ILE A 116 -7.43 4.26 -17.64
N LEU A 117 -6.90 5.41 -17.22
CA LEU A 117 -7.75 6.58 -17.00
C LEU A 117 -6.89 7.80 -16.65
N GLY A 1 -14.79 11.75 -25.74
CA GLY A 1 -14.89 10.32 -26.00
C GLY A 1 -16.31 9.82 -25.94
N SER A 2 -16.90 9.58 -27.11
CA SER A 2 -18.28 9.12 -27.19
C SER A 2 -18.48 7.87 -26.33
N MET A 3 -19.51 7.90 -25.49
CA MET A 3 -19.80 6.77 -24.61
C MET A 3 -20.56 5.68 -25.36
N SER A 4 -20.02 4.47 -25.32
CA SER A 4 -20.63 3.32 -26.00
C SER A 4 -21.31 2.40 -25.00
N GLY A 5 -20.77 2.36 -23.78
CA GLY A 5 -21.35 1.50 -22.75
C GLY A 5 -20.30 0.62 -22.09
N GLU A 6 -20.00 0.90 -20.82
CA GLU A 6 -19.01 0.14 -20.08
C GLU A 6 -18.82 0.71 -18.68
N PRO A 7 -18.42 1.98 -18.61
CA PRO A 7 -18.20 2.67 -17.33
C PRO A 7 -19.49 2.94 -16.58
N GLY A 8 -19.43 2.83 -15.26
CA GLY A 8 -20.61 3.06 -14.44
C GLY A 8 -20.36 2.80 -12.97
N GLN A 9 -21.27 3.26 -12.13
CA GLN A 9 -21.14 3.07 -10.69
C GLN A 9 -22.47 2.65 -10.06
N THR A 10 -22.57 1.37 -9.71
CA THR A 10 -23.78 0.85 -9.11
C THR A 10 -23.53 0.36 -7.68
N SER A 11 -24.38 0.79 -6.75
CA SER A 11 -24.24 0.41 -5.35
C SER A 11 -24.92 -0.93 -5.09
N VAL A 12 -24.18 -2.01 -5.31
CA VAL A 12 -24.71 -3.36 -5.10
C VAL A 12 -23.60 -4.33 -4.72
N ALA A 13 -23.98 -5.52 -4.27
CA ALA A 13 -23.02 -6.55 -3.88
C ALA A 13 -22.14 -6.06 -2.73
N PRO A 14 -22.74 -5.93 -1.54
CA PRO A 14 -22.04 -5.48 -0.34
C PRO A 14 -21.03 -6.51 0.17
N PRO A 15 -20.17 -6.08 1.10
CA PRO A 15 -19.14 -6.96 1.68
C PRO A 15 -19.75 -8.03 2.59
N PRO A 16 -18.91 -9.02 2.96
CA PRO A 16 -19.34 -10.12 3.83
C PRO A 16 -19.60 -9.67 5.26
N GLU A 17 -19.81 -10.62 6.15
CA GLU A 17 -20.06 -10.32 7.55
C GLU A 17 -19.00 -9.39 8.12
N GLU A 18 -19.28 -8.78 9.26
CA GLU A 18 -18.35 -7.87 9.90
C GLU A 18 -17.25 -8.63 10.64
N VAL A 19 -16.09 -8.73 10.00
CA VAL A 19 -14.96 -9.45 10.60
C VAL A 19 -13.64 -8.78 10.23
N GLU A 20 -12.76 -8.63 11.22
CA GLU A 20 -11.47 -8.01 11.00
C GLU A 20 -10.33 -9.02 11.22
N PRO A 21 -10.20 -9.97 10.28
CA PRO A 21 -9.17 -11.01 10.35
C PRO A 21 -7.77 -10.44 10.11
N GLY A 22 -7.67 -9.50 9.18
CA GLY A 22 -6.39 -8.90 8.88
C GLY A 22 -5.72 -8.27 10.09
N SER A 23 -6.54 -7.98 11.09
CA SER A 23 -6.04 -7.36 12.33
C SER A 23 -4.84 -8.13 12.87
N GLY A 24 -3.71 -7.43 12.99
CA GLY A 24 -2.50 -8.06 13.49
C GLY A 24 -1.27 -7.69 12.68
N VAL A 25 -1.26 -6.46 12.16
CA VAL A 25 -0.14 -5.97 11.36
C VAL A 25 0.08 -4.48 11.56
N ARG A 26 1.28 -4.02 11.27
CA ARG A 26 1.62 -2.61 11.42
C ARG A 26 2.14 -2.03 10.10
N ILE A 27 1.23 -1.48 9.30
CA ILE A 27 1.59 -0.90 8.01
C ILE A 27 2.17 0.50 8.19
N VAL A 28 3.13 0.85 7.35
CA VAL A 28 3.76 2.16 7.41
C VAL A 28 4.22 2.62 6.03
N VAL A 29 3.35 3.36 5.35
CA VAL A 29 3.67 3.86 4.00
C VAL A 29 4.79 4.90 4.05
N GLU A 30 6.00 4.45 3.74
CA GLU A 30 7.16 5.33 3.75
C GLU A 30 7.25 6.12 2.44
N TYR A 31 6.97 7.41 2.51
CA TYR A 31 7.03 8.27 1.33
C TYR A 31 7.54 9.66 1.70
N CYS A 32 7.96 10.40 0.67
CA CYS A 32 8.47 11.75 0.88
C CYS A 32 7.34 12.73 1.17
N GLU A 33 7.20 13.11 2.43
CA GLU A 33 6.15 14.04 2.85
C GLU A 33 6.22 15.33 2.02
N PRO A 34 7.34 16.06 2.15
CA PRO A 34 7.55 17.31 1.43
C PRO A 34 7.75 17.10 -0.07
N CYS A 35 6.75 16.52 -0.71
CA CYS A 35 6.81 16.26 -2.14
C CYS A 35 5.42 16.31 -2.77
N GLY A 36 4.45 15.72 -2.08
CA GLY A 36 3.08 15.72 -2.58
C GLY A 36 2.50 14.32 -2.67
N PHE A 37 3.22 13.35 -2.11
CA PHE A 37 2.77 11.96 -2.13
C PHE A 37 1.91 11.66 -0.91
N GLU A 38 1.50 12.70 -0.20
CA GLU A 38 0.67 12.53 0.99
C GLU A 38 -0.81 12.55 0.64
N ALA A 39 -1.14 13.17 -0.49
CA ALA A 39 -2.51 13.26 -0.95
C ALA A 39 -3.00 11.91 -1.48
N THR A 40 -2.05 11.03 -1.81
CA THR A 40 -2.38 9.72 -2.33
C THR A 40 -2.44 8.68 -1.21
N TYR A 41 -1.70 8.94 -0.14
CA TYR A 41 -1.67 8.02 0.99
C TYR A 41 -2.93 8.17 1.85
N LEU A 42 -3.40 9.40 1.99
CA LEU A 42 -4.60 9.68 2.78
C LEU A 42 -5.85 9.27 2.02
N GLU A 43 -5.91 9.63 0.74
CA GLU A 43 -7.05 9.31 -0.09
C GLU A 43 -7.39 7.82 -0.01
N LEU A 44 -6.36 6.99 -0.12
CA LEU A 44 -6.55 5.54 -0.07
C LEU A 44 -6.69 5.07 1.38
N ALA A 45 -6.09 5.81 2.30
CA ALA A 45 -6.15 5.48 3.72
C ALA A 45 -7.57 5.64 4.26
N SER A 46 -8.29 6.61 3.72
CA SER A 46 -9.66 6.88 4.14
C SER A 46 -10.56 5.68 3.88
N ALA A 47 -10.10 4.81 2.99
CA ALA A 47 -10.86 3.61 2.64
C ALA A 47 -10.18 2.35 3.17
N VAL A 48 -8.85 2.39 3.26
CA VAL A 48 -8.09 1.25 3.74
C VAL A 48 -8.49 0.87 5.16
N LYS A 49 -9.03 1.85 5.89
CA LYS A 49 -9.46 1.62 7.27
C LYS A 49 -10.73 0.78 7.30
N GLU A 50 -11.38 0.64 6.14
CA GLU A 50 -12.60 -0.15 6.05
C GLU A 50 -12.28 -1.62 5.84
N GLN A 51 -11.02 -1.92 5.56
CA GLN A 51 -10.59 -3.29 5.35
C GLN A 51 -10.11 -3.93 6.66
N TYR A 52 -9.18 -3.26 7.32
CA TYR A 52 -8.64 -3.76 8.59
C TYR A 52 -8.53 -2.64 9.61
N PRO A 53 -9.67 -2.30 10.23
CA PRO A 53 -9.73 -1.24 11.24
C PRO A 53 -9.03 -1.63 12.54
N GLY A 54 -8.61 -2.89 12.62
CA GLY A 54 -7.93 -3.37 13.80
C GLY A 54 -6.43 -3.14 13.75
N ILE A 55 -5.88 -3.14 12.54
CA ILE A 55 -4.45 -2.92 12.36
C ILE A 55 -4.07 -1.48 12.65
N GLU A 56 -2.82 -1.12 12.33
CA GLU A 56 -2.34 0.23 12.55
C GLU A 56 -1.50 0.71 11.37
N ILE A 57 -2.07 1.66 10.61
CA ILE A 57 -1.37 2.20 9.45
C ILE A 57 -1.00 3.67 9.67
N GLU A 58 0.27 3.91 9.92
CA GLU A 58 0.76 5.27 10.14
C GLU A 58 1.67 5.72 9.00
N SER A 59 2.11 6.97 9.06
CA SER A 59 2.97 7.53 8.04
C SER A 59 4.42 7.59 8.52
N ARG A 60 5.35 7.74 7.58
CA ARG A 60 6.76 7.82 7.90
C ARG A 60 7.56 8.40 6.73
N LEU A 61 8.61 9.14 7.06
CA LEU A 61 9.45 9.75 6.03
C LEU A 61 10.33 8.71 5.35
N GLY A 62 10.71 8.99 4.11
CA GLY A 62 11.55 8.07 3.36
C GLY A 62 12.91 8.64 3.04
N GLY A 63 12.93 9.85 2.50
CA GLY A 63 14.19 10.48 2.16
C GLY A 63 14.03 11.54 1.08
N THR A 64 13.63 11.13 -0.10
CA THR A 64 13.44 12.05 -1.22
C THR A 64 12.82 11.34 -2.42
N GLY A 65 11.57 11.65 -2.71
CA GLY A 65 10.88 11.03 -3.84
C GLY A 65 10.92 9.51 -3.78
N ALA A 66 10.38 8.97 -2.70
CA ALA A 66 10.34 7.51 -2.52
C ALA A 66 8.96 7.04 -2.12
N PHE A 67 8.75 5.73 -2.12
CA PHE A 67 7.46 5.15 -1.77
C PHE A 67 7.64 3.75 -1.20
N GLU A 68 8.59 3.60 -0.29
CA GLU A 68 8.86 2.30 0.33
C GLU A 68 7.68 1.85 1.18
N ILE A 69 7.04 0.75 0.77
CA ILE A 69 5.90 0.22 1.50
C ILE A 69 6.35 -0.76 2.58
N GLU A 70 6.16 -0.36 3.84
CA GLU A 70 6.54 -1.20 4.97
C GLU A 70 5.31 -1.86 5.60
N ILE A 71 5.16 -3.16 5.37
CA ILE A 71 4.03 -3.91 5.92
C ILE A 71 4.18 -4.11 7.43
N ASN A 72 5.43 -4.10 7.90
CA ASN A 72 5.71 -4.28 9.32
C ASN A 72 6.79 -3.31 9.78
N GLY A 73 6.82 -2.12 9.19
CA GLY A 73 7.81 -1.13 9.56
C GLY A 73 9.11 -1.30 8.80
N GLN A 74 9.21 -2.38 8.03
CA GLN A 74 10.41 -2.64 7.25
C GLN A 74 10.08 -2.74 5.76
N LEU A 75 11.05 -2.40 4.92
CA LEU A 75 10.88 -2.45 3.48
C LEU A 75 10.61 -3.87 3.02
N VAL A 76 9.40 -4.09 2.50
CA VAL A 76 9.01 -5.42 2.01
C VAL A 76 8.69 -5.38 0.53
N PHE A 77 8.34 -4.19 0.03
CA PHE A 77 8.01 -4.03 -1.38
C PHE A 77 8.15 -2.56 -1.79
N SER A 78 9.29 -2.24 -2.39
CA SER A 78 9.56 -0.88 -2.85
C SER A 78 8.93 -0.62 -4.21
N LYS A 79 8.56 0.62 -4.47
CA LYS A 79 7.95 1.01 -5.74
C LYS A 79 8.98 1.66 -6.65
N LEU A 80 10.08 2.12 -6.07
CA LEU A 80 11.13 2.77 -6.84
C LEU A 80 11.91 1.76 -7.67
N GLU A 81 11.62 0.48 -7.46
CA GLU A 81 12.29 -0.59 -8.19
C GLU A 81 11.33 -1.28 -9.14
N ASN A 82 10.16 -1.66 -8.63
CA ASN A 82 9.14 -2.34 -9.44
C ASN A 82 8.83 -1.53 -10.69
N GLY A 83 8.47 -0.26 -10.50
CA GLY A 83 8.14 0.59 -11.62
C GLY A 83 6.85 1.36 -11.42
N GLY A 84 6.19 1.12 -10.28
CA GLY A 84 4.95 1.79 -10.00
C GLY A 84 3.74 0.97 -10.39
N PHE A 85 2.60 1.64 -10.56
CA PHE A 85 1.37 0.97 -10.95
C PHE A 85 0.95 -0.05 -9.88
N PRO A 86 0.61 0.45 -8.69
CA PRO A 86 0.18 -0.40 -7.57
C PRO A 86 -1.17 -1.05 -7.81
N TYR A 87 -1.57 -1.94 -6.90
CA TYR A 87 -2.84 -2.63 -7.02
C TYR A 87 -3.51 -2.77 -5.65
N GLU A 88 -4.80 -2.42 -5.58
CA GLU A 88 -5.55 -2.51 -4.34
C GLU A 88 -5.42 -3.89 -3.72
N LYS A 89 -5.25 -4.91 -4.57
CA LYS A 89 -5.12 -6.28 -4.11
C LYS A 89 -3.68 -6.58 -3.72
N ASP A 90 -2.74 -5.92 -4.40
CA ASP A 90 -1.31 -6.12 -4.12
C ASP A 90 -0.87 -5.26 -2.95
N LEU A 91 -1.77 -4.41 -2.46
CA LEU A 91 -1.47 -3.53 -1.35
C LEU A 91 -2.16 -3.99 -0.08
N ILE A 92 -3.03 -4.99 -0.21
CA ILE A 92 -3.76 -5.54 0.93
C ILE A 92 -3.43 -7.01 1.13
N GLU A 93 -2.76 -7.61 0.16
CA GLU A 93 -2.38 -9.01 0.23
C GLU A 93 -1.17 -9.21 1.12
N ALA A 94 -0.62 -8.10 1.62
CA ALA A 94 0.54 -8.15 2.49
C ALA A 94 0.17 -8.59 3.90
N ILE A 95 -0.68 -7.81 4.55
CA ILE A 95 -1.13 -8.13 5.90
C ILE A 95 -1.65 -9.55 6.00
N ARG A 96 -2.24 -10.03 4.90
CA ARG A 96 -2.80 -11.37 4.86
C ARG A 96 -1.72 -12.41 5.19
N ARG A 97 -0.47 -12.08 4.87
CA ARG A 97 0.64 -12.99 5.12
C ARG A 97 1.26 -12.71 6.48
N ALA A 98 1.54 -11.43 6.76
CA ALA A 98 2.13 -11.03 8.02
C ALA A 98 1.29 -11.53 9.20
N SER A 99 -0.02 -11.34 9.11
CA SER A 99 -0.93 -11.76 10.17
C SER A 99 -1.10 -13.28 10.16
N ASN A 100 -0.66 -13.92 9.09
CA ASN A 100 -0.76 -15.36 8.96
C ASN A 100 0.15 -16.07 9.95
N GLY A 101 1.28 -15.44 10.25
CA GLY A 101 2.23 -16.02 11.19
C GLY A 101 3.52 -16.44 10.53
N GLU A 102 3.53 -16.45 9.21
CA GLU A 102 4.72 -16.83 8.45
C GLU A 102 5.62 -15.63 8.20
N THR A 103 6.93 -15.83 8.37
CA THR A 103 7.90 -14.76 8.17
C THR A 103 7.93 -14.31 6.72
N LEU A 104 8.58 -13.17 6.47
CA LEU A 104 8.68 -12.63 5.12
C LEU A 104 10.09 -12.16 4.82
N GLU A 105 10.58 -12.49 3.63
CA GLU A 105 11.93 -12.11 3.22
C GLU A 105 11.92 -11.49 1.83
N LYS A 106 12.70 -10.42 1.66
CA LYS A 106 12.78 -9.74 0.37
C LYS A 106 14.07 -8.94 0.26
N ILE A 107 14.83 -9.19 -0.79
CA ILE A 107 16.10 -8.48 -1.01
C ILE A 107 15.85 -7.06 -1.52
N THR A 108 16.45 -6.09 -0.83
CA THR A 108 16.30 -4.68 -1.20
C THR A 108 16.62 -4.47 -2.67
N ASN A 109 17.55 -5.27 -3.20
CA ASN A 109 17.94 -5.17 -4.59
C ASN A 109 18.32 -3.74 -4.95
N SER A 110 19.12 -3.11 -4.08
CA SER A 110 19.55 -1.74 -4.30
C SER A 110 20.25 -1.60 -5.66
N ARG A 111 20.62 -0.38 -6.00
CA ARG A 111 21.30 -0.10 -7.26
C ARG A 111 21.90 1.30 -7.27
N PRO A 112 22.87 1.52 -8.17
CA PRO A 112 23.55 2.82 -8.30
C PRO A 112 22.63 3.90 -8.86
N PRO A 113 23.09 5.16 -8.77
CA PRO A 113 22.33 6.31 -9.27
C PRO A 113 22.25 6.34 -10.79
N CYS A 114 21.02 6.38 -11.31
CA CYS A 114 20.81 6.42 -12.75
C CYS A 114 19.45 7.02 -13.08
N VAL A 115 19.47 8.28 -13.53
CA VAL A 115 18.24 8.97 -13.89
C VAL A 115 18.21 9.32 -15.38
N ILE A 116 17.09 9.87 -15.83
CA ILE A 116 16.94 10.24 -17.23
C ILE A 116 16.86 11.75 -17.39
N LEU A 117 17.86 12.32 -18.06
CA LEU A 117 17.90 13.77 -18.28
C LEU A 117 17.92 14.09 -19.77
N GLY A 1 -46.11 5.44 -23.21
CA GLY A 1 -46.19 4.16 -22.52
C GLY A 1 -44.99 3.89 -21.64
N SER A 2 -45.05 2.80 -20.87
CA SER A 2 -43.96 2.44 -19.98
C SER A 2 -43.58 3.61 -19.07
N MET A 3 -44.58 4.42 -18.73
CA MET A 3 -44.36 5.57 -17.86
C MET A 3 -44.61 5.22 -16.40
N SER A 4 -43.99 5.98 -15.50
CA SER A 4 -44.14 5.73 -14.07
C SER A 4 -43.98 7.04 -13.28
N GLY A 5 -44.37 6.99 -12.00
CA GLY A 5 -44.25 8.17 -11.16
C GLY A 5 -42.88 8.31 -10.53
N GLU A 6 -42.76 7.82 -9.30
CA GLU A 6 -41.49 7.90 -8.58
C GLU A 6 -40.95 9.33 -8.56
N PRO A 7 -41.60 10.18 -7.77
CA PRO A 7 -41.21 11.60 -7.64
C PRO A 7 -39.88 11.77 -6.91
N GLY A 8 -39.36 10.66 -6.38
CA GLY A 8 -38.10 10.71 -5.66
C GLY A 8 -37.22 9.50 -5.94
N GLN A 9 -35.92 9.73 -6.06
CA GLN A 9 -34.98 8.65 -6.32
C GLN A 9 -34.02 8.46 -5.16
N THR A 10 -34.18 7.35 -4.45
CA THR A 10 -33.34 7.05 -3.29
C THR A 10 -32.36 5.92 -3.62
N SER A 11 -31.19 5.95 -2.98
CA SER A 11 -30.17 4.94 -3.20
C SER A 11 -30.40 3.73 -2.31
N VAL A 12 -29.54 2.73 -2.43
CA VAL A 12 -29.64 1.51 -1.64
C VAL A 12 -28.50 1.42 -0.63
N ALA A 13 -28.62 0.48 0.30
CA ALA A 13 -27.60 0.28 1.32
C ALA A 13 -27.89 -0.98 2.14
N PRO A 14 -27.68 -2.16 1.53
CA PRO A 14 -27.91 -3.43 2.20
C PRO A 14 -26.89 -3.72 3.30
N PRO A 15 -27.17 -4.73 4.13
CA PRO A 15 -26.30 -5.12 5.23
C PRO A 15 -24.99 -5.75 4.74
N PRO A 16 -23.88 -5.04 4.97
CA PRO A 16 -22.54 -5.51 4.55
C PRO A 16 -22.07 -6.71 5.38
N GLU A 17 -20.81 -7.08 5.19
CA GLU A 17 -20.24 -8.21 5.93
C GLU A 17 -19.05 -7.76 6.77
N GLU A 18 -18.36 -8.73 7.38
CA GLU A 18 -17.21 -8.43 8.21
C GLU A 18 -16.10 -9.45 7.99
N VAL A 19 -15.41 -9.34 6.84
CA VAL A 19 -14.33 -10.25 6.50
C VAL A 19 -13.01 -9.50 6.35
N GLU A 20 -11.97 -10.03 6.99
CA GLU A 20 -10.65 -9.41 6.93
C GLU A 20 -9.57 -10.40 7.37
N PRO A 21 -9.25 -11.36 6.48
CA PRO A 21 -8.24 -12.38 6.76
C PRO A 21 -6.82 -11.80 6.78
N GLY A 22 -6.54 -10.91 5.83
CA GLY A 22 -5.24 -10.29 5.75
C GLY A 22 -4.93 -9.42 6.96
N SER A 23 -5.96 -9.08 7.72
CA SER A 23 -5.80 -8.24 8.90
C SER A 23 -4.71 -8.79 9.81
N GLY A 24 -3.95 -7.89 10.40
CA GLY A 24 -2.87 -8.30 11.30
C GLY A 24 -1.52 -7.78 10.86
N VAL A 25 -1.53 -6.67 10.12
CA VAL A 25 -0.29 -6.07 9.64
C VAL A 25 -0.37 -4.55 9.68
N ARG A 26 0.79 -3.90 9.68
CA ARG A 26 0.86 -2.44 9.71
C ARG A 26 1.66 -1.90 8.53
N ILE A 27 0.95 -1.55 7.46
CA ILE A 27 1.59 -1.02 6.26
C ILE A 27 1.94 0.46 6.43
N VAL A 28 3.08 0.86 5.87
CA VAL A 28 3.52 2.24 5.96
C VAL A 28 4.36 2.63 4.74
N VAL A 29 3.72 3.27 3.77
CA VAL A 29 4.40 3.70 2.55
C VAL A 29 5.23 4.95 2.81
N GLU A 30 6.54 4.77 2.89
CA GLU A 30 7.46 5.89 3.12
C GLU A 30 7.78 6.61 1.81
N TYR A 31 7.31 7.84 1.69
CA TYR A 31 7.55 8.64 0.49
C TYR A 31 7.72 10.11 0.84
N CYS A 32 8.29 10.87 -0.09
CA CYS A 32 8.52 12.29 0.11
C CYS A 32 7.21 13.07 0.00
N GLU A 33 6.67 13.49 1.14
CA GLU A 33 5.42 14.24 1.17
C GLU A 33 5.53 15.49 0.29
N PRO A 34 6.45 16.40 0.66
CA PRO A 34 6.67 17.64 -0.08
C PRO A 34 7.30 17.41 -1.44
N CYS A 35 6.62 16.63 -2.28
CA CYS A 35 7.11 16.33 -3.62
C CYS A 35 5.95 16.13 -4.59
N GLY A 36 4.96 15.35 -4.17
CA GLY A 36 3.81 15.09 -5.01
C GLY A 36 3.64 13.61 -5.34
N PHE A 37 4.29 12.77 -4.55
CA PHE A 37 4.22 11.33 -4.76
C PHE A 37 3.02 10.73 -4.01
N GLU A 38 2.17 11.60 -3.49
CA GLU A 38 0.99 11.16 -2.75
C GLU A 38 -0.07 10.60 -3.70
N ALA A 39 -0.18 11.20 -4.88
CA ALA A 39 -1.15 10.76 -5.88
C ALA A 39 -0.91 9.30 -6.26
N THR A 40 0.32 8.98 -6.65
CA THR A 40 0.67 7.63 -7.05
C THR A 40 0.47 6.65 -5.90
N TYR A 41 0.43 7.18 -4.67
CA TYR A 41 0.24 6.36 -3.49
C TYR A 41 -1.24 6.11 -3.22
N LEU A 42 -2.07 7.02 -3.69
CA LEU A 42 -3.52 6.91 -3.50
C LEU A 42 -4.19 6.37 -4.75
N GLU A 43 -3.42 6.25 -5.83
CA GLU A 43 -3.94 5.74 -7.09
C GLU A 43 -4.05 4.22 -7.06
N LEU A 44 -3.46 3.61 -6.05
CA LEU A 44 -3.49 2.15 -5.90
C LEU A 44 -3.88 1.76 -4.48
N ALA A 45 -3.88 2.74 -3.58
CA ALA A 45 -4.23 2.50 -2.18
C ALA A 45 -5.71 2.74 -1.94
N SER A 46 -6.24 3.80 -2.55
CA SER A 46 -7.66 4.14 -2.39
C SER A 46 -8.54 2.92 -2.64
N ALA A 47 -8.04 1.98 -3.42
CA ALA A 47 -8.79 0.77 -3.74
C ALA A 47 -8.35 -0.39 -2.85
N VAL A 48 -7.03 -0.57 -2.74
CA VAL A 48 -6.47 -1.65 -1.92
C VAL A 48 -7.07 -1.63 -0.52
N LYS A 49 -7.44 -0.44 -0.04
CA LYS A 49 -8.02 -0.29 1.28
C LYS A 49 -9.28 -1.14 1.43
N GLU A 50 -9.95 -1.39 0.30
CA GLU A 50 -11.16 -2.19 0.30
C GLU A 50 -10.84 -3.67 0.46
N GLN A 51 -9.55 -3.99 0.46
CA GLN A 51 -9.11 -5.37 0.59
C GLN A 51 -8.97 -5.76 2.05
N TYR A 52 -8.21 -4.97 2.80
CA TYR A 52 -7.99 -5.22 4.21
C TYR A 52 -8.25 -3.98 5.05
N PRO A 53 -9.55 -3.68 5.27
CA PRO A 53 -9.96 -2.52 6.05
C PRO A 53 -9.64 -2.67 7.53
N GLY A 54 -9.19 -3.86 7.91
CA GLY A 54 -8.85 -4.11 9.30
C GLY A 54 -7.44 -3.69 9.65
N ILE A 55 -6.53 -3.86 8.69
CA ILE A 55 -5.13 -3.50 8.90
C ILE A 55 -4.99 -2.01 9.21
N GLU A 56 -3.75 -1.53 9.25
CA GLU A 56 -3.48 -0.14 9.54
C GLU A 56 -2.44 0.43 8.57
N ILE A 57 -2.90 1.22 7.61
CA ILE A 57 -2.00 1.82 6.62
C ILE A 57 -1.93 3.33 6.80
N GLU A 58 -0.73 3.89 6.62
CA GLU A 58 -0.53 5.32 6.77
C GLU A 58 0.69 5.78 5.96
N SER A 59 0.88 7.10 5.88
CA SER A 59 2.00 7.67 5.15
C SER A 59 3.07 8.19 6.10
N ARG A 60 4.26 8.43 5.58
CA ARG A 60 5.36 8.93 6.37
C ARG A 60 6.44 9.56 5.49
N LEU A 61 7.40 10.23 6.12
CA LEU A 61 8.48 10.88 5.39
C LEU A 61 9.64 9.92 5.17
N GLY A 62 10.39 10.14 4.08
CA GLY A 62 11.51 9.28 3.78
C GLY A 62 12.83 10.04 3.73
N GLY A 63 12.84 11.16 3.02
CA GLY A 63 14.04 11.96 2.91
C GLY A 63 13.99 12.94 1.75
N THR A 64 13.87 12.41 0.53
CA THR A 64 13.81 13.25 -0.66
C THR A 64 13.62 12.40 -1.91
N GLY A 65 12.45 12.54 -2.54
CA GLY A 65 12.17 11.79 -3.75
C GLY A 65 12.41 10.30 -3.57
N ALA A 66 11.71 9.71 -2.61
CA ALA A 66 11.86 8.27 -2.34
C ALA A 66 10.50 7.60 -2.25
N PHE A 67 10.51 6.27 -2.13
CA PHE A 67 9.27 5.50 -2.04
C PHE A 67 9.51 4.18 -1.31
N GLU A 68 10.21 4.26 -0.17
CA GLU A 68 10.50 3.07 0.62
C GLU A 68 9.22 2.47 1.20
N ILE A 69 8.94 1.23 0.81
CA ILE A 69 7.74 0.54 1.28
C ILE A 69 8.02 -0.21 2.58
N GLU A 70 7.11 -0.08 3.54
CA GLU A 70 7.26 -0.74 4.83
C GLU A 70 6.00 -1.54 5.17
N ILE A 71 6.06 -2.85 4.94
CA ILE A 71 4.94 -3.73 5.23
C ILE A 71 4.72 -3.88 6.74
N ASN A 72 5.78 -3.64 7.50
CA ASN A 72 5.71 -3.75 8.96
C ASN A 72 6.49 -2.60 9.62
N GLY A 73 6.48 -1.44 8.98
CA GLY A 73 7.19 -0.30 9.53
C GLY A 73 8.65 -0.29 9.17
N GLN A 74 9.10 -1.37 8.54
CA GLN A 74 10.51 -1.49 8.13
C GLN A 74 10.61 -1.70 6.62
N LEU A 75 11.70 -1.20 6.04
CA LEU A 75 11.93 -1.32 4.62
C LEU A 75 12.09 -2.79 4.20
N VAL A 76 11.20 -3.26 3.34
CA VAL A 76 11.26 -4.64 2.87
C VAL A 76 11.48 -4.70 1.37
N PHE A 77 11.10 -3.63 0.67
CA PHE A 77 11.25 -3.57 -0.78
C PHE A 77 11.30 -2.12 -1.25
N SER A 78 12.51 -1.63 -1.51
CA SER A 78 12.70 -0.25 -1.96
C SER A 78 12.27 -0.10 -3.41
N LYS A 79 11.59 1.00 -3.71
CA LYS A 79 11.12 1.28 -5.06
C LYS A 79 12.18 2.02 -5.87
N LEU A 80 13.10 2.66 -5.18
CA LEU A 80 14.17 3.41 -5.82
C LEU A 80 15.30 2.47 -6.25
N GLU A 81 15.41 1.34 -5.56
CA GLU A 81 16.45 0.37 -5.87
C GLU A 81 15.91 -0.74 -6.77
N ASN A 82 14.80 -1.34 -6.36
CA ASN A 82 14.18 -2.41 -7.12
C ASN A 82 13.98 -2.00 -8.58
N GLY A 83 13.47 -0.80 -8.78
CA GLY A 83 13.24 -0.30 -10.12
C GLY A 83 11.82 0.20 -10.32
N GLY A 84 10.94 -0.12 -9.38
CA GLY A 84 9.56 0.31 -9.48
C GLY A 84 8.66 -0.76 -10.07
N PHE A 85 7.64 -0.34 -10.81
CA PHE A 85 6.70 -1.26 -11.43
C PHE A 85 6.00 -2.10 -10.38
N PRO A 86 5.16 -1.46 -9.56
CA PRO A 86 4.42 -2.12 -8.50
C PRO A 86 3.32 -3.02 -9.03
N TYR A 87 2.67 -3.77 -8.15
CA TYR A 87 1.60 -4.69 -8.55
C TYR A 87 0.55 -4.80 -7.45
N GLU A 88 -0.72 -4.69 -7.83
CA GLU A 88 -1.82 -4.79 -6.88
C GLU A 88 -1.72 -6.07 -6.05
N LYS A 89 -1.22 -7.13 -6.68
CA LYS A 89 -1.06 -8.41 -6.00
C LYS A 89 0.18 -8.42 -5.13
N ASP A 90 1.14 -7.58 -5.47
CA ASP A 90 2.39 -7.49 -4.71
C ASP A 90 2.18 -6.70 -3.42
N LEU A 91 1.14 -5.88 -3.40
CA LEU A 91 0.83 -5.07 -2.22
C LEU A 91 -0.03 -5.85 -1.23
N ILE A 92 -0.75 -6.84 -1.74
CA ILE A 92 -1.60 -7.67 -0.89
C ILE A 92 -0.88 -8.94 -0.44
N GLU A 93 0.09 -9.36 -1.24
CA GLU A 93 0.86 -10.58 -0.93
C GLU A 93 1.80 -10.32 0.24
N ALA A 94 2.01 -9.05 0.56
CA ALA A 94 2.89 -8.67 1.67
C ALA A 94 2.24 -8.98 3.01
N ILE A 95 1.11 -8.34 3.29
CA ILE A 95 0.40 -8.54 4.54
C ILE A 95 0.02 -10.00 4.72
N ARG A 96 -0.24 -10.69 3.62
CA ARG A 96 -0.60 -12.10 3.66
C ARG A 96 0.56 -12.95 4.15
N ARG A 97 1.77 -12.52 3.84
CA ARG A 97 2.97 -13.25 4.25
C ARG A 97 3.45 -12.78 5.62
N ALA A 98 3.10 -11.54 5.97
CA ALA A 98 3.49 -10.96 7.25
C ALA A 98 2.56 -11.43 8.36
N SER A 99 1.27 -11.45 8.08
CA SER A 99 0.27 -11.86 9.06
C SER A 99 0.34 -13.37 9.29
N ASN A 100 1.05 -14.07 8.40
CA ASN A 100 1.17 -15.52 8.50
C ASN A 100 2.11 -15.89 9.65
N GLY A 101 3.02 -14.98 9.98
CA GLY A 101 3.95 -15.24 11.07
C GLY A 101 5.28 -15.78 10.57
N GLU A 102 5.59 -15.52 9.30
CA GLU A 102 6.83 -16.00 8.71
C GLU A 102 7.82 -14.86 8.52
N THR A 103 9.10 -15.20 8.44
CA THR A 103 10.15 -14.20 8.27
C THR A 103 9.95 -13.41 6.96
N LEU A 104 10.51 -12.21 6.91
CA LEU A 104 10.40 -11.37 5.73
C LEU A 104 11.77 -10.82 5.33
N GLU A 105 11.86 -10.34 4.09
CA GLU A 105 13.11 -9.78 3.58
C GLU A 105 13.64 -8.70 4.51
N LYS A 106 14.96 -8.68 4.69
CA LYS A 106 15.59 -7.69 5.55
C LYS A 106 16.67 -6.91 4.80
N ILE A 107 17.29 -5.96 5.48
CA ILE A 107 18.34 -5.14 4.86
C ILE A 107 19.73 -5.69 5.21
N THR A 108 20.48 -6.06 4.18
CA THR A 108 21.82 -6.60 4.37
C THR A 108 22.88 -5.50 4.23
N ASN A 109 22.46 -4.26 4.40
CA ASN A 109 23.36 -3.12 4.29
C ASN A 109 24.14 -3.17 2.98
N SER A 110 23.45 -3.49 1.90
CA SER A 110 24.08 -3.57 0.58
C SER A 110 24.66 -2.23 0.17
N ARG A 111 25.48 -2.25 -0.88
CA ARG A 111 26.10 -1.02 -1.38
C ARG A 111 25.09 -0.14 -2.10
N PRO A 112 25.36 1.17 -2.13
CA PRO A 112 24.48 2.15 -2.79
C PRO A 112 24.49 2.00 -4.30
N PRO A 113 23.54 2.67 -4.97
CA PRO A 113 23.42 2.64 -6.43
C PRO A 113 24.55 3.38 -7.13
N CYS A 114 25.28 4.18 -6.35
CA CYS A 114 26.40 4.95 -6.90
C CYS A 114 25.93 5.94 -7.94
N VAL A 115 24.90 6.71 -7.59
CA VAL A 115 24.34 7.71 -8.51
C VAL A 115 24.90 9.10 -8.21
N ILE A 116 26.10 9.14 -7.64
CA ILE A 116 26.74 10.41 -7.31
C ILE A 116 26.90 11.28 -8.55
N LEU A 117 25.97 12.20 -8.74
CA LEU A 117 26.01 13.12 -9.88
C LEU A 117 27.36 13.81 -9.97
N GLY A 1 5.73 7.60 -28.72
CA GLY A 1 5.49 6.37 -28.00
C GLY A 1 4.24 6.44 -27.14
N SER A 2 3.14 5.89 -27.66
CA SER A 2 1.87 5.90 -26.93
C SER A 2 1.82 4.76 -25.91
N MET A 3 1.09 4.99 -24.83
CA MET A 3 0.95 3.98 -23.78
C MET A 3 -0.51 3.60 -23.56
N SER A 4 -0.74 2.38 -23.10
CA SER A 4 -2.09 1.90 -22.87
C SER A 4 -2.14 0.98 -21.64
N GLY A 5 -3.23 1.07 -20.89
CA GLY A 5 -3.37 0.26 -19.69
C GLY A 5 -3.21 1.06 -18.42
N GLU A 6 -4.31 1.27 -17.70
CA GLU A 6 -4.29 2.03 -16.46
C GLU A 6 -5.08 1.31 -15.37
N PRO A 7 -4.83 1.69 -14.11
CA PRO A 7 -5.52 1.11 -12.96
C PRO A 7 -6.99 1.50 -12.89
N GLY A 8 -7.78 0.73 -12.14
CA GLY A 8 -9.19 1.01 -12.02
C GLY A 8 -9.65 1.02 -10.57
N GLN A 9 -10.84 1.55 -10.33
CA GLN A 9 -11.39 1.61 -8.98
C GLN A 9 -12.88 1.28 -8.99
N THR A 10 -13.22 0.07 -8.54
CA THR A 10 -14.60 -0.37 -8.50
C THR A 10 -15.03 -0.70 -7.07
N SER A 11 -16.21 -0.22 -6.69
CA SER A 11 -16.74 -0.46 -5.34
C SER A 11 -18.26 -0.41 -5.35
N VAL A 12 -18.88 -1.57 -5.61
CA VAL A 12 -20.34 -1.66 -5.63
C VAL A 12 -20.80 -3.03 -5.15
N ALA A 13 -21.15 -3.11 -3.88
CA ALA A 13 -21.62 -4.36 -3.29
C ALA A 13 -22.11 -4.15 -1.85
N PRO A 14 -22.93 -5.09 -1.36
CA PRO A 14 -23.48 -5.04 -0.01
C PRO A 14 -22.41 -5.25 1.07
N PRO A 15 -22.77 -4.96 2.32
CA PRO A 15 -21.87 -5.11 3.46
C PRO A 15 -21.58 -6.58 3.78
N PRO A 16 -20.32 -6.99 3.56
CA PRO A 16 -19.89 -8.37 3.81
C PRO A 16 -19.84 -8.70 5.30
N GLU A 17 -19.40 -9.91 5.62
CA GLU A 17 -19.30 -10.34 7.01
C GLU A 17 -18.34 -9.44 7.79
N GLU A 18 -18.68 -9.18 9.05
CA GLU A 18 -17.86 -8.34 9.90
C GLU A 18 -16.75 -9.15 10.57
N VAL A 19 -15.57 -9.17 9.94
CA VAL A 19 -14.44 -9.91 10.47
C VAL A 19 -13.13 -9.17 10.21
N GLU A 20 -12.21 -9.24 11.17
CA GLU A 20 -10.92 -8.58 11.05
C GLU A 20 -9.78 -9.59 11.07
N PRO A 21 -9.70 -10.42 10.01
CA PRO A 21 -8.67 -11.45 9.89
C PRO A 21 -7.28 -10.85 9.65
N GLY A 22 -7.24 -9.71 8.96
CA GLY A 22 -5.98 -9.06 8.67
C GLY A 22 -5.25 -8.63 9.93
N SER A 23 -5.97 -8.60 11.05
CA SER A 23 -5.38 -8.20 12.32
C SER A 23 -4.11 -8.99 12.60
N GLY A 24 -3.01 -8.26 12.82
CA GLY A 24 -1.74 -8.90 13.09
C GLY A 24 -0.61 -8.35 12.25
N VAL A 25 -0.70 -7.06 11.92
CA VAL A 25 0.32 -6.40 11.11
C VAL A 25 0.47 -4.94 11.50
N ARG A 26 1.64 -4.37 11.21
CA ARG A 26 1.91 -2.97 11.53
C ARG A 26 2.33 -2.21 10.29
N ILE A 27 1.34 -1.77 9.51
CA ILE A 27 1.60 -1.02 8.29
C ILE A 27 2.15 0.36 8.60
N VAL A 28 3.01 0.87 7.73
CA VAL A 28 3.60 2.19 7.91
C VAL A 28 3.91 2.84 6.57
N VAL A 29 2.98 3.68 6.10
CA VAL A 29 3.15 4.37 4.83
C VAL A 29 4.08 5.58 4.98
N GLU A 30 5.30 5.43 4.47
CA GLU A 30 6.28 6.51 4.55
C GLU A 30 6.16 7.45 3.35
N TYR A 31 5.71 8.67 3.61
CA TYR A 31 5.54 9.66 2.56
C TYR A 31 5.90 11.06 3.05
N CYS A 32 6.15 11.97 2.13
CA CYS A 32 6.50 13.34 2.48
C CYS A 32 5.27 14.12 2.94
N GLU A 33 5.14 14.26 4.25
CA GLU A 33 4.01 14.99 4.83
C GLU A 33 3.89 16.38 4.22
N PRO A 34 4.92 17.21 4.42
CA PRO A 34 4.96 18.58 3.90
C PRO A 34 5.09 18.62 2.38
N CYS A 35 4.15 17.97 1.69
CA CYS A 35 4.17 17.94 0.23
C CYS A 35 2.75 17.86 -0.32
N GLY A 36 1.92 17.02 0.29
CA GLY A 36 0.54 16.87 -0.15
C GLY A 36 0.19 15.43 -0.48
N PHE A 37 0.94 14.50 0.10
CA PHE A 37 0.70 13.07 -0.13
C PHE A 37 -0.11 12.46 1.00
N GLU A 38 -0.66 13.32 1.85
CA GLU A 38 -1.47 12.86 2.98
C GLU A 38 -2.95 12.84 2.62
N ALA A 39 -3.29 13.53 1.53
CA ALA A 39 -4.68 13.58 1.08
C ALA A 39 -5.12 12.26 0.47
N THR A 40 -4.15 11.44 0.07
CA THR A 40 -4.44 10.15 -0.52
C THR A 40 -4.37 9.04 0.51
N TYR A 41 -3.51 9.21 1.51
CA TYR A 41 -3.35 8.22 2.57
C TYR A 41 -4.57 8.20 3.48
N LEU A 42 -5.31 9.31 3.50
CA LEU A 42 -6.50 9.43 4.33
C LEU A 42 -7.75 9.09 3.53
N GLU A 43 -7.83 9.65 2.32
CA GLU A 43 -8.98 9.41 1.45
C GLU A 43 -9.27 7.91 1.32
N LEU A 44 -8.22 7.11 1.43
CA LEU A 44 -8.35 5.66 1.32
C LEU A 44 -8.48 5.01 2.70
N ALA A 45 -7.85 5.64 3.70
CA ALA A 45 -7.90 5.13 5.06
C ALA A 45 -9.32 5.18 5.62
N SER A 46 -10.14 6.08 5.07
CA SER A 46 -11.52 6.23 5.53
C SER A 46 -12.29 4.94 5.30
N ALA A 47 -11.86 4.15 4.33
CA ALA A 47 -12.52 2.88 4.02
C ALA A 47 -11.62 1.69 4.37
N VAL A 48 -10.36 1.78 3.96
CA VAL A 48 -9.39 0.72 4.23
C VAL A 48 -9.38 0.34 5.71
N LYS A 49 -9.31 1.36 6.57
CA LYS A 49 -9.30 1.13 8.01
C LYS A 49 -10.52 0.34 8.45
N GLU A 50 -11.59 0.41 7.66
CA GLU A 50 -12.82 -0.31 7.98
C GLU A 50 -12.66 -1.80 7.69
N GLN A 51 -11.53 -2.17 7.11
CA GLN A 51 -11.26 -3.57 6.78
C GLN A 51 -10.56 -4.27 7.95
N TYR A 52 -9.36 -3.82 8.27
CA TYR A 52 -8.59 -4.40 9.35
C TYR A 52 -8.36 -3.39 10.48
N PRO A 53 -9.41 -3.14 11.27
CA PRO A 53 -9.35 -2.19 12.39
C PRO A 53 -8.48 -2.71 13.54
N GLY A 54 -8.09 -3.97 13.45
CA GLY A 54 -7.26 -4.56 14.49
C GLY A 54 -5.78 -4.24 14.30
N ILE A 55 -5.36 -4.09 13.05
CA ILE A 55 -3.97 -3.79 12.74
C ILE A 55 -3.62 -2.36 13.18
N GLU A 56 -2.44 -1.91 12.77
CA GLU A 56 -1.98 -0.56 13.12
C GLU A 56 -1.26 0.09 11.94
N ILE A 57 -1.91 1.06 11.32
CA ILE A 57 -1.33 1.76 10.18
C ILE A 57 -1.04 3.21 10.53
N GLU A 58 0.24 3.57 10.55
CA GLU A 58 0.66 4.93 10.87
C GLU A 58 1.25 5.61 9.64
N SER A 59 1.70 6.85 9.82
CA SER A 59 2.29 7.61 8.74
C SER A 59 3.43 8.50 9.24
N ARG A 60 4.63 8.27 8.71
CA ARG A 60 5.80 9.04 9.10
C ARG A 60 6.42 9.74 7.90
N LEU A 61 7.45 10.55 8.15
CA LEU A 61 8.13 11.27 7.09
C LEU A 61 9.04 10.34 6.29
N GLY A 62 9.44 10.78 5.11
CA GLY A 62 10.30 9.99 4.27
C GLY A 62 11.56 10.73 3.85
N GLY A 63 11.39 11.97 3.40
CA GLY A 63 12.54 12.77 2.99
C GLY A 63 12.14 13.88 2.04
N THR A 64 11.62 13.52 0.88
CA THR A 64 11.20 14.50 -0.12
C THR A 64 10.47 13.84 -1.27
N GLY A 65 9.15 14.04 -1.33
CA GLY A 65 8.36 13.44 -2.39
C GLY A 65 8.61 11.95 -2.55
N ALA A 66 8.42 11.21 -1.48
CA ALA A 66 8.62 9.76 -1.50
C ALA A 66 7.35 9.02 -1.13
N PHE A 67 7.36 7.71 -1.34
CA PHE A 67 6.20 6.87 -1.04
C PHE A 67 6.63 5.46 -0.67
N GLU A 68 7.59 5.34 0.25
CA GLU A 68 8.08 4.04 0.68
C GLU A 68 7.06 3.34 1.56
N ILE A 69 6.52 2.23 1.06
CA ILE A 69 5.53 1.46 1.80
C ILE A 69 6.20 0.43 2.70
N GLU A 70 5.73 0.35 3.94
CA GLU A 70 6.27 -0.60 4.91
C GLU A 70 5.18 -1.44 5.53
N ILE A 71 5.07 -2.69 5.10
CA ILE A 71 4.05 -3.60 5.62
C ILE A 71 4.37 -4.00 7.06
N ASN A 72 5.65 -3.95 7.42
CA ASN A 72 6.08 -4.32 8.76
C ASN A 72 7.13 -3.35 9.27
N GLY A 73 6.99 -2.07 8.90
CA GLY A 73 7.94 -1.07 9.33
C GLY A 73 9.17 -1.02 8.45
N GLN A 74 9.27 -1.95 7.51
CA GLN A 74 10.40 -2.01 6.60
C GLN A 74 9.96 -1.87 5.15
N LEU A 75 10.81 -1.27 4.33
CA LEU A 75 10.50 -1.09 2.92
C LEU A 75 10.18 -2.42 2.24
N VAL A 76 8.99 -2.51 1.68
CA VAL A 76 8.57 -3.73 0.99
C VAL A 76 8.20 -3.45 -0.46
N PHE A 77 7.76 -2.22 -0.72
CA PHE A 77 7.38 -1.82 -2.08
C PHE A 77 7.47 -0.31 -2.24
N SER A 78 8.45 0.14 -3.02
CA SER A 78 8.65 1.56 -3.26
C SER A 78 7.85 2.03 -4.48
N LYS A 79 7.63 3.33 -4.57
CA LYS A 79 6.89 3.90 -5.68
C LYS A 79 7.76 4.85 -6.50
N LEU A 80 8.86 5.30 -5.89
CA LEU A 80 9.79 6.21 -6.55
C LEU A 80 10.71 5.45 -7.50
N GLU A 81 10.65 4.12 -7.45
CA GLU A 81 11.48 3.28 -8.30
C GLU A 81 10.74 2.93 -9.59
N ASN A 82 9.56 2.32 -9.45
CA ASN A 82 8.76 1.93 -10.61
C ASN A 82 8.19 3.15 -11.31
N GLY A 83 7.34 3.90 -10.63
CA GLY A 83 6.74 5.08 -11.21
C GLY A 83 5.23 5.07 -11.13
N GLY A 84 4.70 4.32 -10.17
CA GLY A 84 3.26 4.24 -10.01
C GLY A 84 2.85 3.48 -8.76
N PHE A 85 2.03 4.11 -7.94
CA PHE A 85 1.57 3.50 -6.69
C PHE A 85 0.85 2.17 -6.98
N PRO A 86 0.83 1.28 -5.97
CA PRO A 86 0.18 -0.02 -6.09
C PRO A 86 -1.33 0.08 -6.15
N TYR A 87 -2.01 -1.05 -6.07
CA TYR A 87 -3.46 -1.10 -6.12
C TYR A 87 -4.06 -1.30 -4.72
N GLU A 88 -5.28 -0.83 -4.54
CA GLU A 88 -5.96 -0.96 -3.26
C GLU A 88 -6.01 -2.43 -2.82
N LYS A 89 -6.24 -3.32 -3.78
CA LYS A 89 -6.32 -4.74 -3.49
C LYS A 89 -4.92 -5.34 -3.29
N ASP A 90 -3.93 -4.70 -3.90
CA ASP A 90 -2.56 -5.16 -3.79
C ASP A 90 -1.92 -4.70 -2.48
N LEU A 91 -2.59 -3.77 -1.81
CA LEU A 91 -2.10 -3.23 -0.55
C LEU A 91 -2.68 -4.01 0.63
N ILE A 92 -3.80 -4.68 0.39
CA ILE A 92 -4.46 -5.47 1.43
C ILE A 92 -3.96 -6.91 1.44
N GLU A 93 -3.38 -7.33 0.32
CA GLU A 93 -2.85 -8.69 0.19
C GLU A 93 -1.50 -8.80 0.89
N ALA A 94 -1.01 -7.69 1.41
CA ALA A 94 0.27 -7.66 2.11
C ALA A 94 0.12 -8.14 3.54
N ILE A 95 -0.85 -7.58 4.25
CA ILE A 95 -1.10 -7.96 5.64
C ILE A 95 -1.65 -9.38 5.74
N ARG A 96 -2.41 -9.77 4.72
CA ARG A 96 -3.00 -11.12 4.69
C ARG A 96 -1.92 -12.19 4.83
N ARG A 97 -0.71 -11.86 4.41
CA ARG A 97 0.41 -12.80 4.49
C ARG A 97 1.25 -12.53 5.73
N ALA A 98 1.64 -11.28 5.92
CA ALA A 98 2.45 -10.90 7.08
C ALA A 98 1.75 -11.27 8.38
N SER A 99 0.42 -11.23 8.37
CA SER A 99 -0.36 -11.56 9.56
C SER A 99 -0.30 -13.06 9.84
N ASN A 100 0.15 -13.82 8.86
CA ASN A 100 0.25 -15.27 9.00
C ASN A 100 1.47 -15.66 9.85
N GLY A 101 2.50 -14.82 9.81
CA GLY A 101 3.70 -15.08 10.57
C GLY A 101 4.62 -16.08 9.89
N GLU A 102 4.28 -16.43 8.65
CA GLU A 102 5.08 -17.38 7.89
C GLU A 102 5.07 -17.04 6.41
N THR A 103 4.61 -15.84 6.09
CA THR A 103 4.54 -15.39 4.71
C THR A 103 4.81 -13.90 4.60
N LEU A 104 5.70 -13.52 3.70
CA LEU A 104 6.05 -12.11 3.49
C LEU A 104 6.47 -11.86 2.05
N GLU A 105 6.69 -10.59 1.72
CA GLU A 105 7.10 -10.21 0.37
C GLU A 105 8.34 -10.99 -0.06
N LYS A 106 8.76 -10.79 -1.30
CA LYS A 106 9.93 -11.46 -1.84
C LYS A 106 10.66 -10.58 -2.86
N ILE A 107 11.97 -10.72 -2.92
CA ILE A 107 12.78 -9.93 -3.86
C ILE A 107 13.51 -10.84 -4.84
N THR A 108 13.26 -10.63 -6.13
CA THR A 108 13.90 -11.42 -7.17
C THR A 108 15.03 -10.65 -7.84
N ASN A 109 15.50 -9.60 -7.16
CA ASN A 109 16.59 -8.78 -7.69
C ASN A 109 16.24 -8.24 -9.07
N SER A 110 14.99 -7.80 -9.23
CA SER A 110 14.52 -7.25 -10.50
C SER A 110 15.21 -5.92 -10.81
N ARG A 111 14.91 -5.36 -11.97
CA ARG A 111 15.50 -4.10 -12.39
C ARG A 111 14.42 -3.12 -12.85
N PRO A 112 14.73 -1.82 -12.80
CA PRO A 112 13.80 -0.77 -13.21
C PRO A 112 13.55 -0.75 -14.72
N PRO A 113 12.53 0.00 -15.15
CA PRO A 113 12.18 0.12 -16.56
C PRO A 113 13.21 0.90 -17.36
N CYS A 114 13.97 0.18 -18.19
CA CYS A 114 15.00 0.81 -19.01
C CYS A 114 14.38 1.57 -20.17
N VAL A 115 14.39 2.90 -20.08
CA VAL A 115 13.84 3.75 -21.12
C VAL A 115 14.59 5.08 -21.21
N ILE A 116 14.91 5.47 -22.44
CA ILE A 116 15.64 6.73 -22.67
C ILE A 116 14.83 7.68 -23.54
N LEU A 117 14.52 8.85 -23.01
CA LEU A 117 13.75 9.85 -23.75
C LEU A 117 12.42 9.27 -24.22
N GLY A 1 -47.08 2.17 -16.54
CA GLY A 1 -46.01 1.22 -16.32
C GLY A 1 -46.17 0.44 -15.04
N SER A 2 -46.55 -0.84 -15.17
CA SER A 2 -46.73 -1.70 -14.00
C SER A 2 -45.42 -2.35 -13.58
N MET A 3 -44.75 -3.00 -14.53
CA MET A 3 -43.48 -3.66 -14.27
C MET A 3 -42.65 -3.79 -15.54
N SER A 4 -41.36 -3.49 -15.43
CA SER A 4 -40.47 -3.56 -16.58
C SER A 4 -39.40 -4.62 -16.36
N GLY A 5 -38.82 -5.12 -17.46
CA GLY A 5 -37.80 -6.14 -17.36
C GLY A 5 -36.45 -5.56 -16.98
N GLU A 6 -35.72 -5.04 -17.97
CA GLU A 6 -34.41 -4.46 -17.72
C GLU A 6 -33.51 -5.44 -16.99
N PRO A 7 -33.08 -6.50 -17.70
CA PRO A 7 -32.21 -7.54 -17.12
C PRO A 7 -30.80 -7.02 -16.86
N GLY A 8 -29.89 -7.93 -16.51
CA GLY A 8 -28.52 -7.55 -16.24
C GLY A 8 -28.28 -7.28 -14.77
N GLN A 9 -27.13 -6.68 -14.46
CA GLN A 9 -26.77 -6.37 -13.08
C GLN A 9 -26.79 -4.86 -12.85
N THR A 10 -27.82 -4.38 -12.15
CA THR A 10 -27.94 -2.96 -11.86
C THR A 10 -27.60 -2.67 -10.41
N SER A 11 -27.59 -1.38 -10.05
CA SER A 11 -27.27 -0.97 -8.69
C SER A 11 -28.51 -1.01 -7.80
N VAL A 12 -28.66 -2.10 -7.06
CA VAL A 12 -29.80 -2.27 -6.18
C VAL A 12 -29.45 -3.16 -4.98
N ALA A 13 -30.35 -3.22 -4.01
CA ALA A 13 -30.14 -4.04 -2.83
C ALA A 13 -28.94 -3.54 -2.02
N PRO A 14 -28.89 -3.92 -0.74
CA PRO A 14 -27.80 -3.52 0.16
C PRO A 14 -26.48 -4.19 -0.20
N PRO A 15 -25.38 -3.68 0.40
CA PRO A 15 -24.03 -4.21 0.16
C PRO A 15 -23.85 -5.61 0.76
N PRO A 16 -22.75 -6.27 0.37
CA PRO A 16 -22.43 -7.62 0.85
C PRO A 16 -22.03 -7.63 2.32
N GLU A 17 -21.58 -8.79 2.81
CA GLU A 17 -21.17 -8.92 4.20
C GLU A 17 -19.93 -8.06 4.49
N GLU A 18 -19.66 -7.87 5.77
CA GLU A 18 -18.51 -7.06 6.19
C GLU A 18 -17.44 -7.95 6.84
N VAL A 19 -16.41 -8.29 6.08
CA VAL A 19 -15.33 -9.13 6.58
C VAL A 19 -13.98 -8.47 6.33
N GLU A 20 -13.14 -8.44 7.37
CA GLU A 20 -11.82 -7.83 7.27
C GLU A 20 -10.73 -8.85 7.58
N PRO A 21 -10.51 -9.79 6.65
CA PRO A 21 -9.52 -10.85 6.80
C PRO A 21 -8.09 -10.31 6.73
N GLY A 22 -7.88 -9.32 5.86
CA GLY A 22 -6.57 -8.73 5.70
C GLY A 22 -6.00 -8.22 7.02
N SER A 23 -6.89 -7.94 7.97
CA SER A 23 -6.47 -7.44 9.28
C SER A 23 -5.38 -8.33 9.88
N GLY A 24 -4.44 -7.71 10.57
CA GLY A 24 -3.35 -8.46 11.19
C GLY A 24 -1.99 -7.99 10.73
N VAL A 25 -1.90 -6.72 10.33
CA VAL A 25 -0.65 -6.15 9.87
C VAL A 25 -0.53 -4.68 10.25
N ARG A 26 0.70 -4.19 10.34
CA ARG A 26 0.95 -2.80 10.71
C ARG A 26 1.78 -2.10 9.64
N ILE A 27 1.11 -1.47 8.69
CA ILE A 27 1.79 -0.75 7.61
C ILE A 27 2.35 0.57 8.10
N VAL A 28 3.49 0.97 7.55
CA VAL A 28 4.14 2.22 7.93
C VAL A 28 4.90 2.82 6.76
N VAL A 29 4.21 3.63 5.95
CA VAL A 29 4.82 4.27 4.80
C VAL A 29 5.81 5.35 5.24
N GLU A 30 7.09 5.12 4.94
CA GLU A 30 8.14 6.07 5.30
C GLU A 30 8.59 6.86 4.08
N TYR A 31 8.28 8.15 4.05
CA TYR A 31 8.67 9.01 2.94
C TYR A 31 9.04 10.40 3.44
N CYS A 32 9.73 11.15 2.59
CA CYS A 32 10.15 12.51 2.93
C CYS A 32 8.97 13.47 2.91
N GLU A 33 8.45 13.79 4.09
CA GLU A 33 7.31 14.70 4.22
C GLU A 33 7.59 16.01 3.50
N PRO A 34 8.62 16.73 3.95
CA PRO A 34 9.01 18.01 3.36
C PRO A 34 9.61 17.86 1.97
N CYS A 35 8.84 17.28 1.06
CA CYS A 35 9.29 17.07 -0.31
C CYS A 35 8.11 17.14 -1.28
N GLY A 36 7.01 16.49 -0.92
CA GLY A 36 5.84 16.49 -1.78
C GLY A 36 5.45 15.10 -2.23
N PHE A 37 5.99 14.08 -1.56
CA PHE A 37 5.70 12.70 -1.89
C PHE A 37 4.47 12.20 -1.13
N GLU A 38 3.75 13.13 -0.51
CA GLU A 38 2.55 12.78 0.25
C GLU A 38 1.32 12.79 -0.63
N ALA A 39 1.35 13.62 -1.67
CA ALA A 39 0.23 13.73 -2.60
C ALA A 39 -0.08 12.37 -3.24
N THR A 40 0.90 11.48 -3.24
CA THR A 40 0.73 10.17 -3.83
C THR A 40 0.36 9.14 -2.77
N TYR A 41 0.57 9.50 -1.50
CA TYR A 41 0.25 8.61 -0.39
C TYR A 41 -1.13 8.90 0.17
N LEU A 42 -1.56 10.15 0.04
CA LEU A 42 -2.87 10.56 0.53
C LEU A 42 -3.90 10.56 -0.60
N GLU A 43 -3.49 10.07 -1.76
CA GLU A 43 -4.37 10.01 -2.93
C GLU A 43 -4.97 8.61 -3.08
N LEU A 44 -4.41 7.65 -2.34
CA LEU A 44 -4.89 6.28 -2.39
C LEU A 44 -5.10 5.72 -0.99
N ALA A 45 -4.68 6.48 0.01
CA ALA A 45 -4.82 6.06 1.40
C ALA A 45 -6.27 6.19 1.87
N SER A 46 -7.05 6.96 1.11
CA SER A 46 -8.46 7.17 1.45
C SER A 46 -9.33 6.08 0.84
N ALA A 47 -8.74 5.24 0.00
CA ALA A 47 -9.46 4.16 -0.64
C ALA A 47 -8.87 2.80 -0.27
N VAL A 48 -7.56 2.79 0.00
CA VAL A 48 -6.88 1.56 0.36
C VAL A 48 -7.15 1.19 1.83
N LYS A 49 -7.58 2.18 2.61
CA LYS A 49 -7.87 1.97 4.02
C LYS A 49 -9.14 1.14 4.19
N GLU A 50 -10.13 1.39 3.33
CA GLU A 50 -11.39 0.67 3.40
C GLU A 50 -11.17 -0.83 3.19
N GLN A 51 -10.11 -1.17 2.48
CA GLN A 51 -9.79 -2.57 2.22
C GLN A 51 -9.56 -3.33 3.52
N TYR A 52 -8.72 -2.77 4.39
CA TYR A 52 -8.41 -3.40 5.67
C TYR A 52 -8.47 -2.39 6.80
N PRO A 53 -9.70 -2.07 7.24
CA PRO A 53 -9.93 -1.11 8.33
C PRO A 53 -9.47 -1.64 9.68
N GLY A 54 -9.11 -2.92 9.72
CA GLY A 54 -8.66 -3.54 10.95
C GLY A 54 -7.18 -3.31 11.21
N ILE A 55 -6.40 -3.31 10.14
CA ILE A 55 -4.96 -3.11 10.24
C ILE A 55 -4.64 -1.75 10.86
N GLU A 56 -3.36 -1.38 10.84
CA GLU A 56 -2.93 -0.11 11.40
C GLU A 56 -1.87 0.55 10.51
N ILE A 57 -2.29 1.56 9.76
CA ILE A 57 -1.38 2.27 8.87
C ILE A 57 -1.13 3.70 9.35
N GLU A 58 0.11 4.16 9.20
CA GLU A 58 0.47 5.51 9.62
C GLU A 58 1.65 6.04 8.80
N SER A 59 1.89 7.34 8.90
CA SER A 59 2.98 7.96 8.16
C SER A 59 4.18 8.21 9.07
N ARG A 60 5.37 7.95 8.56
CA ARG A 60 6.59 8.15 9.33
C ARG A 60 7.61 8.96 8.52
N LEU A 61 8.69 9.36 9.19
CA LEU A 61 9.74 10.14 8.55
C LEU A 61 10.88 9.25 8.08
N GLY A 62 11.46 9.58 6.94
CA GLY A 62 12.57 8.80 6.41
C GLY A 62 13.90 9.48 6.58
N GLY A 63 14.08 10.60 5.86
CA GLY A 63 15.33 11.34 5.95
C GLY A 63 15.47 12.38 4.86
N THR A 64 15.56 11.92 3.61
CA THR A 64 15.69 12.81 2.47
C THR A 64 15.35 12.10 1.16
N GLY A 65 14.19 12.42 0.61
CA GLY A 65 13.76 11.81 -0.63
C GLY A 65 13.83 10.29 -0.58
N ALA A 66 12.86 9.68 0.08
CA ALA A 66 12.80 8.23 0.20
C ALA A 66 11.38 7.71 0.13
N PHE A 67 11.22 6.40 0.15
CA PHE A 67 9.90 5.79 0.09
C PHE A 67 9.91 4.39 0.71
N GLU A 68 10.60 4.26 1.84
CA GLU A 68 10.70 2.99 2.53
C GLU A 68 9.34 2.55 3.05
N ILE A 69 8.72 1.60 2.37
CA ILE A 69 7.41 1.09 2.75
C ILE A 69 7.54 -0.08 3.71
N GLU A 70 7.26 0.16 4.99
CA GLU A 70 7.35 -0.89 6.01
C GLU A 70 6.01 -1.58 6.18
N ILE A 71 5.87 -2.75 5.58
CA ILE A 71 4.63 -3.52 5.67
C ILE A 71 4.44 -4.08 7.07
N ASN A 72 5.54 -4.27 7.79
CA ASN A 72 5.50 -4.81 9.15
C ASN A 72 6.63 -4.22 9.99
N GLY A 73 6.90 -2.93 9.82
CA GLY A 73 7.95 -2.29 10.58
C GLY A 73 9.30 -2.43 9.91
N GLN A 74 9.38 -3.28 8.90
CA GLN A 74 10.63 -3.50 8.18
C GLN A 74 10.48 -3.16 6.70
N LEU A 75 11.56 -2.70 6.09
CA LEU A 75 11.55 -2.33 4.67
C LEU A 75 11.36 -3.56 3.80
N VAL A 76 10.36 -3.52 2.92
CA VAL A 76 10.07 -4.62 2.03
C VAL A 76 9.88 -4.13 0.60
N PHE A 77 10.08 -2.83 0.38
CA PHE A 77 9.92 -2.24 -0.94
C PHE A 77 10.44 -0.81 -0.96
N SER A 78 11.75 -0.67 -1.17
CA SER A 78 12.38 0.65 -1.20
C SER A 78 12.39 1.20 -2.63
N LYS A 79 11.65 2.28 -2.85
CA LYS A 79 11.58 2.91 -4.16
C LYS A 79 12.91 3.56 -4.52
N LEU A 80 13.79 3.70 -3.54
CA LEU A 80 15.10 4.31 -3.76
C LEU A 80 16.03 3.34 -4.48
N GLU A 81 15.90 2.06 -4.17
CA GLU A 81 16.72 1.03 -4.80
C GLU A 81 15.96 0.31 -5.91
N ASN A 82 14.73 -0.10 -5.61
CA ASN A 82 13.90 -0.79 -6.58
C ASN A 82 13.71 0.05 -7.84
N GLY A 83 13.64 1.37 -7.66
CA GLY A 83 13.47 2.26 -8.79
C GLY A 83 12.01 2.41 -9.18
N GLY A 84 11.11 2.31 -8.21
CA GLY A 84 9.70 2.44 -8.48
C GLY A 84 8.84 1.94 -7.33
N PHE A 85 7.69 2.58 -7.13
CA PHE A 85 6.78 2.19 -6.07
C PHE A 85 5.75 1.18 -6.56
N PRO A 86 5.20 0.38 -5.63
CA PRO A 86 4.21 -0.63 -5.95
C PRO A 86 2.86 -0.03 -6.35
N TYR A 87 1.97 -0.87 -6.86
CA TYR A 87 0.65 -0.42 -7.29
C TYR A 87 -0.36 -0.52 -6.15
N GLU A 88 -1.62 -0.19 -6.45
CA GLU A 88 -2.67 -0.25 -5.44
C GLU A 88 -3.03 -1.70 -5.12
N LYS A 89 -3.06 -2.54 -6.15
CA LYS A 89 -3.39 -3.95 -5.98
C LYS A 89 -2.18 -4.73 -5.46
N ASP A 90 -0.99 -4.21 -5.71
CA ASP A 90 0.24 -4.85 -5.26
C ASP A 90 0.56 -4.46 -3.82
N LEU A 91 -0.16 -3.49 -3.30
CA LEU A 91 0.05 -3.02 -1.93
C LEU A 91 -0.89 -3.72 -0.96
N ILE A 92 -2.02 -4.20 -1.48
CA ILE A 92 -3.00 -4.90 -0.66
C ILE A 92 -2.57 -6.34 -0.41
N GLU A 93 -1.75 -6.87 -1.31
CA GLU A 93 -1.27 -8.24 -1.18
C GLU A 93 -0.08 -8.32 -0.22
N ALA A 94 0.38 -7.16 0.23
CA ALA A 94 1.51 -7.09 1.15
C ALA A 94 1.10 -7.52 2.56
N ILE A 95 -0.14 -7.23 2.92
CA ILE A 95 -0.65 -7.59 4.23
C ILE A 95 -1.30 -8.97 4.21
N ARG A 96 -1.90 -9.32 3.09
CA ARG A 96 -2.55 -10.62 2.94
C ARG A 96 -1.53 -11.75 3.00
N ARG A 97 -0.29 -11.45 2.62
CA ARG A 97 0.78 -12.44 2.64
C ARG A 97 1.59 -12.34 3.92
N ALA A 98 1.78 -11.13 4.41
CA ALA A 98 2.54 -10.91 5.64
C ALA A 98 1.85 -11.55 6.83
N SER A 99 0.55 -11.29 6.97
CA SER A 99 -0.23 -11.85 8.07
C SER A 99 -0.44 -13.35 7.89
N ASN A 100 -0.17 -13.83 6.68
CA ASN A 100 -0.33 -15.25 6.37
C ASN A 100 0.69 -16.10 7.13
N GLY A 101 1.87 -15.53 7.36
CA GLY A 101 2.91 -16.24 8.07
C GLY A 101 4.17 -16.38 7.25
N GLU A 102 4.07 -16.14 5.95
CA GLU A 102 5.22 -16.25 5.05
C GLU A 102 6.27 -15.20 5.39
N THR A 103 7.49 -15.66 5.64
CA THR A 103 8.60 -14.76 5.99
C THR A 103 8.90 -13.81 4.84
N LEU A 104 9.35 -12.60 5.18
CA LEU A 104 9.68 -11.60 4.17
C LEU A 104 10.97 -10.88 4.53
N GLU A 105 11.85 -10.71 3.54
CA GLU A 105 13.12 -10.03 3.75
C GLU A 105 13.48 -9.16 2.56
N LYS A 106 14.64 -8.52 2.62
CA LYS A 106 15.10 -7.65 1.54
C LYS A 106 16.61 -7.50 1.57
N ILE A 107 17.21 -7.25 0.41
CA ILE A 107 18.65 -7.09 0.30
C ILE A 107 19.08 -5.69 0.73
N THR A 108 20.12 -5.61 1.55
CA THR A 108 20.63 -4.34 2.03
C THR A 108 21.82 -3.87 1.20
N ASN A 109 21.89 -4.34 -0.04
CA ASN A 109 22.98 -3.96 -0.93
C ASN A 109 22.44 -3.44 -2.27
N SER A 110 22.39 -2.11 -2.39
CA SER A 110 21.89 -1.49 -3.61
C SER A 110 23.01 -1.29 -4.62
N ARG A 111 22.66 -0.82 -5.81
CA ARG A 111 23.64 -0.59 -6.87
C ARG A 111 23.39 0.75 -7.56
N PRO A 112 23.61 1.85 -6.83
CA PRO A 112 23.42 3.20 -7.36
C PRO A 112 24.45 3.57 -8.41
N PRO A 113 23.99 3.72 -9.66
CA PRO A 113 24.87 4.07 -10.78
C PRO A 113 25.37 5.51 -10.69
N CYS A 114 24.74 6.31 -9.83
CA CYS A 114 25.12 7.70 -9.66
C CYS A 114 24.92 8.49 -10.94
N VAL A 115 23.71 8.40 -11.50
CA VAL A 115 23.39 9.11 -12.73
C VAL A 115 21.93 9.56 -12.73
N ILE A 116 21.73 10.87 -12.67
CA ILE A 116 20.38 11.44 -12.66
C ILE A 116 20.10 12.18 -13.97
N LEU A 117 20.75 11.76 -15.04
CA LEU A 117 20.56 12.38 -16.35
C LEU A 117 20.35 11.33 -17.42
N GLY A 1 -3.78 18.21 7.82
CA GLY A 1 -3.21 19.24 6.97
C GLY A 1 -3.23 18.86 5.50
N SER A 2 -4.39 18.39 5.03
CA SER A 2 -4.54 17.99 3.64
C SER A 2 -5.95 18.29 3.15
N MET A 3 -6.05 18.74 1.89
CA MET A 3 -7.34 19.06 1.29
C MET A 3 -8.18 17.80 1.12
N SER A 4 -9.47 17.90 1.43
CA SER A 4 -10.38 16.77 1.31
C SER A 4 -11.25 16.91 0.06
N GLY A 5 -11.85 15.80 -0.36
CA GLY A 5 -12.70 15.81 -1.53
C GLY A 5 -13.86 14.83 -1.42
N GLU A 6 -14.17 14.42 -0.20
CA GLU A 6 -15.26 13.49 0.05
C GLU A 6 -14.98 12.15 -0.64
N PRO A 7 -15.73 11.11 -0.21
CA PRO A 7 -15.58 9.76 -0.77
C PRO A 7 -16.10 9.67 -2.21
N GLY A 8 -15.81 8.55 -2.86
CA GLY A 8 -16.25 8.35 -4.23
C GLY A 8 -16.59 6.90 -4.53
N GLN A 9 -17.50 6.34 -3.75
CA GLN A 9 -17.91 4.95 -3.94
C GLN A 9 -19.38 4.77 -3.60
N THR A 10 -20.22 4.69 -4.63
CA THR A 10 -21.65 4.52 -4.45
C THR A 10 -22.08 3.08 -4.77
N SER A 11 -22.63 2.40 -3.77
CA SER A 11 -23.08 1.03 -3.94
C SER A 11 -24.49 0.85 -3.40
N VAL A 12 -25.05 -0.35 -3.60
CA VAL A 12 -26.39 -0.65 -3.14
C VAL A 12 -26.45 -2.01 -2.46
N ALA A 13 -26.50 -2.00 -1.13
CA ALA A 13 -26.56 -3.24 -0.36
C ALA A 13 -26.66 -2.95 1.13
N PRO A 14 -27.12 -3.96 1.90
CA PRO A 14 -27.27 -3.83 3.36
C PRO A 14 -25.93 -3.76 4.08
N PRO A 15 -25.96 -3.39 5.36
CA PRO A 15 -24.75 -3.29 6.19
C PRO A 15 -24.13 -4.65 6.49
N PRO A 16 -22.94 -4.89 5.93
CA PRO A 16 -22.22 -6.15 6.13
C PRO A 16 -21.69 -6.30 7.55
N GLU A 17 -21.37 -7.54 7.93
CA GLU A 17 -20.85 -7.81 9.26
C GLU A 17 -19.50 -7.13 9.47
N GLU A 18 -19.04 -7.11 10.72
CA GLU A 18 -17.77 -6.50 11.06
C GLU A 18 -16.74 -7.55 11.45
N VAL A 19 -15.88 -7.91 10.50
CA VAL A 19 -14.84 -8.91 10.75
C VAL A 19 -13.50 -8.48 10.17
N GLU A 20 -12.44 -8.65 10.94
CA GLU A 20 -11.10 -8.27 10.50
C GLU A 20 -10.12 -9.43 10.68
N PRO A 21 -10.25 -10.45 9.80
CA PRO A 21 -9.38 -11.63 9.84
C PRO A 21 -7.94 -11.31 9.43
N GLY A 22 -7.80 -10.48 8.40
CA GLY A 22 -6.48 -10.12 7.93
C GLY A 22 -5.73 -9.24 8.91
N SER A 23 -6.43 -8.75 9.93
CA SER A 23 -5.83 -7.90 10.94
C SER A 23 -4.58 -8.54 11.52
N GLY A 24 -3.56 -7.72 11.76
CA GLY A 24 -2.31 -8.22 12.31
C GLY A 24 -1.11 -7.87 11.46
N VAL A 25 -1.22 -6.75 10.75
CA VAL A 25 -0.13 -6.29 9.90
C VAL A 25 -0.02 -4.77 9.90
N ARG A 26 1.16 -4.26 9.55
CA ARG A 26 1.39 -2.81 9.53
C ARG A 26 2.00 -2.39 8.19
N ILE A 27 1.15 -1.99 7.25
CA ILE A 27 1.60 -1.56 5.94
C ILE A 27 2.01 -0.09 5.95
N VAL A 28 2.94 0.26 5.08
CA VAL A 28 3.42 1.64 4.98
C VAL A 28 3.87 1.97 3.56
N VAL A 29 3.02 2.71 2.84
CA VAL A 29 3.33 3.11 1.48
C VAL A 29 4.34 4.25 1.45
N GLU A 30 5.42 4.07 0.69
CA GLU A 30 6.45 5.09 0.58
C GLU A 30 6.39 5.78 -0.79
N TYR A 31 5.90 7.01 -0.80
CA TYR A 31 5.80 7.78 -2.04
C TYR A 31 6.09 9.25 -1.80
N CYS A 32 6.37 9.98 -2.88
CA CYS A 32 6.68 11.39 -2.79
C CYS A 32 5.40 12.21 -2.59
N GLU A 33 5.20 12.68 -1.37
CA GLU A 33 4.01 13.47 -1.03
C GLU A 33 3.92 14.70 -1.94
N PRO A 34 4.93 15.57 -1.85
CA PRO A 34 4.98 16.80 -2.65
C PRO A 34 5.22 16.53 -4.13
N CYS A 35 4.35 15.71 -4.71
CA CYS A 35 4.47 15.36 -6.12
C CYS A 35 3.10 15.16 -6.76
N GLY A 36 2.22 14.46 -6.05
CA GLY A 36 0.88 14.22 -6.54
C GLY A 36 0.54 12.74 -6.57
N PHE A 37 1.28 11.94 -5.82
CA PHE A 37 1.05 10.51 -5.75
C PHE A 37 -0.01 10.17 -4.70
N GLU A 38 -0.39 11.17 -3.92
CA GLU A 38 -1.38 10.97 -2.87
C GLU A 38 -2.78 10.81 -3.48
N ALA A 39 -2.97 11.40 -4.65
CA ALA A 39 -4.26 11.34 -5.34
C ALA A 39 -4.47 9.96 -5.97
N THR A 40 -3.42 9.15 -5.98
CA THR A 40 -3.49 7.81 -6.56
C THR A 40 -3.42 6.74 -5.47
N TYR A 41 -2.97 7.13 -4.28
CA TYR A 41 -2.86 6.20 -3.16
C TYR A 41 -4.14 6.19 -2.34
N LEU A 42 -4.76 7.36 -2.20
CA LEU A 42 -5.99 7.49 -1.44
C LEU A 42 -7.21 7.21 -2.31
N GLU A 43 -6.95 6.75 -3.54
CA GLU A 43 -8.03 6.44 -4.47
C GLU A 43 -8.47 4.98 -4.32
N LEU A 44 -7.62 4.07 -4.76
CA LEU A 44 -7.91 2.64 -4.68
C LEU A 44 -7.90 2.16 -3.23
N ALA A 45 -7.45 3.03 -2.33
CA ALA A 45 -7.39 2.69 -0.91
C ALA A 45 -8.70 3.02 -0.22
N SER A 46 -9.50 3.86 -0.86
CA SER A 46 -10.79 4.26 -0.30
C SER A 46 -11.66 3.04 -0.01
N ALA A 47 -11.39 1.95 -0.71
CA ALA A 47 -12.14 0.72 -0.53
C ALA A 47 -11.30 -0.34 0.19
N VAL A 48 -9.99 -0.28 -0.02
CA VAL A 48 -9.08 -1.24 0.60
C VAL A 48 -9.18 -1.18 2.12
N LYS A 49 -9.57 -0.02 2.64
CA LYS A 49 -9.70 0.16 4.08
C LYS A 49 -10.94 -0.58 4.61
N GLU A 50 -11.88 -0.85 3.71
CA GLU A 50 -13.10 -1.54 4.09
C GLU A 50 -12.87 -3.05 4.16
N GLN A 51 -11.65 -3.47 3.84
CA GLN A 51 -11.31 -4.88 3.87
C GLN A 51 -10.72 -5.27 5.23
N TYR A 52 -9.78 -4.46 5.72
CA TYR A 52 -9.14 -4.72 7.00
C TYR A 52 -8.98 -3.43 7.80
N PRO A 53 -10.08 -2.99 8.44
CA PRO A 53 -10.08 -1.77 9.25
C PRO A 53 -9.27 -1.92 10.53
N GLY A 54 -8.81 -3.14 10.79
CA GLY A 54 -8.02 -3.38 11.99
C GLY A 54 -6.54 -3.15 11.77
N ILE A 55 -6.05 -3.49 10.58
CA ILE A 55 -4.64 -3.31 10.25
C ILE A 55 -4.24 -1.85 10.38
N GLU A 56 -3.00 -1.55 9.98
CA GLU A 56 -2.49 -0.19 10.06
C GLU A 56 -1.70 0.17 8.79
N ILE A 57 -2.34 0.92 7.90
CA ILE A 57 -1.70 1.33 6.66
C ILE A 57 -1.45 2.83 6.64
N GLU A 58 -0.19 3.22 6.80
CA GLU A 58 0.18 4.62 6.80
C GLU A 58 0.92 4.99 5.52
N SER A 59 1.37 6.23 5.42
CA SER A 59 2.08 6.72 4.25
C SER A 59 3.17 7.71 4.65
N ARG A 60 4.42 7.38 4.29
CA ARG A 60 5.56 8.24 4.60
C ARG A 60 6.30 8.64 3.33
N LEU A 61 6.88 9.84 3.34
CA LEU A 61 7.62 10.34 2.20
C LEU A 61 8.65 9.32 1.74
N GLY A 62 9.22 9.55 0.56
CA GLY A 62 10.22 8.65 0.03
C GLY A 62 11.48 9.36 -0.42
N GLY A 63 11.33 10.31 -1.35
CA GLY A 63 12.47 11.06 -1.84
C GLY A 63 12.15 11.86 -3.09
N THR A 64 11.79 11.16 -4.16
CA THR A 64 11.46 11.82 -5.42
C THR A 64 10.79 10.86 -6.38
N GLY A 65 9.48 11.00 -6.55
CA GLY A 65 8.74 10.13 -7.45
C GLY A 65 9.00 8.66 -7.17
N ALA A 66 8.59 8.20 -5.99
CA ALA A 66 8.78 6.81 -5.61
C ALA A 66 7.45 6.18 -5.21
N PHE A 67 7.47 4.86 -5.00
CA PHE A 67 6.27 4.13 -4.62
C PHE A 67 6.63 2.81 -3.94
N GLU A 68 7.65 2.85 -3.09
CA GLU A 68 8.09 1.66 -2.38
C GLU A 68 7.07 1.23 -1.34
N ILE A 69 6.49 0.06 -1.54
CA ILE A 69 5.48 -0.47 -0.61
C ILE A 69 6.13 -1.28 0.50
N GLU A 70 5.64 -1.10 1.72
CA GLU A 70 6.18 -1.82 2.88
C GLU A 70 5.06 -2.51 3.65
N ILE A 71 4.83 -3.78 3.33
CA ILE A 71 3.79 -4.56 4.00
C ILE A 71 4.07 -4.69 5.49
N ASN A 72 5.35 -4.69 5.84
CA ASN A 72 5.75 -4.81 7.25
C ASN A 72 6.83 -3.78 7.58
N GLY A 73 6.70 -2.59 7.02
CA GLY A 73 7.67 -1.54 7.28
C GLY A 73 8.93 -1.68 6.44
N GLN A 74 9.01 -2.78 5.70
CA GLN A 74 10.18 -3.05 4.85
C GLN A 74 9.76 -3.22 3.40
N LEU A 75 10.65 -2.83 2.49
CA LEU A 75 10.37 -2.93 1.06
C LEU A 75 10.17 -4.39 0.66
N VAL A 76 8.99 -4.69 0.10
CA VAL A 76 8.67 -6.04 -0.33
C VAL A 76 8.43 -6.10 -1.84
N PHE A 77 8.00 -4.97 -2.40
CA PHE A 77 7.73 -4.90 -3.83
C PHE A 77 7.83 -3.46 -4.32
N SER A 78 9.01 -3.08 -4.82
CA SER A 78 9.24 -1.73 -5.31
C SER A 78 8.57 -1.54 -6.67
N LYS A 79 8.05 -0.34 -6.90
CA LYS A 79 7.38 -0.01 -8.15
C LYS A 79 8.37 0.62 -9.14
N LEU A 80 9.20 1.53 -8.65
CA LEU A 80 10.17 2.21 -9.50
C LEU A 80 11.06 1.19 -10.21
N GLU A 81 11.17 0.00 -9.62
CA GLU A 81 11.99 -1.07 -10.20
C GLU A 81 11.14 -2.04 -11.01
N ASN A 82 10.10 -2.59 -10.37
CA ASN A 82 9.22 -3.53 -11.02
C ASN A 82 8.69 -2.96 -12.34
N GLY A 83 8.19 -1.73 -12.29
CA GLY A 83 7.67 -1.09 -13.47
C GLY A 83 6.16 -1.20 -13.57
N GLY A 84 5.49 -1.19 -12.41
CA GLY A 84 4.04 -1.28 -12.39
C GLY A 84 3.49 -1.35 -10.99
N PHE A 85 2.41 -0.63 -10.74
CA PHE A 85 1.78 -0.61 -9.42
C PHE A 85 1.12 -1.95 -9.12
N PRO A 86 1.01 -2.27 -7.82
CA PRO A 86 0.40 -3.52 -7.36
C PRO A 86 -1.11 -3.55 -7.60
N TYR A 87 -1.77 -4.55 -7.02
CA TYR A 87 -3.21 -4.69 -7.16
C TYR A 87 -3.87 -4.99 -5.82
N GLU A 88 -5.19 -4.86 -5.77
CA GLU A 88 -5.95 -5.12 -4.54
C GLU A 88 -5.69 -6.54 -4.03
N LYS A 89 -6.00 -7.52 -4.87
CA LYS A 89 -5.81 -8.92 -4.51
C LYS A 89 -4.38 -9.16 -4.02
N ASP A 90 -3.46 -8.35 -4.50
CA ASP A 90 -2.05 -8.47 -4.11
C ASP A 90 -1.79 -7.76 -2.79
N LEU A 91 -2.49 -6.65 -2.57
CA LEU A 91 -2.33 -5.87 -1.35
C LEU A 91 -3.10 -6.51 -0.19
N ILE A 92 -3.98 -7.46 -0.53
CA ILE A 92 -4.77 -8.15 0.47
C ILE A 92 -4.21 -9.54 0.76
N GLU A 93 -3.55 -10.12 -0.24
CA GLU A 93 -2.97 -11.45 -0.09
C GLU A 93 -1.65 -11.38 0.67
N ALA A 94 -1.10 -10.18 0.78
CA ALA A 94 0.16 -9.97 1.49
C ALA A 94 -0.02 -10.10 3.00
N ILE A 95 -0.92 -9.27 3.55
CA ILE A 95 -1.19 -9.29 4.97
C ILE A 95 -1.65 -10.67 5.43
N ARG A 96 -2.18 -11.46 4.50
CA ARG A 96 -2.65 -12.80 4.81
C ARG A 96 -1.49 -13.71 5.21
N ARG A 97 -0.36 -13.54 4.52
CA ARG A 97 0.83 -14.35 4.81
C ARG A 97 1.73 -13.65 5.82
N ALA A 98 1.72 -12.32 5.81
CA ALA A 98 2.53 -11.54 6.73
C ALA A 98 2.12 -11.78 8.17
N SER A 99 0.81 -11.70 8.43
CA SER A 99 0.28 -11.91 9.77
C SER A 99 0.34 -13.38 10.16
N ASN A 100 0.57 -14.24 9.17
CA ASN A 100 0.63 -15.68 9.40
C ASN A 100 1.87 -16.03 10.22
N GLY A 101 2.95 -15.27 10.03
CA GLY A 101 4.17 -15.51 10.76
C GLY A 101 5.29 -16.02 9.85
N GLU A 102 5.13 -15.82 8.55
CA GLU A 102 6.13 -16.26 7.59
C GLU A 102 7.05 -15.12 7.19
N THR A 103 8.35 -15.41 7.08
CA THR A 103 9.33 -14.41 6.71
C THR A 103 8.93 -13.68 5.42
N LEU A 104 9.36 -12.44 5.29
CA LEU A 104 9.05 -11.65 4.11
C LEU A 104 10.31 -11.04 3.51
N GLU A 105 10.20 -10.52 2.30
CA GLU A 105 11.34 -9.91 1.61
C GLU A 105 11.97 -8.83 2.48
N LYS A 106 13.30 -8.83 2.54
CA LYS A 106 14.03 -7.85 3.34
C LYS A 106 14.65 -6.78 2.45
N ILE A 107 15.34 -5.83 3.07
CA ILE A 107 15.98 -4.76 2.33
C ILE A 107 17.19 -5.26 1.56
N THR A 108 17.20 -5.03 0.25
CA THR A 108 18.31 -5.46 -0.59
C THR A 108 19.59 -4.75 -0.23
N ASN A 109 19.47 -3.62 0.45
CA ASN A 109 20.63 -2.84 0.87
C ASN A 109 21.43 -2.36 -0.35
N SER A 110 20.72 -1.84 -1.33
CA SER A 110 21.37 -1.36 -2.55
C SER A 110 20.44 -0.43 -3.33
N ARG A 111 20.97 0.21 -4.37
CA ARG A 111 20.18 1.11 -5.19
C ARG A 111 20.65 1.08 -6.64
N PRO A 112 19.76 1.48 -7.56
CA PRO A 112 20.06 1.50 -9.00
C PRO A 112 21.08 2.58 -9.37
N PRO A 113 21.60 2.51 -10.60
CA PRO A 113 22.59 3.47 -11.09
C PRO A 113 21.98 4.85 -11.32
N CYS A 114 20.70 4.89 -11.63
CA CYS A 114 19.99 6.14 -11.88
C CYS A 114 20.69 6.95 -12.98
N VAL A 115 21.22 6.25 -13.97
CA VAL A 115 21.91 6.89 -15.08
C VAL A 115 21.00 7.87 -15.80
N ILE A 116 21.53 9.06 -16.09
CA ILE A 116 20.77 10.10 -16.78
C ILE A 116 21.58 10.71 -17.92
N LEU A 117 21.00 10.70 -19.11
CA LEU A 117 21.66 11.26 -20.29
C LEU A 117 20.64 11.80 -21.29
N GLY A 1 -7.32 -22.48 -24.20
CA GLY A 1 -6.44 -23.60 -24.43
C GLY A 1 -5.77 -24.08 -23.16
N SER A 2 -5.62 -23.18 -22.20
CA SER A 2 -4.98 -23.52 -20.93
C SER A 2 -6.03 -23.95 -19.90
N MET A 3 -5.56 -24.32 -18.71
CA MET A 3 -6.45 -24.75 -17.64
C MET A 3 -6.91 -23.56 -16.80
N SER A 4 -6.09 -22.51 -16.78
CA SER A 4 -6.41 -21.32 -16.00
C SER A 4 -7.77 -20.77 -16.40
N GLY A 5 -7.95 -20.47 -17.67
CA GLY A 5 -9.21 -19.93 -18.16
C GLY A 5 -9.09 -18.50 -18.62
N GLU A 6 -8.08 -17.79 -18.12
CA GLU A 6 -7.87 -16.40 -18.50
C GLU A 6 -9.08 -15.55 -18.12
N PRO A 7 -9.25 -15.31 -16.82
CA PRO A 7 -10.36 -14.50 -16.29
C PRO A 7 -10.22 -13.02 -16.65
N GLY A 8 -11.34 -12.39 -16.99
CA GLY A 8 -11.32 -10.99 -17.34
C GLY A 8 -12.71 -10.41 -17.51
N GLN A 9 -13.52 -10.48 -16.46
CA GLN A 9 -14.88 -9.97 -16.51
C GLN A 9 -15.26 -9.29 -15.20
N THR A 10 -15.28 -7.96 -15.22
CA THR A 10 -15.62 -7.19 -14.03
C THR A 10 -16.81 -6.27 -14.29
N SER A 11 -17.78 -6.30 -13.38
CA SER A 11 -18.97 -5.47 -13.53
C SER A 11 -19.46 -4.99 -12.16
N VAL A 12 -20.43 -4.08 -12.17
CA VAL A 12 -20.98 -3.54 -10.93
C VAL A 12 -21.56 -4.64 -10.06
N ALA A 13 -21.74 -4.35 -8.78
CA ALA A 13 -22.29 -5.32 -7.85
C ALA A 13 -22.82 -4.64 -6.59
N PRO A 14 -23.69 -5.33 -5.86
CA PRO A 14 -24.29 -4.81 -4.62
C PRO A 14 -23.28 -4.70 -3.49
N PRO A 15 -23.67 -4.00 -2.41
CA PRO A 15 -22.80 -3.81 -1.24
C PRO A 15 -22.60 -5.10 -0.45
N PRO A 16 -21.36 -5.61 -0.47
CA PRO A 16 -21.01 -6.85 0.25
C PRO A 16 -21.02 -6.67 1.76
N GLU A 17 -20.97 -7.79 2.48
CA GLU A 17 -20.97 -7.75 3.95
C GLU A 17 -19.83 -6.90 4.47
N GLU A 18 -19.79 -6.71 5.79
CA GLU A 18 -18.75 -5.91 6.41
C GLU A 18 -17.78 -6.80 7.19
N VAL A 19 -16.57 -6.96 6.67
CA VAL A 19 -15.56 -7.78 7.31
C VAL A 19 -14.17 -7.17 7.16
N GLU A 20 -13.29 -7.45 8.12
CA GLU A 20 -11.93 -6.92 8.09
C GLU A 20 -10.91 -8.05 7.91
N PRO A 21 -10.85 -8.60 6.70
CA PRO A 21 -9.93 -9.69 6.37
C PRO A 21 -8.48 -9.24 6.34
N GLY A 22 -8.25 -8.06 5.76
CA GLY A 22 -6.91 -7.53 5.68
C GLY A 22 -6.23 -7.45 7.03
N SER A 23 -7.03 -7.39 8.09
CA SER A 23 -6.50 -7.30 9.44
C SER A 23 -5.46 -8.39 9.70
N GLY A 24 -4.42 -8.06 10.45
CA GLY A 24 -3.38 -9.02 10.76
C GLY A 24 -2.01 -8.57 10.29
N VAL A 25 -1.83 -7.26 10.17
CA VAL A 25 -0.57 -6.70 9.72
C VAL A 25 -0.27 -5.38 10.45
N ARG A 26 1.01 -5.03 10.49
CA ARG A 26 1.43 -3.80 11.15
C ARG A 26 2.24 -2.92 10.20
N ILE A 27 1.57 -1.99 9.54
CA ILE A 27 2.22 -1.08 8.60
C ILE A 27 2.96 0.02 9.34
N VAL A 28 4.08 0.46 8.76
CA VAL A 28 4.89 1.52 9.36
C VAL A 28 5.59 2.35 8.29
N VAL A 29 4.94 3.42 7.86
CA VAL A 29 5.50 4.30 6.84
C VAL A 29 6.64 5.14 7.41
N GLU A 30 7.85 4.91 6.90
CA GLU A 30 9.02 5.64 7.36
C GLU A 30 9.33 6.81 6.41
N TYR A 31 8.74 7.96 6.68
CA TYR A 31 8.94 9.14 5.86
C TYR A 31 9.62 10.25 6.66
N CYS A 32 10.11 11.26 5.96
CA CYS A 32 10.79 12.39 6.61
C CYS A 32 9.77 13.36 7.19
N GLU A 33 9.61 13.32 8.50
CA GLU A 33 8.68 14.20 9.19
C GLU A 33 8.96 15.66 8.87
N PRO A 34 10.16 16.13 9.24
CA PRO A 34 10.58 17.52 8.99
C PRO A 34 10.82 17.79 7.50
N CYS A 35 9.79 17.59 6.70
CA CYS A 35 9.88 17.82 5.26
C CYS A 35 8.55 18.28 4.70
N GLY A 36 7.48 17.59 5.08
CA GLY A 36 6.15 17.94 4.59
C GLY A 36 5.47 16.79 3.87
N PHE A 37 6.02 15.59 4.03
CA PHE A 37 5.47 14.40 3.38
C PHE A 37 4.30 13.84 4.19
N GLU A 38 4.14 14.34 5.41
CA GLU A 38 3.06 13.87 6.28
C GLU A 38 1.70 14.23 5.71
N ALA A 39 1.69 15.18 4.79
CA ALA A 39 0.44 15.62 4.16
C ALA A 39 -0.08 14.56 3.18
N THR A 40 0.82 14.07 2.33
CA THR A 40 0.46 13.06 1.35
C THR A 40 0.26 11.69 2.00
N TYR A 41 0.58 11.62 3.29
CA TYR A 41 0.44 10.36 4.03
C TYR A 41 -0.85 10.36 4.85
N LEU A 42 -1.19 11.53 5.40
CA LEU A 42 -2.39 11.67 6.21
C LEU A 42 -3.63 11.81 5.33
N GLU A 43 -3.42 12.23 4.09
CA GLU A 43 -4.53 12.41 3.15
C GLU A 43 -5.24 11.08 2.89
N LEU A 44 -4.61 10.23 2.10
CA LEU A 44 -5.18 8.92 1.78
C LEU A 44 -5.37 8.09 3.03
N ALA A 45 -4.77 8.52 4.12
CA ALA A 45 -4.88 7.81 5.39
C ALA A 45 -6.30 7.91 5.96
N SER A 46 -6.90 9.09 5.84
CA SER A 46 -8.25 9.32 6.33
C SER A 46 -9.24 8.34 5.70
N ALA A 47 -8.85 7.78 4.55
CA ALA A 47 -9.69 6.83 3.84
C ALA A 47 -9.15 5.41 3.97
N VAL A 48 -7.83 5.29 4.10
CA VAL A 48 -7.18 3.99 4.24
C VAL A 48 -7.67 3.26 5.49
N LYS A 49 -8.20 4.02 6.44
CA LYS A 49 -8.70 3.46 7.68
C LYS A 49 -10.04 2.74 7.45
N GLU A 50 -10.76 3.15 6.41
CA GLU A 50 -12.05 2.55 6.09
C GLU A 50 -11.85 1.21 5.38
N GLN A 51 -10.60 0.87 5.10
CA GLN A 51 -10.28 -0.37 4.42
C GLN A 51 -9.96 -1.48 5.42
N TYR A 52 -9.03 -1.19 6.33
CA TYR A 52 -8.62 -2.16 7.35
C TYR A 52 -8.46 -1.48 8.70
N PRO A 53 -9.59 -1.22 9.37
CA PRO A 53 -9.60 -0.57 10.69
C PRO A 53 -9.05 -1.48 11.78
N GLY A 54 -8.79 -2.74 11.43
CA GLY A 54 -8.27 -3.69 12.39
C GLY A 54 -6.75 -3.65 12.47
N ILE A 55 -6.10 -3.44 11.33
CA ILE A 55 -4.64 -3.38 11.28
C ILE A 55 -4.11 -2.28 12.20
N GLU A 56 -2.81 -2.02 12.10
CA GLU A 56 -2.17 -1.00 12.92
C GLU A 56 -1.10 -0.25 12.13
N ILE A 57 -1.43 0.95 11.69
CA ILE A 57 -0.50 1.77 10.92
C ILE A 57 -0.05 2.99 11.71
N GLU A 58 1.22 3.35 11.56
CA GLU A 58 1.78 4.50 12.27
C GLU A 58 2.89 5.16 11.45
N SER A 59 3.36 6.30 11.92
CA SER A 59 4.41 7.04 11.23
C SER A 59 5.76 6.85 11.93
N ARG A 60 6.82 6.69 11.14
CA ARG A 60 8.15 6.51 11.68
C ARG A 60 9.15 7.46 11.03
N LEU A 61 10.35 7.53 11.59
CA LEU A 61 11.39 8.40 11.06
C LEU A 61 12.42 7.59 10.27
N GLY A 62 12.98 8.19 9.23
CA GLY A 62 13.97 7.53 8.42
C GLY A 62 15.28 8.29 8.35
N GLY A 63 15.19 9.60 8.14
CA GLY A 63 16.38 10.42 8.06
C GLY A 63 16.12 11.76 7.39
N THR A 64 15.83 11.70 6.09
CA THR A 64 15.57 12.92 5.31
C THR A 64 15.18 12.58 3.88
N GLY A 65 14.20 13.30 3.34
CA GLY A 65 13.76 13.08 1.99
C GLY A 65 13.65 11.59 1.66
N ALA A 66 13.03 10.84 2.56
CA ALA A 66 12.86 9.40 2.36
C ALA A 66 11.39 9.01 2.46
N PHE A 67 11.07 7.80 2.00
CA PHE A 67 9.70 7.31 2.04
C PHE A 67 9.66 5.79 2.10
N GLU A 68 10.57 5.22 2.90
CA GLU A 68 10.65 3.77 3.05
C GLU A 68 9.41 3.22 3.76
N ILE A 69 8.66 2.38 3.06
CA ILE A 69 7.46 1.79 3.62
C ILE A 69 7.74 0.44 4.25
N GLU A 70 7.10 0.17 5.38
CA GLU A 70 7.29 -1.09 6.09
C GLU A 70 5.96 -1.78 6.36
N ILE A 71 5.60 -2.71 5.48
CA ILE A 71 4.34 -3.44 5.63
C ILE A 71 4.35 -4.32 6.87
N ASN A 72 5.56 -4.64 7.34
CA ASN A 72 5.71 -5.49 8.52
C ASN A 72 6.88 -5.02 9.37
N GLY A 73 7.10 -3.71 9.40
CA GLY A 73 8.20 -3.16 10.18
C GLY A 73 9.51 -3.18 9.44
N GLN A 74 9.51 -3.81 8.26
CA GLN A 74 10.72 -3.90 7.45
C GLN A 74 10.49 -3.30 6.07
N LEU A 75 11.54 -2.73 5.50
CA LEU A 75 11.46 -2.11 4.17
C LEU A 75 11.07 -3.14 3.12
N VAL A 76 10.00 -2.85 2.38
CA VAL A 76 9.53 -3.75 1.33
C VAL A 76 9.57 -3.07 -0.03
N PHE A 77 9.45 -1.74 -0.04
CA PHE A 77 9.47 -0.98 -1.27
C PHE A 77 9.89 0.47 -1.01
N SER A 78 10.89 0.93 -1.74
CA SER A 78 11.39 2.29 -1.59
C SER A 78 10.77 3.22 -2.62
N LYS A 79 10.62 4.49 -2.26
CA LYS A 79 10.05 5.48 -3.15
C LYS A 79 11.02 6.62 -3.41
N LEU A 80 11.65 7.11 -2.34
CA LEU A 80 12.61 8.20 -2.46
C LEU A 80 13.66 7.90 -3.52
N GLU A 81 13.95 6.61 -3.70
CA GLU A 81 14.94 6.18 -4.69
C GLU A 81 14.27 5.80 -6.00
N ASN A 82 13.21 5.00 -5.91
CA ASN A 82 12.47 4.56 -7.09
C ASN A 82 12.01 5.76 -7.92
N GLY A 83 11.23 6.63 -7.30
CA GLY A 83 10.73 7.82 -7.98
C GLY A 83 9.53 8.43 -7.28
N GLY A 84 8.83 7.63 -6.49
CA GLY A 84 7.66 8.12 -5.77
C GLY A 84 6.36 7.76 -6.47
N PHE A 85 5.33 8.56 -6.23
CA PHE A 85 4.02 8.32 -6.84
C PHE A 85 3.44 6.98 -6.37
N PRO A 86 3.00 6.95 -5.10
CA PRO A 86 2.41 5.74 -4.50
C PRO A 86 1.05 5.41 -5.09
N TYR A 87 0.51 4.25 -4.72
CA TYR A 87 -0.78 3.81 -5.22
C TYR A 87 -1.63 3.23 -4.09
N GLU A 88 -2.88 3.67 -4.02
CA GLU A 88 -3.80 3.20 -2.98
C GLU A 88 -3.91 1.68 -3.00
N LYS A 89 -3.85 1.10 -4.20
CA LYS A 89 -3.94 -0.34 -4.35
C LYS A 89 -2.61 -1.01 -3.99
N ASP A 90 -1.54 -0.22 -3.99
CA ASP A 90 -0.22 -0.74 -3.65
C ASP A 90 -0.04 -0.84 -2.14
N LEU A 91 -0.77 -0.01 -1.41
CA LEU A 91 -0.70 -0.01 0.05
C LEU A 91 -1.63 -1.05 0.65
N ILE A 92 -2.69 -1.36 -0.08
CA ILE A 92 -3.66 -2.35 0.38
C ILE A 92 -3.23 -3.77 -0.01
N GLU A 93 -2.53 -3.88 -1.14
CA GLU A 93 -2.06 -5.17 -1.62
C GLU A 93 -0.92 -5.70 -0.75
N ALA A 94 -0.42 -4.85 0.14
CA ALA A 94 0.67 -5.23 1.03
C ALA A 94 0.16 -6.11 2.17
N ILE A 95 -0.89 -5.66 2.85
CA ILE A 95 -1.47 -6.41 3.95
C ILE A 95 -2.26 -7.60 3.45
N ARG A 96 -2.70 -7.53 2.20
CA ARG A 96 -3.47 -8.63 1.60
C ARG A 96 -2.62 -9.87 1.45
N ARG A 97 -1.32 -9.68 1.20
CA ARG A 97 -0.40 -10.80 1.04
C ARG A 97 0.26 -11.16 2.37
N ALA A 98 0.55 -10.15 3.18
CA ALA A 98 1.17 -10.36 4.47
C ALA A 98 0.27 -11.17 5.39
N SER A 99 -1.02 -10.83 5.42
CA SER A 99 -1.98 -11.54 6.25
C SER A 99 -2.26 -12.93 5.71
N ASN A 100 -1.84 -13.16 4.48
CA ASN A 100 -2.05 -14.47 3.84
C ASN A 100 -1.32 -15.57 4.58
N GLY A 101 -0.22 -15.20 5.24
CA GLY A 101 0.56 -16.16 5.98
C GLY A 101 1.83 -16.57 5.26
N GLU A 102 2.20 -15.80 4.23
CA GLU A 102 3.39 -16.08 3.45
C GLU A 102 4.33 -14.88 3.43
N THR A 103 5.62 -15.14 3.25
CA THR A 103 6.62 -14.08 3.22
C THR A 103 6.56 -13.31 1.91
N LEU A 104 6.98 -12.05 1.94
CA LEU A 104 6.96 -11.21 0.76
C LEU A 104 8.30 -10.51 0.56
N GLU A 105 8.55 -10.02 -0.65
CA GLU A 105 9.80 -9.34 -0.96
C GLU A 105 9.58 -8.27 -2.03
N LYS A 106 10.66 -7.62 -2.44
CA LYS A 106 10.60 -6.57 -3.45
C LYS A 106 10.64 -7.18 -4.86
N ILE A 107 10.02 -6.48 -5.80
CA ILE A 107 10.00 -6.95 -7.19
C ILE A 107 10.76 -6.00 -8.10
N THR A 108 11.77 -6.52 -8.80
CA THR A 108 12.57 -5.72 -9.71
C THR A 108 12.25 -6.06 -11.16
N ASN A 109 11.05 -6.58 -11.39
CA ASN A 109 10.62 -6.93 -12.74
C ASN A 109 9.15 -6.59 -12.95
N SER A 110 8.90 -5.48 -13.64
CA SER A 110 7.53 -5.04 -13.92
C SER A 110 7.51 -3.95 -14.98
N ARG A 111 6.31 -3.61 -15.44
CA ARG A 111 6.16 -2.57 -16.46
C ARG A 111 4.80 -1.90 -16.34
N PRO A 112 4.61 -1.13 -15.26
CA PRO A 112 3.35 -0.40 -15.01
C PRO A 112 3.13 0.73 -15.99
N PRO A 113 1.91 1.28 -16.00
CA PRO A 113 1.53 2.39 -16.89
C PRO A 113 2.22 3.69 -16.49
N CYS A 114 3.05 4.22 -17.40
CA CYS A 114 3.76 5.46 -17.14
C CYS A 114 3.77 6.35 -18.38
N VAL A 115 2.99 7.43 -18.34
CA VAL A 115 2.91 8.36 -19.46
C VAL A 115 3.23 9.78 -19.02
N ILE A 116 3.15 10.71 -19.96
CA ILE A 116 3.43 12.12 -19.67
C ILE A 116 2.24 12.99 -20.03
N LEU A 117 1.71 13.69 -19.04
CA LEU A 117 0.56 14.57 -19.25
C LEU A 117 0.94 15.77 -20.11
N GLY A 1 -12.09 -31.90 -10.47
CA GLY A 1 -10.94 -31.97 -11.35
C GLY A 1 -10.15 -30.67 -11.38
N SER A 2 -10.87 -29.56 -11.53
CA SER A 2 -10.23 -28.25 -11.58
C SER A 2 -10.72 -27.37 -10.44
N MET A 3 -10.12 -26.19 -10.30
CA MET A 3 -10.49 -25.25 -9.24
C MET A 3 -11.56 -24.28 -9.73
N SER A 4 -12.32 -23.73 -8.80
CA SER A 4 -13.38 -22.78 -9.14
C SER A 4 -12.80 -21.53 -9.79
N GLY A 5 -13.65 -20.80 -10.51
CA GLY A 5 -13.20 -19.59 -11.17
C GLY A 5 -13.31 -18.36 -10.29
N GLU A 6 -14.53 -18.07 -9.82
CA GLU A 6 -14.77 -16.93 -8.95
C GLU A 6 -14.28 -15.64 -9.62
N PRO A 7 -15.02 -15.17 -10.63
CA PRO A 7 -14.68 -13.95 -11.36
C PRO A 7 -14.87 -12.70 -10.51
N GLY A 8 -14.59 -11.54 -11.11
CA GLY A 8 -14.73 -10.29 -10.39
C GLY A 8 -15.93 -9.49 -10.84
N GLN A 9 -15.70 -8.25 -11.25
CA GLN A 9 -16.78 -7.38 -11.71
C GLN A 9 -17.74 -7.05 -10.57
N THR A 10 -17.20 -6.56 -9.46
CA THR A 10 -18.00 -6.21 -8.31
C THR A 10 -19.16 -5.31 -8.69
N SER A 11 -20.24 -5.38 -7.93
CA SER A 11 -21.43 -4.56 -8.20
C SER A 11 -21.98 -3.96 -6.90
N VAL A 12 -22.86 -2.98 -7.05
CA VAL A 12 -23.46 -2.32 -5.90
C VAL A 12 -24.16 -3.34 -4.99
N ALA A 13 -24.14 -3.06 -3.68
CA ALA A 13 -24.76 -3.94 -2.71
C ALA A 13 -24.66 -3.36 -1.30
N PRO A 14 -25.53 -3.84 -0.40
CA PRO A 14 -25.56 -3.39 1.00
C PRO A 14 -24.34 -3.84 1.78
N PRO A 15 -24.15 -3.26 2.98
CA PRO A 15 -23.02 -3.58 3.84
C PRO A 15 -23.12 -4.99 4.43
N PRO A 16 -22.21 -5.88 4.01
CA PRO A 16 -22.19 -7.27 4.48
C PRO A 16 -21.76 -7.38 5.94
N GLU A 17 -21.52 -8.60 6.39
CA GLU A 17 -21.09 -8.84 7.76
C GLU A 17 -19.86 -8.01 8.11
N GLU A 18 -19.48 -8.03 9.39
CA GLU A 18 -18.31 -7.28 9.84
C GLU A 18 -17.17 -8.23 10.20
N VAL A 19 -16.16 -8.28 9.36
CA VAL A 19 -15.00 -9.13 9.59
C VAL A 19 -13.71 -8.43 9.19
N GLU A 20 -12.62 -8.77 9.88
CA GLU A 20 -11.32 -8.18 9.60
C GLU A 20 -10.34 -9.23 9.07
N PRO A 21 -10.55 -9.66 7.83
CA PRO A 21 -9.70 -10.67 7.18
C PRO A 21 -8.31 -10.13 6.86
N GLY A 22 -8.27 -8.94 6.28
CA GLY A 22 -7.00 -8.34 5.92
C GLY A 22 -6.07 -8.20 7.11
N SER A 23 -6.65 -8.20 8.31
CA SER A 23 -5.87 -8.07 9.54
C SER A 23 -4.72 -9.07 9.56
N GLY A 24 -3.52 -8.58 9.88
CA GLY A 24 -2.36 -9.45 9.94
C GLY A 24 -1.22 -8.92 9.09
N VAL A 25 -1.13 -7.61 8.95
CA VAL A 25 -0.08 -6.98 8.17
C VAL A 25 0.39 -5.68 8.78
N ARG A 26 1.61 -5.27 8.47
CA ARG A 26 2.17 -4.03 9.00
C ARG A 26 2.62 -3.11 7.88
N ILE A 27 1.75 -2.19 7.49
CA ILE A 27 2.05 -1.23 6.42
C ILE A 27 2.78 -0.02 6.97
N VAL A 28 3.72 0.51 6.18
CA VAL A 28 4.49 1.68 6.57
C VAL A 28 4.89 2.51 5.36
N VAL A 29 4.12 3.55 5.09
CA VAL A 29 4.38 4.43 3.96
C VAL A 29 5.57 5.35 4.25
N GLU A 30 6.65 5.19 3.49
CA GLU A 30 7.84 6.01 3.66
C GLU A 30 7.91 7.10 2.60
N TYR A 31 7.65 8.34 3.03
CA TYR A 31 7.69 9.48 2.11
C TYR A 31 8.22 10.72 2.82
N CYS A 32 8.61 11.72 2.03
CA CYS A 32 9.13 12.96 2.57
C CYS A 32 8.02 13.79 3.23
N GLU A 33 7.98 13.77 4.54
CA GLU A 33 6.97 14.52 5.28
C GLU A 33 6.95 15.99 4.87
N PRO A 34 8.08 16.68 5.11
CA PRO A 34 8.24 18.09 4.76
C PRO A 34 8.30 18.32 3.26
N CYS A 35 7.24 17.94 2.56
CA CYS A 35 7.17 18.10 1.11
C CYS A 35 5.73 18.31 0.66
N GLY A 36 4.81 17.52 1.21
CA GLY A 36 3.42 17.63 0.85
C GLY A 36 2.78 16.29 0.53
N PHE A 37 3.62 15.25 0.45
CA PHE A 37 3.14 13.91 0.15
C PHE A 37 2.15 13.43 1.22
N GLU A 38 2.23 14.05 2.40
CA GLU A 38 1.35 13.68 3.51
C GLU A 38 -0.12 13.94 3.15
N ALA A 39 -0.33 14.84 2.18
CA ALA A 39 -1.68 15.18 1.75
C ALA A 39 -2.28 14.06 0.92
N THR A 40 -1.47 13.06 0.59
CA THR A 40 -1.92 11.93 -0.21
C THR A 40 -1.98 10.66 0.63
N TYR A 41 -1.48 10.74 1.85
CA TYR A 41 -1.48 9.59 2.76
C TYR A 41 -2.48 9.78 3.88
N LEU A 42 -2.68 11.03 4.29
CA LEU A 42 -3.62 11.35 5.35
C LEU A 42 -5.01 11.63 4.80
N GLU A 43 -5.08 11.88 3.50
CA GLU A 43 -6.35 12.16 2.85
C GLU A 43 -7.13 10.88 2.60
N LEU A 44 -6.43 9.75 2.63
CA LEU A 44 -7.06 8.45 2.41
C LEU A 44 -6.93 7.57 3.65
N ALA A 45 -6.05 7.97 4.57
CA ALA A 45 -5.84 7.22 5.80
C ALA A 45 -7.10 7.24 6.68
N SER A 46 -7.74 8.39 6.75
CA SER A 46 -8.95 8.56 7.55
C SER A 46 -10.03 7.58 7.11
N ALA A 47 -9.89 7.06 5.89
CA ALA A 47 -10.85 6.12 5.34
C ALA A 47 -10.25 4.73 5.24
N VAL A 48 -8.91 4.66 5.23
CA VAL A 48 -8.22 3.39 5.13
C VAL A 48 -8.34 2.58 6.42
N LYS A 49 -8.63 3.28 7.52
CA LYS A 49 -8.79 2.62 8.80
C LYS A 49 -10.10 1.84 8.87
N GLU A 50 -11.09 2.30 8.12
CA GLU A 50 -12.39 1.64 8.09
C GLU A 50 -12.32 0.35 7.29
N GLN A 51 -11.18 0.10 6.65
CA GLN A 51 -11.00 -1.09 5.84
C GLN A 51 -10.42 -2.22 6.69
N TYR A 52 -9.34 -1.93 7.41
CA TYR A 52 -8.70 -2.92 8.26
C TYR A 52 -8.21 -2.29 9.57
N PRO A 53 -9.14 -2.13 10.52
CA PRO A 53 -8.83 -1.54 11.83
C PRO A 53 -7.96 -2.46 12.68
N GLY A 54 -7.72 -3.68 12.20
CA GLY A 54 -6.91 -4.62 12.93
C GLY A 54 -5.44 -4.50 12.61
N ILE A 55 -5.13 -4.24 11.34
CA ILE A 55 -3.75 -4.08 10.90
C ILE A 55 -3.05 -2.96 11.66
N GLU A 56 -1.84 -2.62 11.22
CA GLU A 56 -1.07 -1.56 11.86
C GLU A 56 -0.34 -0.72 10.81
N ILE A 57 -0.94 0.41 10.45
CA ILE A 57 -0.37 1.31 9.46
C ILE A 57 0.11 2.61 10.11
N GLU A 58 1.26 3.10 9.65
CA GLU A 58 1.81 4.34 10.19
C GLU A 58 2.68 5.04 9.15
N SER A 59 3.17 6.23 9.50
CA SER A 59 4.01 7.00 8.59
C SER A 59 5.48 6.91 9.01
N ARG A 60 6.37 7.26 8.09
CA ARG A 60 7.81 7.23 8.36
C ARG A 60 8.57 8.09 7.35
N LEU A 61 9.59 8.79 7.85
CA LEU A 61 10.40 9.65 6.99
C LEU A 61 11.17 8.84 5.96
N GLY A 62 11.50 9.47 4.85
CA GLY A 62 12.24 8.78 3.80
C GLY A 62 13.54 9.49 3.46
N GLY A 63 13.46 10.79 3.19
CA GLY A 63 14.65 11.55 2.85
C GLY A 63 14.33 12.83 2.11
N THR A 64 13.81 12.68 0.89
CA THR A 64 13.45 13.83 0.07
C THR A 64 12.75 13.40 -1.21
N GLY A 65 11.48 13.81 -1.35
CA GLY A 65 10.72 13.46 -2.54
C GLY A 65 10.72 11.96 -2.80
N ALA A 66 10.33 11.19 -1.79
CA ALA A 66 10.28 9.74 -1.91
C ALA A 66 8.88 9.20 -1.62
N PHE A 67 8.70 7.90 -1.79
CA PHE A 67 7.41 7.27 -1.55
C PHE A 67 7.57 5.76 -1.37
N GLU A 68 8.71 5.35 -0.83
CA GLU A 68 9.00 3.94 -0.61
C GLU A 68 7.93 3.31 0.29
N ILE A 69 6.98 2.61 -0.33
CA ILE A 69 5.91 1.96 0.40
C ILE A 69 6.36 0.61 0.95
N GLU A 70 5.96 0.33 2.19
CA GLU A 70 6.32 -0.93 2.84
C GLU A 70 5.07 -1.66 3.34
N ILE A 71 4.65 -2.67 2.60
CA ILE A 71 3.48 -3.45 2.97
C ILE A 71 3.76 -4.35 4.16
N ASN A 72 5.04 -4.67 4.35
CA ASN A 72 5.46 -5.51 5.46
C ASN A 72 6.84 -5.13 5.96
N GLY A 73 7.15 -3.84 5.92
CA GLY A 73 8.44 -3.36 6.37
C GLY A 73 9.48 -3.35 5.26
N GLN A 74 9.09 -3.88 4.10
CA GLN A 74 10.00 -3.92 2.95
C GLN A 74 9.41 -3.17 1.76
N LEU A 75 10.28 -2.55 0.97
CA LEU A 75 9.86 -1.79 -0.20
C LEU A 75 9.21 -2.70 -1.24
N VAL A 76 7.99 -2.36 -1.64
CA VAL A 76 7.27 -3.15 -2.63
C VAL A 76 6.86 -2.29 -3.83
N PHE A 77 7.13 -0.99 -3.73
CA PHE A 77 6.79 -0.05 -4.80
C PHE A 77 7.44 1.30 -4.56
N SER A 78 8.52 1.58 -5.29
CA SER A 78 9.22 2.84 -5.16
C SER A 78 8.81 3.82 -6.25
N LYS A 79 8.11 4.88 -5.85
CA LYS A 79 7.65 5.90 -6.79
C LYS A 79 8.83 6.69 -7.35
N LEU A 80 9.97 6.61 -6.68
CA LEU A 80 11.17 7.32 -7.11
C LEU A 80 11.76 6.67 -8.37
N GLU A 81 11.70 5.35 -8.43
CA GLU A 81 12.23 4.61 -9.57
C GLU A 81 11.11 4.28 -10.56
N ASN A 82 10.01 3.75 -10.05
CA ASN A 82 8.88 3.38 -10.89
C ASN A 82 8.32 4.60 -11.62
N GLY A 83 8.37 5.75 -10.96
CA GLY A 83 7.88 6.98 -11.56
C GLY A 83 6.36 7.07 -11.51
N GLY A 84 5.78 6.62 -10.41
CA GLY A 84 4.34 6.67 -10.26
C GLY A 84 3.84 5.78 -9.14
N PHE A 85 2.83 6.26 -8.41
CA PHE A 85 2.27 5.50 -7.30
C PHE A 85 1.08 4.66 -7.76
N PRO A 86 0.81 3.58 -7.01
CA PRO A 86 -0.30 2.67 -7.32
C PRO A 86 -1.67 3.31 -7.09
N TYR A 87 -2.72 2.53 -7.31
CA TYR A 87 -4.08 3.02 -7.12
C TYR A 87 -4.57 2.76 -5.70
N GLU A 88 -5.79 3.18 -5.41
CA GLU A 88 -6.38 2.99 -4.09
C GLU A 88 -6.87 1.56 -3.91
N LYS A 89 -7.44 0.99 -4.96
CA LYS A 89 -7.95 -0.37 -4.92
C LYS A 89 -6.80 -1.38 -5.02
N ASP A 90 -5.72 -0.97 -5.67
CA ASP A 90 -4.56 -1.84 -5.84
C ASP A 90 -3.60 -1.69 -4.65
N LEU A 91 -3.90 -0.73 -3.78
CA LEU A 91 -3.06 -0.49 -2.61
C LEU A 91 -3.56 -1.27 -1.40
N ILE A 92 -4.84 -1.62 -1.43
CA ILE A 92 -5.45 -2.39 -0.34
C ILE A 92 -5.32 -3.88 -0.58
N GLU A 93 -5.10 -4.25 -1.83
CA GLU A 93 -4.96 -5.66 -2.20
C GLU A 93 -3.60 -6.20 -1.76
N ALA A 94 -2.75 -5.31 -1.27
CA ALA A 94 -1.42 -5.70 -0.81
C ALA A 94 -1.50 -6.56 0.44
N ILE A 95 -2.11 -6.02 1.49
CA ILE A 95 -2.25 -6.75 2.74
C ILE A 95 -2.98 -8.07 2.54
N ARG A 96 -3.87 -8.09 1.56
CA ARG A 96 -4.64 -9.30 1.25
C ARG A 96 -3.72 -10.40 0.72
N ARG A 97 -2.75 -10.01 -0.08
CA ARG A 97 -1.81 -10.97 -0.66
C ARG A 97 -0.64 -11.22 0.27
N ALA A 98 -0.41 -10.29 1.20
CA ALA A 98 0.68 -10.40 2.16
C ALA A 98 0.29 -11.30 3.33
N SER A 99 -0.90 -11.07 3.87
CA SER A 99 -1.39 -11.85 5.00
C SER A 99 -1.75 -13.26 4.57
N ASN A 100 -1.85 -13.46 3.26
CA ASN A 100 -2.19 -14.77 2.71
C ASN A 100 -1.03 -15.75 2.89
N GLY A 101 0.18 -15.22 2.96
CA GLY A 101 1.35 -16.07 3.12
C GLY A 101 2.06 -16.35 1.81
N GLU A 102 1.78 -15.53 0.81
CA GLU A 102 2.40 -15.69 -0.50
C GLU A 102 3.48 -14.64 -0.73
N THR A 103 4.55 -15.04 -1.41
CA THR A 103 5.66 -14.13 -1.69
C THR A 103 5.16 -12.83 -2.33
N LEU A 104 5.89 -11.75 -2.10
CA LEU A 104 5.51 -10.45 -2.65
C LEU A 104 6.65 -9.88 -3.50
N GLU A 105 6.30 -8.96 -4.39
CA GLU A 105 7.29 -8.33 -5.26
C GLU A 105 8.38 -7.64 -4.44
N LYS A 106 9.61 -8.16 -4.55
CA LYS A 106 10.73 -7.60 -3.82
C LYS A 106 12.06 -7.99 -4.48
N ILE A 107 12.93 -7.01 -4.68
CA ILE A 107 14.23 -7.25 -5.29
C ILE A 107 15.36 -6.80 -4.38
N THR A 108 16.31 -7.70 -4.14
CA THR A 108 17.45 -7.39 -3.29
C THR A 108 18.65 -6.93 -4.11
N ASN A 109 18.37 -6.41 -5.30
CA ASN A 109 19.43 -5.94 -6.18
C ASN A 109 19.15 -4.52 -6.65
N SER A 110 18.55 -3.71 -5.78
CA SER A 110 18.22 -2.33 -6.11
C SER A 110 19.48 -1.47 -6.15
N ARG A 111 19.28 -0.17 -6.35
CA ARG A 111 20.41 0.76 -6.42
C ARG A 111 20.12 2.02 -5.61
N PRO A 112 21.18 2.71 -5.18
CA PRO A 112 21.06 3.94 -4.39
C PRO A 112 20.52 5.11 -5.22
N PRO A 113 20.13 6.19 -4.53
CA PRO A 113 19.59 7.40 -5.18
C PRO A 113 20.65 8.15 -5.97
N CYS A 114 20.38 8.36 -7.25
CA CYS A 114 21.32 9.07 -8.12
C CYS A 114 20.58 10.04 -9.04
N VAL A 115 20.65 11.32 -8.71
CA VAL A 115 19.99 12.35 -9.51
C VAL A 115 21.01 13.27 -10.19
N ILE A 116 20.72 13.64 -11.43
CA ILE A 116 21.61 14.51 -12.19
C ILE A 116 20.82 15.50 -13.03
N LEU A 117 21.08 16.79 -12.81
CA LEU A 117 20.39 17.85 -13.55
C LEU A 117 21.31 18.46 -14.61
#